data_7AD9
#
_entry.id   7AD9
#
_cell.length_a   1.00
_cell.length_b   1.00
_cell.length_c   1.00
_cell.angle_alpha   90.00
_cell.angle_beta   90.00
_cell.angle_gamma   90.00
#
_symmetry.space_group_name_H-M   'P 1'
#
loop_
_entity.id
_entity.type
_entity.pdbx_description
1 polymer Lifeact
2 polymer 'Actin, alpha skeletal muscle'
3 polymer Phalloidin
4 non-polymer "ADENOSINE-5'-DIPHOSPHATE"
5 non-polymer 'MAGNESIUM ION'
6 non-polymer 'PHOSPHATE ION'
#
loop_
_entity_poly.entity_id
_entity_poly.type
_entity_poly.pdbx_seq_one_letter_code
_entity_poly.pdbx_strand_id
1 'polypeptide(L)' MGVADLIKKFESISKEE A,C,L,E,G
2 'polypeptide(L)'
;MCDEDETTALVCDNGSGLVKAGFAGDDAPRAVFPSIVGRPRHQGVMVGMGQKDSYVGDEAQSKRGILTLKYPIE(HIC)G
IITNWDDMEKIWHHTFYNELRVAPEEHPTLLTEAPLNPKANREKMTQIMFETFNVPAMYVAIQAVLSLYASGRTTGIVLD
SGDGVTHNVPIYEGYALPHAIMRLDLAGRDLTDYLMKILTERGYSFVTTAEREIVRDIKEKLCYVALDFENEMATAASSS
SLEKSYELPDGQVITIGNERFRCPETLFQPSFIGMESAGIHETTYNSIMKCDIDIRKDLYANNVMSGGTTMYPGIADRMQ
KEITALAPSTMKIKIIAPPERKYSVWIGGSILASLSTFQQMWITKQEYDEAGPSIVHRKCF
;
B,D,H,F,I
3 'polypeptide(L)' (HYP)AW(EEP)A(DTH)C O,P,Q,R,S
#
# COMPACT_ATOMS: atom_id res chain seq x y z
N MET A 1 8.64 -54.17 -43.97
CA MET A 1 8.96 -53.92 -45.36
C MET A 1 7.75 -53.30 -46.04
N GLY A 2 6.77 -52.94 -45.24
CA GLY A 2 5.53 -52.34 -45.73
C GLY A 2 4.39 -53.32 -45.64
N VAL A 3 3.22 -52.81 -45.28
CA VAL A 3 2.06 -53.67 -45.06
C VAL A 3 1.58 -54.33 -46.33
N ALA A 4 1.60 -53.65 -47.47
CA ALA A 4 1.11 -54.33 -48.66
C ALA A 4 1.91 -55.60 -48.95
N ASP A 5 3.21 -55.54 -48.70
CA ASP A 5 4.08 -56.65 -48.97
C ASP A 5 4.01 -57.69 -47.87
N LEU A 6 3.86 -57.25 -46.63
CA LEU A 6 3.74 -58.19 -45.54
C LEU A 6 2.43 -58.95 -45.66
N ILE A 7 1.38 -58.29 -46.12
CA ILE A 7 0.14 -59.02 -46.36
C ILE A 7 0.37 -60.05 -47.41
N LYS A 8 0.98 -59.68 -48.53
CA LYS A 8 1.19 -60.70 -49.55
C LYS A 8 1.98 -61.87 -49.00
N LYS A 9 3.00 -61.59 -48.18
CA LYS A 9 3.78 -62.69 -47.63
C LYS A 9 2.91 -63.60 -46.78
N PHE A 10 2.10 -63.02 -45.90
CA PHE A 10 1.29 -63.87 -45.03
C PHE A 10 0.16 -64.55 -45.78
N GLU A 11 -0.41 -63.92 -46.79
CA GLU A 11 -1.47 -64.62 -47.48
C GLU A 11 -0.87 -65.83 -48.18
N SER A 12 0.35 -65.66 -48.69
CA SER A 12 0.99 -66.75 -49.39
C SER A 12 1.27 -67.89 -48.42
N ILE A 13 1.74 -67.55 -47.21
CA ILE A 13 2.04 -68.57 -46.20
C ILE A 13 0.78 -69.31 -45.82
N SER A 14 -0.33 -68.59 -45.64
CA SER A 14 -1.57 -69.23 -45.23
C SER A 14 -2.04 -70.22 -46.28
N LYS A 15 -1.99 -69.79 -47.55
CA LYS A 15 -2.43 -70.66 -48.64
C LYS A 15 -1.55 -71.87 -48.83
N GLU A 16 -0.23 -71.69 -48.69
CA GLU A 16 0.71 -72.77 -48.87
C GLU A 16 0.54 -73.77 -47.73
N THR B 7 -15.22 -50.15 -47.28
CA THR B 7 -15.65 -51.10 -46.26
C THR B 7 -14.46 -51.62 -45.50
N THR B 8 -13.38 -50.88 -45.62
CA THR B 8 -12.14 -51.18 -44.94
C THR B 8 -12.28 -51.18 -43.44
N ALA B 9 -11.79 -52.24 -42.81
CA ALA B 9 -11.90 -52.33 -41.37
C ALA B 9 -11.14 -51.22 -40.70
N LEU B 10 -11.67 -50.78 -39.57
CA LEU B 10 -10.95 -49.82 -38.77
C LEU B 10 -10.05 -50.59 -37.85
N VAL B 11 -8.90 -50.01 -37.59
CA VAL B 11 -7.92 -50.61 -36.70
C VAL B 11 -7.63 -49.61 -35.59
N CYS B 12 -7.75 -50.03 -34.34
CA CYS B 12 -7.48 -49.08 -33.25
C CYS B 12 -6.81 -49.65 -32.02
N ASP B 13 -5.54 -49.33 -31.88
CA ASP B 13 -4.70 -49.80 -30.78
C ASP B 13 -4.85 -48.85 -29.61
N ASN B 14 -5.86 -49.11 -28.79
CA ASN B 14 -6.17 -48.25 -27.66
C ASN B 14 -5.26 -48.57 -26.49
N GLY B 15 -4.04 -48.16 -26.64
CA GLY B 15 -3.07 -48.42 -25.60
C GLY B 15 -3.24 -47.43 -24.47
N SER B 16 -2.41 -47.64 -23.45
CA SER B 16 -2.44 -46.83 -22.26
C SER B 16 -1.78 -45.49 -22.46
N GLY B 17 -0.85 -45.40 -23.41
CA GLY B 17 -0.13 -44.18 -23.65
C GLY B 17 -0.77 -43.41 -24.78
N LEU B 18 -0.66 -43.97 -25.98
CA LEU B 18 -1.17 -43.34 -27.17
C LEU B 18 -2.27 -44.17 -27.81
N VAL B 19 -3.13 -43.52 -28.55
CA VAL B 19 -4.14 -44.24 -29.29
C VAL B 19 -3.74 -44.23 -30.73
N LYS B 20 -3.45 -45.39 -31.28
CA LYS B 20 -3.07 -45.41 -32.68
C LYS B 20 -4.21 -45.98 -33.50
N ALA B 21 -4.75 -45.16 -34.38
CA ALA B 21 -5.93 -45.62 -35.10
C ALA B 21 -5.94 -45.16 -36.54
N GLY B 22 -6.59 -45.97 -37.36
CA GLY B 22 -6.73 -45.70 -38.75
C GLY B 22 -7.43 -46.83 -39.46
N PHE B 23 -7.07 -47.03 -40.71
CA PHE B 23 -7.73 -48.02 -41.53
C PHE B 23 -6.81 -49.17 -41.86
N ALA B 24 -7.43 -50.33 -41.99
CA ALA B 24 -6.74 -51.55 -42.38
C ALA B 24 -6.19 -51.41 -43.77
N GLY B 25 -5.14 -52.16 -44.05
CA GLY B 25 -4.54 -52.11 -45.36
C GLY B 25 -3.67 -50.90 -45.62
N ASP B 26 -3.06 -50.31 -44.58
CA ASP B 26 -2.25 -49.11 -44.81
C ASP B 26 -1.01 -49.16 -43.90
N ASP B 27 -0.12 -48.18 -44.03
CA ASP B 27 1.17 -48.26 -43.32
C ASP B 27 1.30 -47.39 -42.08
N ALA B 28 0.26 -46.68 -41.69
CA ALA B 28 0.42 -45.84 -40.52
C ALA B 28 -0.95 -45.51 -39.97
N PRO B 29 -1.04 -45.30 -38.68
CA PRO B 29 -2.24 -44.77 -38.08
C PRO B 29 -2.39 -43.35 -38.54
N ARG B 30 -3.62 -42.87 -38.58
CA ARG B 30 -3.87 -41.50 -38.92
C ARG B 30 -4.04 -40.68 -37.67
N ALA B 31 -4.50 -41.32 -36.62
CA ALA B 31 -4.71 -40.70 -35.33
C ALA B 31 -3.65 -41.25 -34.38
N VAL B 32 -2.85 -40.36 -33.79
CA VAL B 32 -1.79 -40.82 -32.89
C VAL B 32 -1.75 -39.95 -31.63
N PHE B 33 -2.90 -39.55 -31.17
CA PHE B 33 -3.00 -38.64 -30.04
C PHE B 33 -2.91 -39.48 -28.77
N PRO B 34 -2.56 -38.87 -27.65
CA PRO B 34 -2.45 -39.56 -26.36
C PRO B 34 -3.78 -39.91 -25.70
N SER B 35 -3.76 -40.99 -24.92
CA SER B 35 -4.94 -41.51 -24.22
C SER B 35 -5.15 -40.67 -22.95
N ILE B 36 -5.37 -39.37 -23.14
CA ILE B 36 -5.48 -38.47 -22.01
C ILE B 36 -6.76 -37.67 -22.04
N VAL B 37 -7.43 -37.64 -20.90
CA VAL B 37 -8.60 -36.81 -20.78
C VAL B 37 -8.30 -35.87 -19.62
N GLY B 38 -8.39 -34.59 -19.87
CA GLY B 38 -8.11 -33.65 -18.81
C GLY B 38 -9.33 -32.83 -18.48
N ARG B 39 -9.36 -32.33 -17.27
CA ARG B 39 -10.44 -31.46 -16.83
C ARG B 39 -9.86 -30.29 -16.07
N PRO B 40 -10.48 -29.12 -16.18
CA PRO B 40 -10.03 -27.91 -15.48
C PRO B 40 -9.94 -28.15 -14.01
N ARG B 41 -8.88 -27.63 -13.42
CA ARG B 41 -8.69 -27.73 -11.99
C ARG B 41 -8.77 -26.38 -11.34
N HIS B 42 -9.27 -25.40 -12.09
CA HIS B 42 -9.36 -24.03 -11.60
C HIS B 42 -10.71 -23.42 -11.97
N GLN B 43 -11.12 -22.44 -11.16
CA GLN B 43 -12.31 -21.64 -11.46
C GLN B 43 -12.30 -20.97 -12.81
N GLY B 44 -13.34 -21.19 -13.61
CA GLY B 44 -13.44 -20.43 -14.85
C GLY B 44 -14.01 -19.06 -14.54
N VAL B 45 -13.46 -18.02 -15.17
CA VAL B 45 -14.00 -16.69 -14.98
C VAL B 45 -14.50 -16.06 -16.28
N MET B 46 -13.82 -16.30 -17.38
CA MET B 46 -14.24 -15.62 -18.60
C MET B 46 -15.31 -16.46 -19.25
N VAL B 47 -16.52 -16.33 -18.72
CA VAL B 47 -17.64 -17.15 -19.16
C VAL B 47 -17.89 -16.92 -20.63
N GLY B 48 -17.60 -15.70 -21.10
CA GLY B 48 -17.81 -15.28 -22.46
C GLY B 48 -17.00 -16.04 -23.48
N MET B 49 -16.05 -16.90 -23.06
CA MET B 49 -15.33 -17.60 -24.12
C MET B 49 -15.84 -19.03 -24.36
N GLY B 50 -16.91 -19.49 -23.72
CA GLY B 50 -17.36 -20.84 -24.08
C GLY B 50 -16.46 -21.95 -23.58
N GLN B 51 -16.00 -21.84 -22.34
CA GLN B 51 -15.08 -22.78 -21.73
C GLN B 51 -15.64 -24.19 -21.65
N LYS B 52 -14.76 -25.18 -21.83
CA LYS B 52 -15.15 -26.58 -21.79
C LYS B 52 -14.96 -27.20 -20.41
N ASP B 53 -15.67 -28.31 -20.22
CA ASP B 53 -15.56 -29.16 -19.04
C ASP B 53 -14.44 -30.16 -19.13
N SER B 54 -14.09 -30.57 -20.33
CA SER B 54 -13.05 -31.56 -20.51
C SER B 54 -12.36 -31.35 -21.85
N TYR B 55 -11.14 -31.84 -21.92
CA TYR B 55 -10.33 -31.74 -23.12
C TYR B 55 -9.73 -33.11 -23.46
N VAL B 56 -9.54 -33.40 -24.75
CA VAL B 56 -9.05 -34.74 -25.10
C VAL B 56 -7.82 -34.80 -26.00
N GLY B 57 -6.86 -35.62 -25.57
CA GLY B 57 -5.67 -35.92 -26.35
C GLY B 57 -4.81 -34.72 -26.54
N ASP B 58 -4.49 -34.42 -27.79
CA ASP B 58 -3.64 -33.28 -28.09
C ASP B 58 -4.26 -32.00 -27.58
N GLU B 59 -5.59 -31.95 -27.62
CA GLU B 59 -6.27 -30.79 -27.08
C GLU B 59 -5.93 -30.60 -25.63
N ALA B 60 -5.92 -31.71 -24.90
CA ALA B 60 -5.66 -31.67 -23.47
C ALA B 60 -4.21 -31.34 -23.20
N GLN B 61 -3.29 -31.90 -23.98
CA GLN B 61 -1.91 -31.63 -23.63
C GLN B 61 -1.58 -30.19 -23.92
N SER B 62 -2.23 -29.63 -24.94
CA SER B 62 -1.99 -28.24 -25.30
C SER B 62 -2.44 -27.26 -24.23
N LYS B 63 -3.23 -27.72 -23.27
CA LYS B 63 -3.74 -26.90 -22.18
C LYS B 63 -3.37 -27.51 -20.85
N ARG B 64 -2.37 -28.40 -20.84
CA ARG B 64 -2.07 -29.21 -19.66
C ARG B 64 -1.82 -28.42 -18.39
N GLY B 65 -1.25 -27.22 -18.47
CA GLY B 65 -0.97 -26.51 -17.24
C GLY B 65 -2.20 -26.14 -16.42
N ILE B 66 -3.40 -26.30 -16.95
CA ILE B 66 -4.59 -26.02 -16.15
C ILE B 66 -5.48 -27.23 -15.98
N LEU B 67 -5.01 -28.41 -16.37
CA LEU B 67 -5.85 -29.60 -16.31
C LEU B 67 -5.24 -30.69 -15.46
N THR B 68 -6.09 -31.43 -14.74
CA THR B 68 -5.56 -32.62 -14.06
C THR B 68 -5.59 -33.75 -15.06
N LEU B 69 -4.60 -33.76 -15.93
CA LEU B 69 -4.56 -34.78 -16.97
C LEU B 69 -4.51 -36.16 -16.35
N LYS B 70 -5.39 -37.05 -16.81
CA LYS B 70 -5.39 -38.43 -16.36
C LYS B 70 -5.52 -39.39 -17.52
N TYR B 71 -4.97 -40.57 -17.33
CA TYR B 71 -5.14 -41.60 -18.31
C TYR B 71 -6.27 -42.52 -17.88
N PRO B 72 -7.15 -42.91 -18.82
CA PRO B 72 -8.23 -43.86 -18.55
C PRO B 72 -7.73 -45.27 -18.39
N ILE B 73 -6.55 -45.58 -18.91
CA ILE B 73 -5.98 -46.92 -18.90
C ILE B 73 -4.69 -46.94 -18.11
N GLU B 74 -4.60 -47.85 -17.16
CA GLU B 74 -3.39 -47.99 -16.38
C GLU B 74 -2.96 -49.44 -16.33
N GLY B 76 -2.46 -51.31 -18.71
CA GLY B 76 -3.16 -52.05 -19.73
C GLY B 76 -4.62 -52.29 -19.45
N ILE B 77 -5.11 -51.87 -18.30
CA ILE B 77 -6.50 -52.12 -17.91
C ILE B 77 -7.29 -50.83 -18.00
N ILE B 78 -8.49 -50.89 -18.55
CA ILE B 78 -9.30 -49.68 -18.61
C ILE B 78 -9.96 -49.53 -17.27
N THR B 79 -9.74 -48.41 -16.62
CA THR B 79 -10.36 -48.20 -15.32
C THR B 79 -11.43 -47.14 -15.39
N ASN B 80 -11.35 -46.24 -16.34
CA ASN B 80 -12.35 -45.20 -16.43
C ASN B 80 -13.05 -45.28 -17.78
N TRP B 81 -14.23 -45.87 -17.73
CA TRP B 81 -14.96 -46.14 -18.95
C TRP B 81 -15.61 -44.91 -19.54
N ASP B 82 -15.94 -43.91 -18.73
CA ASP B 82 -16.52 -42.71 -19.31
C ASP B 82 -15.48 -41.98 -20.10
N ASP B 83 -14.27 -41.94 -19.55
CA ASP B 83 -13.21 -41.30 -20.26
C ASP B 83 -12.84 -42.09 -21.48
N MET B 84 -12.95 -43.42 -21.39
CA MET B 84 -12.61 -44.20 -22.56
C MET B 84 -13.62 -43.99 -23.66
N GLU B 85 -14.90 -43.82 -23.34
CA GLU B 85 -15.81 -43.56 -24.44
C GLU B 85 -15.49 -42.23 -25.07
N LYS B 86 -15.04 -41.25 -24.28
CA LYS B 86 -14.68 -39.98 -24.90
C LYS B 86 -13.53 -40.18 -25.88
N ILE B 87 -12.54 -41.00 -25.48
CA ILE B 87 -11.42 -41.24 -26.38
C ILE B 87 -11.90 -41.84 -27.68
N TRP B 88 -12.75 -42.85 -27.57
CA TRP B 88 -13.25 -43.50 -28.76
C TRP B 88 -14.08 -42.55 -29.59
N HIS B 89 -14.95 -41.80 -28.95
CA HIS B 89 -15.79 -40.89 -29.68
C HIS B 89 -14.96 -39.97 -30.52
N HIS B 90 -13.95 -39.37 -29.92
CA HIS B 90 -13.16 -38.46 -30.71
C HIS B 90 -12.41 -39.21 -31.78
N THR B 91 -11.89 -40.38 -31.46
CA THR B 91 -11.14 -41.12 -32.47
C THR B 91 -11.98 -41.33 -33.71
N PHE B 92 -13.23 -41.76 -33.51
CA PHE B 92 -14.06 -42.09 -34.65
C PHE B 92 -14.54 -40.86 -35.38
N TYR B 93 -15.00 -39.85 -34.67
CA TYR B 93 -15.65 -38.78 -35.38
C TYR B 93 -14.78 -37.56 -35.65
N ASN B 94 -13.83 -37.26 -34.79
CA ASN B 94 -13.04 -36.05 -34.97
C ASN B 94 -11.65 -36.32 -35.50
N GLU B 95 -11.08 -37.48 -35.20
CA GLU B 95 -9.72 -37.77 -35.63
C GLU B 95 -9.74 -38.49 -36.98
N LEU B 96 -10.53 -39.57 -37.09
CA LEU B 96 -10.58 -40.32 -38.33
C LEU B 96 -11.71 -39.89 -39.24
N ARG B 97 -12.68 -39.14 -38.72
CA ARG B 97 -13.80 -38.65 -39.49
C ARG B 97 -14.58 -39.78 -40.18
N VAL B 98 -14.91 -40.83 -39.44
CA VAL B 98 -15.56 -42.01 -40.02
C VAL B 98 -16.76 -42.48 -39.20
N ALA B 99 -17.83 -42.87 -39.89
CA ALA B 99 -18.99 -43.42 -39.19
C ALA B 99 -18.73 -44.88 -38.80
N PRO B 100 -18.68 -45.20 -37.50
CA PRO B 100 -18.41 -46.56 -37.04
C PRO B 100 -19.34 -47.61 -37.61
N GLU B 101 -20.57 -47.24 -37.91
CA GLU B 101 -21.54 -48.18 -38.45
C GLU B 101 -21.15 -48.75 -39.79
N GLU B 102 -20.25 -48.08 -40.49
CA GLU B 102 -19.91 -48.48 -41.83
C GLU B 102 -18.70 -49.41 -41.90
N HIS B 103 -18.02 -49.65 -40.77
CA HIS B 103 -16.80 -50.45 -40.82
C HIS B 103 -16.67 -51.39 -39.62
N PRO B 104 -16.20 -52.62 -39.82
CA PRO B 104 -15.89 -53.54 -38.71
C PRO B 104 -14.66 -53.03 -38.01
N THR B 105 -14.46 -53.36 -36.72
CA THR B 105 -13.31 -52.77 -36.02
C THR B 105 -12.44 -53.78 -35.27
N LEU B 106 -11.13 -53.68 -35.49
CA LEU B 106 -10.14 -54.50 -34.82
C LEU B 106 -9.49 -53.74 -33.66
N LEU B 107 -9.69 -54.25 -32.45
CA LEU B 107 -9.12 -53.63 -31.27
C LEU B 107 -8.08 -54.55 -30.66
N THR B 108 -7.24 -53.99 -29.79
CA THR B 108 -6.17 -54.73 -29.17
C THR B 108 -6.22 -54.69 -27.65
N GLU B 109 -5.53 -55.65 -27.05
CA GLU B 109 -5.38 -55.74 -25.60
C GLU B 109 -4.16 -56.55 -25.20
N ALA B 110 -3.68 -56.30 -23.99
CA ALA B 110 -2.57 -57.06 -23.42
C ALA B 110 -3.02 -58.50 -23.13
N PRO B 111 -2.09 -59.44 -23.17
CA PRO B 111 -2.36 -60.82 -22.75
C PRO B 111 -2.47 -60.80 -21.26
N LEU B 112 -3.15 -61.78 -20.71
CA LEU B 112 -3.24 -61.94 -19.27
C LEU B 112 -3.82 -60.71 -18.61
N ASN B 113 -4.82 -60.12 -19.22
CA ASN B 113 -5.47 -58.96 -18.65
C ASN B 113 -6.72 -59.53 -17.99
N PRO B 114 -7.54 -58.74 -17.29
CA PRO B 114 -8.82 -59.23 -16.75
C PRO B 114 -9.75 -59.56 -17.89
N LYS B 115 -10.57 -60.60 -17.75
CA LYS B 115 -11.49 -60.88 -18.85
C LYS B 115 -12.47 -59.76 -19.04
N ALA B 116 -12.89 -59.16 -17.94
CA ALA B 116 -13.89 -58.12 -17.99
C ALA B 116 -13.48 -56.96 -18.88
N ASN B 117 -12.19 -56.74 -19.03
CA ASN B 117 -11.75 -55.61 -19.83
C ASN B 117 -12.18 -55.81 -21.28
N ARG B 118 -12.09 -57.06 -21.74
CA ARG B 118 -12.46 -57.42 -23.11
C ARG B 118 -13.95 -57.40 -23.27
N GLU B 119 -14.63 -57.90 -22.25
CA GLU B 119 -16.08 -57.99 -22.33
C GLU B 119 -16.73 -56.62 -22.35
N LYS B 120 -16.25 -55.72 -21.50
CA LYS B 120 -16.80 -54.38 -21.46
C LYS B 120 -16.49 -53.61 -22.73
N MET B 121 -15.25 -53.74 -23.22
CA MET B 121 -14.91 -53.06 -24.46
C MET B 121 -15.81 -53.52 -25.58
N THR B 122 -16.09 -54.82 -25.62
CA THR B 122 -16.96 -55.35 -26.64
C THR B 122 -18.35 -54.78 -26.53
N GLN B 123 -18.90 -54.76 -25.31
CA GLN B 123 -20.24 -54.22 -25.15
C GLN B 123 -20.33 -52.82 -25.70
N ILE B 124 -19.35 -52.00 -25.41
CA ILE B 124 -19.39 -50.62 -25.88
C ILE B 124 -19.35 -50.55 -27.39
N MET B 125 -18.46 -51.30 -28.01
CA MET B 125 -18.40 -51.19 -29.45
C MET B 125 -19.69 -51.62 -30.11
N PHE B 126 -20.34 -52.65 -29.57
CA PHE B 126 -21.57 -53.08 -30.22
C PHE B 126 -22.78 -52.21 -29.85
N GLU B 127 -22.86 -51.71 -28.63
CA GLU B 127 -24.03 -50.99 -28.19
C GLU B 127 -23.94 -49.47 -28.28
N THR B 128 -22.75 -48.89 -28.15
CA THR B 128 -22.61 -47.44 -28.23
C THR B 128 -22.17 -46.98 -29.60
N PHE B 129 -21.29 -47.72 -30.23
CA PHE B 129 -20.82 -47.30 -31.54
C PHE B 129 -21.45 -48.08 -32.66
N ASN B 130 -22.27 -49.05 -32.35
CA ASN B 130 -22.99 -49.81 -33.36
C ASN B 130 -22.06 -50.42 -34.39
N VAL B 131 -20.90 -50.89 -33.96
CA VAL B 131 -20.00 -51.45 -34.98
C VAL B 131 -20.67 -52.71 -35.52
N PRO B 132 -20.67 -52.96 -36.83
CA PRO B 132 -21.26 -54.19 -37.38
C PRO B 132 -20.51 -55.46 -37.01
N ALA B 133 -19.24 -55.36 -36.68
CA ALA B 133 -18.46 -56.53 -36.31
C ALA B 133 -17.22 -56.14 -35.52
N MET B 134 -16.70 -57.08 -34.75
CA MET B 134 -15.55 -56.77 -33.93
C MET B 134 -14.61 -57.94 -33.71
N TYR B 135 -13.33 -57.64 -33.55
CA TYR B 135 -12.38 -58.67 -33.16
C TYR B 135 -11.34 -58.07 -32.25
N VAL B 136 -10.90 -58.82 -31.25
CA VAL B 136 -9.84 -58.32 -30.37
C VAL B 136 -8.59 -59.17 -30.46
N ALA B 137 -7.47 -58.51 -30.72
CA ALA B 137 -6.18 -59.15 -30.91
C ALA B 137 -5.20 -58.83 -29.78
N ILE B 138 -4.22 -59.72 -29.64
CA ILE B 138 -3.12 -59.53 -28.70
C ILE B 138 -1.95 -58.90 -29.44
N GLN B 139 -1.42 -57.80 -28.90
CA GLN B 139 -0.36 -57.06 -29.60
C GLN B 139 0.84 -57.92 -29.88
N ALA B 140 1.17 -58.82 -28.99
CA ALA B 140 2.35 -59.62 -29.23
C ALA B 140 2.21 -60.43 -30.51
N VAL B 141 0.99 -60.81 -30.87
CA VAL B 141 0.78 -61.58 -32.08
C VAL B 141 0.88 -60.66 -33.26
N LEU B 142 0.27 -59.49 -33.13
CA LEU B 142 0.27 -58.54 -34.22
C LEU B 142 1.68 -58.12 -34.57
N SER B 143 2.54 -58.08 -33.56
CA SER B 143 3.92 -57.67 -33.77
C SER B 143 4.68 -58.68 -34.64
N LEU B 144 4.25 -59.94 -34.69
CA LEU B 144 4.97 -60.81 -35.60
C LEU B 144 4.41 -60.68 -37.00
N TYR B 145 3.10 -60.47 -37.11
CA TYR B 145 2.60 -60.27 -38.47
C TYR B 145 3.34 -59.11 -39.12
N ALA B 146 3.54 -58.06 -38.33
CA ALA B 146 4.22 -56.86 -38.77
C ALA B 146 5.70 -57.07 -39.04
N SER B 147 6.26 -58.17 -38.54
CA SER B 147 7.67 -58.45 -38.72
C SER B 147 7.87 -59.44 -39.88
N GLY B 148 6.77 -59.86 -40.50
CA GLY B 148 6.82 -60.79 -41.61
C GLY B 148 7.13 -62.22 -41.21
N ARG B 149 6.82 -62.63 -39.99
CA ARG B 149 7.22 -63.99 -39.62
C ARG B 149 6.21 -64.65 -38.69
N THR B 150 6.31 -65.97 -38.59
CA THR B 150 5.43 -66.77 -37.76
C THR B 150 6.13 -67.35 -36.53
N THR B 151 7.38 -66.99 -36.32
CA THR B 151 8.11 -67.57 -35.20
C THR B 151 8.92 -66.49 -34.48
N GLY B 152 8.92 -66.56 -33.15
CA GLY B 152 9.73 -65.68 -32.34
C GLY B 152 9.05 -65.25 -31.06
N ILE B 153 9.76 -64.48 -30.25
CA ILE B 153 9.21 -63.92 -29.03
C ILE B 153 9.07 -62.47 -29.18
N VAL B 154 7.89 -62.00 -28.95
CA VAL B 154 7.73 -60.57 -28.98
C VAL B 154 7.80 -60.01 -27.59
N LEU B 155 8.73 -59.08 -27.42
CA LEU B 155 8.86 -58.30 -26.21
C LEU B 155 8.25 -56.96 -26.49
N ASP B 156 7.03 -56.77 -26.03
CA ASP B 156 6.29 -55.55 -26.29
C ASP B 156 6.32 -54.71 -25.04
N SER B 157 7.03 -53.60 -25.08
CA SER B 157 7.18 -52.83 -23.87
C SER B 157 6.73 -51.41 -24.15
N GLY B 158 5.58 -51.08 -23.61
CA GLY B 158 4.98 -49.78 -23.84
C GLY B 158 4.92 -48.97 -22.56
N ASP B 159 3.95 -48.05 -22.52
CA ASP B 159 3.69 -47.18 -21.39
C ASP B 159 2.99 -47.93 -20.28
N GLY B 160 2.12 -48.87 -20.65
CA GLY B 160 1.30 -49.63 -19.74
C GLY B 160 2.00 -50.84 -19.18
N VAL B 161 2.16 -51.90 -19.97
CA VAL B 161 2.82 -53.11 -19.48
C VAL B 161 3.88 -53.60 -20.43
N THR B 162 4.71 -54.51 -19.91
CA THR B 162 5.72 -55.18 -20.71
C THR B 162 5.42 -56.67 -20.77
N HIS B 163 5.37 -57.23 -21.97
CA HIS B 163 5.09 -58.66 -22.03
C HIS B 163 5.83 -59.42 -23.12
N ASN B 164 6.00 -60.73 -22.86
CA ASN B 164 6.71 -61.67 -23.70
C ASN B 164 5.82 -62.80 -24.13
N VAL B 165 5.59 -62.91 -25.44
CA VAL B 165 4.78 -64.03 -25.92
C VAL B 165 5.47 -64.78 -27.04
N PRO B 166 6.01 -65.96 -26.75
CA PRO B 166 6.60 -66.85 -27.74
C PRO B 166 5.55 -67.48 -28.62
N ILE B 167 5.85 -67.49 -29.92
CA ILE B 167 5.06 -68.12 -30.97
C ILE B 167 5.97 -69.01 -31.78
N TYR B 168 5.52 -70.20 -32.14
CA TYR B 168 6.33 -71.06 -32.99
C TYR B 168 5.48 -71.63 -34.11
N GLU B 169 5.85 -71.34 -35.34
CA GLU B 169 5.06 -71.79 -36.49
C GLU B 169 3.61 -71.37 -36.33
N GLY B 170 3.41 -70.18 -35.78
CA GLY B 170 2.11 -69.60 -35.57
C GLY B 170 1.37 -70.15 -34.38
N TYR B 171 1.93 -71.12 -33.68
CA TYR B 171 1.22 -71.66 -32.55
C TYR B 171 1.74 -70.93 -31.34
N ALA B 172 0.85 -70.64 -30.43
CA ALA B 172 1.33 -69.90 -29.28
C ALA B 172 1.69 -70.86 -28.18
N LEU B 173 2.54 -70.39 -27.29
CA LEU B 173 2.92 -71.17 -26.13
C LEU B 173 2.48 -70.44 -24.88
N PRO B 174 1.17 -70.41 -24.59
CA PRO B 174 0.60 -69.54 -23.54
C PRO B 174 1.14 -69.77 -22.14
N HIS B 175 1.63 -70.96 -21.85
CA HIS B 175 2.15 -71.21 -20.52
C HIS B 175 3.49 -70.52 -20.32
N ALA B 176 4.07 -70.01 -21.39
CA ALA B 176 5.34 -69.32 -21.35
C ALA B 176 5.17 -67.82 -21.45
N ILE B 177 3.96 -67.30 -21.29
CA ILE B 177 3.80 -65.85 -21.37
C ILE B 177 4.29 -65.23 -20.11
N MET B 178 5.13 -64.24 -20.26
CA MET B 178 5.60 -63.53 -19.09
C MET B 178 5.09 -62.11 -19.16
N ARG B 179 4.68 -61.59 -18.02
CA ARG B 179 4.20 -60.23 -17.99
C ARG B 179 4.73 -59.49 -16.78
N LEU B 180 5.22 -58.30 -17.02
CA LEU B 180 5.64 -57.40 -15.98
C LEU B 180 4.76 -56.18 -16.03
N ASP B 181 4.47 -55.63 -14.86
CA ASP B 181 3.74 -54.39 -14.81
C ASP B 181 4.69 -53.23 -14.62
N LEU B 182 5.87 -53.40 -15.20
CA LEU B 182 6.91 -52.40 -15.29
C LEU B 182 6.91 -51.87 -16.70
N ALA B 183 6.68 -50.57 -16.83
CA ALA B 183 6.54 -49.99 -18.15
C ALA B 183 6.98 -48.54 -18.17
N GLY B 184 6.84 -47.92 -19.34
CA GLY B 184 7.31 -46.56 -19.55
C GLY B 184 6.74 -45.57 -18.56
N ARG B 185 5.50 -45.78 -18.11
CA ARG B 185 4.94 -44.85 -17.14
C ARG B 185 5.66 -44.93 -15.81
N ASP B 186 6.22 -46.09 -15.47
CA ASP B 186 6.92 -46.24 -14.22
C ASP B 186 8.30 -45.70 -14.34
N LEU B 187 8.88 -45.86 -15.52
CA LEU B 187 10.19 -45.31 -15.74
C LEU B 187 10.11 -43.81 -15.60
N THR B 188 9.01 -43.26 -16.12
CA THR B 188 8.79 -41.83 -16.03
C THR B 188 8.64 -41.42 -14.58
N ASP B 189 7.86 -42.18 -13.80
CA ASP B 189 7.70 -41.82 -12.39
C ASP B 189 9.03 -41.91 -11.66
N TYR B 190 9.82 -42.91 -12.00
CA TYR B 190 11.13 -43.06 -11.39
C TYR B 190 12.00 -41.89 -11.74
N LEU B 191 11.97 -41.46 -13.00
CA LEU B 191 12.75 -40.32 -13.40
C LEU B 191 12.30 -39.08 -12.65
N MET B 192 10.98 -38.91 -12.46
CA MET B 192 10.55 -37.75 -11.69
C MET B 192 11.22 -37.78 -10.32
N LYS B 193 11.32 -38.96 -9.72
CA LYS B 193 11.93 -39.03 -8.39
C LYS B 193 13.44 -38.82 -8.46
N ILE B 194 14.12 -39.44 -9.44
CA ILE B 194 15.58 -39.41 -9.44
C ILE B 194 16.08 -37.98 -9.67
N LEU B 195 15.33 -37.18 -10.43
CA LEU B 195 15.76 -35.80 -10.71
C LEU B 195 15.79 -34.94 -9.46
N THR B 196 15.16 -35.42 -8.39
CA THR B 196 15.17 -34.78 -7.09
C THR B 196 16.58 -34.56 -6.61
N GLU B 197 17.45 -35.52 -6.89
CA GLU B 197 18.80 -35.49 -6.37
C GLU B 197 19.55 -34.24 -6.79
N ARG B 198 19.25 -33.69 -7.96
CA ARG B 198 19.94 -32.53 -8.49
C ARG B 198 19.15 -31.27 -8.22
N GLY B 199 18.08 -31.41 -7.44
CA GLY B 199 17.25 -30.31 -7.05
C GLY B 199 16.10 -30.00 -7.95
N TYR B 200 15.79 -30.82 -8.91
CA TYR B 200 14.68 -30.45 -9.77
C TYR B 200 13.44 -31.11 -9.23
N SER B 201 12.30 -30.44 -9.28
CA SER B 201 11.14 -31.09 -8.70
C SER B 201 9.89 -30.98 -9.55
N PHE B 202 9.53 -32.12 -10.11
CA PHE B 202 8.38 -32.24 -10.98
C PHE B 202 7.33 -33.02 -10.23
N VAL B 203 6.20 -32.40 -10.00
CA VAL B 203 5.14 -32.96 -9.18
C VAL B 203 3.84 -33.17 -9.92
N THR B 204 3.39 -32.16 -10.65
CA THR B 204 2.05 -32.20 -11.22
C THR B 204 2.01 -33.07 -12.45
N THR B 205 0.81 -33.35 -12.90
CA THR B 205 0.63 -34.17 -14.08
C THR B 205 1.16 -33.45 -15.32
N ALA B 206 1.07 -32.11 -15.36
CA ALA B 206 1.65 -31.43 -16.50
C ALA B 206 3.16 -31.63 -16.48
N GLU B 207 3.71 -31.58 -15.27
CA GLU B 207 5.14 -31.79 -15.08
C GLU B 207 5.51 -33.22 -15.41
N ARG B 208 4.62 -34.17 -15.10
CA ARG B 208 4.88 -35.54 -15.51
C ARG B 208 5.09 -35.64 -17.00
N GLU B 209 4.25 -34.94 -17.78
CA GLU B 209 4.42 -34.98 -19.22
C GLU B 209 5.71 -34.32 -19.64
N ILE B 210 6.13 -33.27 -18.93
CA ILE B 210 7.42 -32.66 -19.25
C ILE B 210 8.54 -33.66 -19.02
N VAL B 211 8.47 -34.36 -17.88
CA VAL B 211 9.52 -35.31 -17.57
C VAL B 211 9.52 -36.43 -18.58
N ARG B 212 8.35 -36.84 -19.02
CA ARG B 212 8.30 -37.83 -20.08
C ARG B 212 9.07 -37.33 -21.30
N ASP B 213 8.82 -36.10 -21.71
CA ASP B 213 9.56 -35.57 -22.87
C ASP B 213 11.05 -35.60 -22.65
N ILE B 214 11.47 -35.31 -21.43
CA ILE B 214 12.89 -35.35 -21.13
C ILE B 214 13.41 -36.75 -21.33
N LYS B 215 12.72 -37.74 -20.74
CA LYS B 215 13.14 -39.13 -20.83
C LYS B 215 13.38 -39.52 -22.28
N GLU B 216 12.44 -39.13 -23.13
CA GLU B 216 12.43 -39.51 -24.54
C GLU B 216 13.63 -38.93 -25.29
N LYS B 217 14.13 -37.77 -24.86
CA LYS B 217 15.24 -37.18 -25.58
C LYS B 217 16.61 -37.43 -24.95
N LEU B 218 16.70 -37.55 -23.64
CA LEU B 218 18.02 -37.67 -23.04
C LEU B 218 18.43 -39.07 -22.59
N CYS B 219 17.50 -39.97 -22.31
CA CYS B 219 17.91 -41.22 -21.72
C CYS B 219 18.44 -42.22 -22.74
N TYR B 220 19.35 -43.06 -22.26
CA TYR B 220 19.94 -44.11 -23.06
C TYR B 220 20.25 -45.29 -22.16
N VAL B 221 20.49 -46.42 -22.77
CA VAL B 221 20.80 -47.62 -22.00
C VAL B 221 22.30 -47.81 -21.90
N ALA B 222 22.78 -47.94 -20.69
CA ALA B 222 24.20 -48.21 -20.49
C ALA B 222 24.49 -49.61 -20.96
N LEU B 223 25.60 -49.83 -21.66
CA LEU B 223 25.85 -51.21 -22.04
C LEU B 223 26.68 -51.87 -20.96
N ASP B 224 27.08 -51.05 -20.00
CA ASP B 224 27.82 -51.45 -18.83
C ASP B 224 27.46 -50.42 -17.77
N PHE B 225 26.54 -50.80 -16.88
CA PHE B 225 26.01 -49.85 -15.93
C PHE B 225 27.09 -49.32 -15.01
N GLU B 226 27.93 -50.22 -14.49
CA GLU B 226 28.92 -49.75 -13.54
C GLU B 226 29.93 -48.84 -14.20
N ASN B 227 30.30 -49.12 -15.45
CA ASN B 227 31.25 -48.21 -16.08
C ASN B 227 30.62 -46.86 -16.34
N GLU B 228 29.34 -46.82 -16.69
CA GLU B 228 28.74 -45.52 -16.91
C GLU B 228 28.66 -44.76 -15.59
N MET B 229 28.40 -45.46 -14.49
CA MET B 229 28.35 -44.77 -13.20
C MET B 229 29.72 -44.21 -12.85
N ALA B 230 30.78 -45.01 -13.07
CA ALA B 230 32.13 -44.57 -12.76
C ALA B 230 32.52 -43.39 -13.61
N THR B 231 32.08 -43.42 -14.87
CA THR B 231 32.33 -42.33 -15.77
C THR B 231 31.60 -41.08 -15.31
N ALA B 232 30.33 -41.21 -14.99
CA ALA B 232 29.56 -40.03 -14.58
C ALA B 232 30.18 -39.40 -13.36
N ALA B 233 30.63 -40.24 -12.43
CA ALA B 233 31.19 -39.79 -11.18
C ALA B 233 32.49 -39.04 -11.37
N SER B 234 33.10 -39.17 -12.55
CA SER B 234 34.35 -38.53 -12.82
C SER B 234 34.30 -37.64 -14.07
N SER B 235 33.12 -37.36 -14.62
CA SER B 235 33.11 -36.60 -15.86
C SER B 235 31.82 -35.84 -16.18
N SER B 236 32.00 -34.67 -16.78
CA SER B 236 30.91 -33.84 -17.27
C SER B 236 30.48 -34.22 -18.68
N SER B 237 31.18 -35.17 -19.30
CA SER B 237 30.93 -35.51 -20.69
C SER B 237 29.59 -36.19 -20.91
N LEU B 238 28.99 -36.71 -19.85
CA LEU B 238 27.71 -37.35 -19.96
C LEU B 238 26.56 -36.42 -19.64
N GLU B 239 26.85 -35.18 -19.27
CA GLU B 239 25.79 -34.27 -18.87
C GLU B 239 25.17 -33.60 -20.08
N LYS B 240 23.86 -33.44 -20.03
CA LYS B 240 23.15 -32.78 -21.11
C LYS B 240 22.16 -31.76 -20.55
N SER B 241 21.96 -30.71 -21.31
CA SER B 241 20.98 -29.73 -20.90
C SER B 241 19.68 -29.94 -21.64
N TYR B 242 18.63 -29.45 -21.03
CA TYR B 242 17.31 -29.45 -21.62
C TYR B 242 16.60 -28.16 -21.27
N GLU B 243 15.86 -27.62 -22.21
CA GLU B 243 15.13 -26.40 -21.94
C GLU B 243 13.69 -26.72 -21.59
N LEU B 244 13.28 -26.32 -20.40
CA LEU B 244 11.93 -26.50 -19.93
C LEU B 244 11.05 -25.48 -20.64
N PRO B 245 9.75 -25.71 -20.71
CA PRO B 245 8.81 -24.81 -21.41
C PRO B 245 8.86 -23.35 -21.00
N ASP B 246 9.30 -23.02 -19.80
CA ASP B 246 9.36 -21.65 -19.36
C ASP B 246 10.71 -21.02 -19.58
N GLY B 247 11.58 -21.66 -20.35
CA GLY B 247 12.90 -21.15 -20.63
C GLY B 247 13.93 -21.52 -19.59
N GLN B 248 13.50 -22.21 -18.54
CA GLN B 248 14.45 -22.61 -17.53
C GLN B 248 15.26 -23.80 -17.99
N VAL B 249 16.57 -23.72 -17.83
CA VAL B 249 17.40 -24.83 -18.22
C VAL B 249 17.66 -25.76 -17.05
N ILE B 250 17.49 -27.05 -17.32
CA ILE B 250 17.69 -28.14 -16.39
C ILE B 250 18.89 -28.95 -16.90
N THR B 251 19.83 -29.28 -16.02
CA THR B 251 20.98 -30.04 -16.49
C THR B 251 20.92 -31.40 -15.83
N ILE B 252 21.02 -32.44 -16.65
CA ILE B 252 20.80 -33.82 -16.22
C ILE B 252 22.08 -34.62 -16.43
N GLY B 253 22.45 -35.41 -15.40
CA GLY B 253 23.67 -36.19 -15.38
C GLY B 253 23.42 -37.67 -15.58
N ASN B 254 23.68 -38.48 -14.56
CA ASN B 254 23.60 -39.92 -14.73
C ASN B 254 22.18 -40.45 -14.70
N GLU B 255 21.21 -39.56 -14.49
CA GLU B 255 19.82 -39.94 -14.54
C GLU B 255 19.49 -40.41 -15.94
N ARG B 256 20.32 -39.98 -16.89
CA ARG B 256 20.15 -40.36 -18.28
C ARG B 256 20.21 -41.85 -18.47
N PHE B 257 20.98 -42.56 -17.67
CA PHE B 257 21.00 -44.00 -17.84
C PHE B 257 20.49 -44.73 -16.62
N ARG B 258 20.34 -44.03 -15.49
CA ARG B 258 19.84 -44.72 -14.32
C ARG B 258 18.36 -44.94 -14.46
N CYS B 259 17.69 -44.11 -15.25
CA CYS B 259 16.26 -44.32 -15.44
C CYS B 259 15.94 -45.62 -16.17
N PRO B 260 16.37 -45.82 -17.44
CA PRO B 260 16.08 -47.06 -18.16
C PRO B 260 16.71 -48.29 -17.55
N GLU B 261 17.75 -48.11 -16.74
CA GLU B 261 18.37 -49.25 -16.05
C GLU B 261 17.34 -50.02 -15.24
N THR B 262 16.26 -49.33 -14.82
CA THR B 262 15.22 -49.96 -14.04
C THR B 262 14.71 -51.22 -14.71
N LEU B 263 14.67 -51.21 -16.04
CA LEU B 263 14.19 -52.35 -16.80
C LEU B 263 15.05 -53.56 -16.61
N PHE B 264 16.30 -53.36 -16.26
CA PHE B 264 17.19 -54.46 -16.03
C PHE B 264 17.30 -54.74 -14.56
N GLN B 265 17.06 -53.72 -13.75
CA GLN B 265 17.07 -53.82 -12.30
C GLN B 265 15.82 -53.21 -11.67
N PRO B 266 14.68 -53.91 -11.74
CA PRO B 266 13.40 -53.43 -11.22
C PRO B 266 13.41 -53.12 -9.74
N SER B 267 14.41 -53.62 -9.05
CA SER B 267 14.64 -53.34 -7.64
C SER B 267 14.78 -51.85 -7.40
N PHE B 268 15.14 -51.09 -8.43
CA PHE B 268 15.30 -49.67 -8.30
C PHE B 268 13.99 -48.99 -7.95
N ILE B 269 12.86 -49.63 -8.26
CA ILE B 269 11.58 -49.05 -7.94
C ILE B 269 10.82 -49.92 -6.95
N GLY B 270 11.54 -50.83 -6.30
CA GLY B 270 10.94 -51.71 -5.31
C GLY B 270 10.40 -53.04 -5.81
N MET B 271 10.58 -53.40 -7.07
CA MET B 271 10.06 -54.70 -7.49
C MET B 271 11.12 -55.77 -7.27
N GLU B 272 10.70 -56.95 -6.83
CA GLU B 272 11.65 -58.04 -6.67
C GLU B 272 11.79 -58.84 -7.95
N SER B 273 11.01 -58.45 -8.94
CA SER B 273 10.79 -59.17 -10.14
C SER B 273 12.05 -59.15 -10.99
N ALA B 274 12.13 -60.12 -11.88
CA ALA B 274 13.22 -60.26 -12.83
C ALA B 274 13.22 -59.10 -13.79
N GLY B 275 14.40 -58.74 -14.27
CA GLY B 275 14.48 -57.69 -15.26
C GLY B 275 14.03 -58.24 -16.59
N ILE B 276 14.03 -57.37 -17.61
CA ILE B 276 13.47 -57.81 -18.88
C ILE B 276 14.33 -58.87 -19.57
N HIS B 277 15.63 -58.88 -19.34
CA HIS B 277 16.44 -59.90 -20.01
C HIS B 277 16.28 -61.25 -19.35
N GLU B 278 16.00 -61.27 -18.06
CA GLU B 278 15.77 -62.53 -17.40
C GLU B 278 14.37 -62.99 -17.66
N THR B 279 13.46 -62.04 -17.77
CA THR B 279 12.08 -62.40 -18.05
C THR B 279 12.00 -63.03 -19.43
N THR B 280 12.69 -62.43 -20.41
CA THR B 280 12.72 -63.00 -21.74
C THR B 280 13.33 -64.38 -21.71
N TYR B 281 14.44 -64.51 -21.01
CA TYR B 281 15.12 -65.77 -20.91
C TYR B 281 14.21 -66.83 -20.31
N ASN B 282 13.52 -66.49 -19.24
CA ASN B 282 12.66 -67.45 -18.59
C ASN B 282 11.55 -67.88 -19.51
N SER B 283 11.02 -66.96 -20.29
CA SER B 283 9.99 -67.36 -21.23
C SER B 283 10.52 -68.43 -22.15
N ILE B 284 11.75 -68.25 -22.63
CA ILE B 284 12.34 -69.28 -23.48
C ILE B 284 12.49 -70.57 -22.71
N MET B 285 12.91 -70.50 -21.44
CA MET B 285 13.11 -71.73 -20.68
C MET B 285 11.81 -72.50 -20.46
N LYS B 286 10.67 -71.81 -20.43
CA LYS B 286 9.38 -72.48 -20.24
C LYS B 286 8.89 -73.18 -21.50
N CYS B 287 9.59 -73.00 -22.59
CA CYS B 287 9.23 -73.59 -23.86
C CYS B 287 9.95 -74.94 -24.01
N ASP B 288 9.38 -75.83 -24.83
CA ASP B 288 10.07 -77.09 -25.11
C ASP B 288 11.47 -76.84 -25.60
N ILE B 289 12.40 -77.68 -25.14
CA ILE B 289 13.81 -77.52 -25.51
C ILE B 289 14.00 -77.42 -27.02
N ASP B 290 13.20 -78.14 -27.78
CA ASP B 290 13.32 -78.14 -29.23
C ASP B 290 13.05 -76.80 -29.89
N ILE B 291 12.39 -75.90 -29.19
CA ILE B 291 11.97 -74.64 -29.76
C ILE B 291 12.91 -73.52 -29.37
N ARG B 292 13.81 -73.79 -28.45
CA ARG B 292 14.58 -72.69 -27.92
C ARG B 292 15.45 -72.04 -28.98
N LYS B 293 16.07 -72.85 -29.84
CA LYS B 293 16.98 -72.30 -30.84
C LYS B 293 16.32 -71.26 -31.72
N ASP B 294 15.06 -71.48 -32.07
CA ASP B 294 14.39 -70.57 -32.97
C ASP B 294 13.93 -69.34 -32.24
N LEU B 295 13.62 -69.49 -30.95
CA LEU B 295 13.20 -68.30 -30.26
C LEU B 295 14.41 -67.40 -30.03
N TYR B 296 15.56 -67.97 -29.77
CA TYR B 296 16.74 -67.15 -29.53
C TYR B 296 17.11 -66.38 -30.78
N ALA B 297 16.91 -67.01 -31.94
CA ALA B 297 17.23 -66.38 -33.20
C ALA B 297 16.18 -65.39 -33.68
N ASN B 298 15.06 -65.28 -32.97
CA ASN B 298 14.00 -64.37 -33.36
C ASN B 298 13.45 -63.62 -32.15
N ASN B 299 14.30 -62.84 -31.51
CA ASN B 299 13.90 -62.01 -30.39
C ASN B 299 13.42 -60.69 -30.99
N VAL B 300 12.12 -60.45 -30.91
CA VAL B 300 11.51 -59.33 -31.61
C VAL B 300 11.11 -58.25 -30.62
N MET B 301 11.62 -57.04 -30.81
CA MET B 301 11.26 -55.98 -29.89
C MET B 301 10.22 -55.08 -30.53
N SER B 302 9.27 -54.65 -29.74
CA SER B 302 8.27 -53.71 -30.18
C SER B 302 7.81 -52.90 -28.98
N GLY B 303 7.14 -51.80 -29.25
CA GLY B 303 6.64 -50.94 -28.20
C GLY B 303 7.54 -49.75 -27.99
N GLY B 304 6.95 -48.66 -27.51
CA GLY B 304 7.66 -47.41 -27.35
C GLY B 304 8.88 -47.43 -26.44
N THR B 305 8.92 -48.28 -25.43
CA THR B 305 10.08 -48.16 -24.55
C THR B 305 11.29 -48.86 -25.13
N THR B 306 11.11 -49.53 -26.25
CA THR B 306 12.22 -50.21 -26.90
C THR B 306 12.95 -49.25 -27.77
N MET B 307 12.57 -47.98 -27.66
CA MET B 307 13.22 -46.95 -28.41
C MET B 307 14.44 -46.37 -27.71
N TYR B 308 14.73 -46.74 -26.46
CA TYR B 308 15.91 -46.14 -25.86
C TYR B 308 17.12 -46.53 -26.68
N PRO B 309 18.00 -45.60 -26.99
CA PRO B 309 19.25 -45.94 -27.65
C PRO B 309 19.98 -46.94 -26.80
N GLY B 310 20.54 -47.96 -27.42
CA GLY B 310 21.29 -48.96 -26.71
C GLY B 310 20.47 -50.08 -26.10
N ILE B 311 19.15 -50.06 -26.21
CA ILE B 311 18.38 -51.11 -25.54
C ILE B 311 18.58 -52.45 -26.22
N ALA B 312 18.64 -52.48 -27.56
CA ALA B 312 18.79 -53.75 -28.22
C ALA B 312 20.15 -54.33 -27.94
N ASP B 313 21.14 -53.46 -27.84
CA ASP B 313 22.49 -53.92 -27.62
C ASP B 313 22.63 -54.45 -26.21
N ARG B 314 22.00 -53.78 -25.27
CA ARG B 314 22.05 -54.27 -23.91
C ARG B 314 21.36 -55.61 -23.82
N MET B 315 20.23 -55.75 -24.49
CA MET B 315 19.52 -57.02 -24.42
C MET B 315 20.39 -58.13 -24.99
N GLN B 316 21.05 -57.90 -26.11
CA GLN B 316 21.86 -59.00 -26.62
C GLN B 316 22.91 -59.38 -25.62
N LYS B 317 23.58 -58.39 -25.06
CA LYS B 317 24.63 -58.68 -24.10
C LYS B 317 24.12 -59.47 -22.91
N GLU B 318 22.94 -59.09 -22.41
CA GLU B 318 22.40 -59.77 -21.25
C GLU B 318 21.94 -61.18 -21.60
N ILE B 319 21.26 -61.38 -22.73
CA ILE B 319 20.74 -62.72 -22.99
C ILE B 319 21.89 -63.67 -23.20
N THR B 320 22.93 -63.23 -23.89
CA THR B 320 24.09 -64.08 -24.14
C THR B 320 24.83 -64.42 -22.87
N ALA B 321 24.55 -63.73 -21.77
CA ALA B 321 25.18 -64.07 -20.49
C ALA B 321 24.37 -65.07 -19.69
N LEU B 322 23.16 -65.37 -20.11
CA LEU B 322 22.27 -66.29 -19.42
C LEU B 322 22.18 -67.59 -20.18
N ALA B 323 22.08 -67.43 -21.49
CA ALA B 323 21.94 -68.50 -22.43
C ALA B 323 23.26 -69.24 -22.55
N PRO B 324 23.20 -70.50 -22.96
CA PRO B 324 24.40 -71.27 -23.22
C PRO B 324 25.10 -70.67 -24.42
N SER B 325 26.42 -70.88 -24.45
CA SER B 325 27.26 -70.43 -25.53
C SER B 325 27.02 -71.28 -26.76
N THR B 326 27.68 -70.90 -27.86
CA THR B 326 27.53 -71.65 -29.09
C THR B 326 26.10 -71.69 -29.56
N MET B 327 25.50 -70.50 -29.59
CA MET B 327 24.16 -70.36 -30.07
C MET B 327 23.97 -68.94 -30.58
N LYS B 328 23.20 -68.81 -31.65
CA LYS B 328 22.95 -67.50 -32.22
C LYS B 328 21.81 -66.80 -31.50
N ILE B 329 22.11 -65.67 -30.91
CA ILE B 329 21.12 -64.88 -30.21
C ILE B 329 20.96 -63.58 -30.96
N LYS B 330 19.78 -63.38 -31.50
CA LYS B 330 19.54 -62.30 -32.43
C LYS B 330 18.36 -61.43 -32.07
N ILE B 331 18.60 -60.13 -32.08
CA ILE B 331 17.56 -59.18 -31.78
C ILE B 331 17.17 -58.39 -33.00
N ILE B 332 15.88 -58.37 -33.22
CA ILE B 332 15.23 -57.74 -34.32
C ILE B 332 14.59 -56.48 -33.76
N ALA B 333 15.00 -55.33 -34.25
CA ALA B 333 14.50 -54.07 -33.72
C ALA B 333 14.41 -53.02 -34.81
N PRO B 334 13.41 -53.15 -35.69
CA PRO B 334 13.18 -52.22 -36.79
C PRO B 334 12.84 -50.88 -36.18
N PRO B 335 13.06 -49.78 -36.88
CA PRO B 335 12.76 -48.45 -36.33
C PRO B 335 11.28 -48.18 -36.02
N GLU B 336 10.35 -48.88 -36.65
CA GLU B 336 8.92 -48.65 -36.39
C GLU B 336 8.41 -49.41 -35.17
N ARG B 337 9.22 -49.47 -34.12
CA ARG B 337 8.80 -50.21 -32.93
C ARG B 337 7.58 -49.60 -32.32
N LYS B 338 7.40 -48.29 -32.50
CA LYS B 338 6.21 -47.62 -31.99
C LYS B 338 4.97 -47.99 -32.77
N TYR B 339 5.11 -48.45 -34.00
CA TYR B 339 3.96 -48.67 -34.85
C TYR B 339 3.72 -50.10 -35.25
N SER B 340 4.62 -51.02 -34.90
CA SER B 340 4.46 -52.37 -35.40
C SER B 340 3.14 -53.00 -34.98
N VAL B 341 2.61 -52.62 -33.84
CA VAL B 341 1.34 -53.20 -33.44
C VAL B 341 0.23 -52.74 -34.33
N TRP B 342 0.20 -51.44 -34.60
CA TRP B 342 -0.85 -50.93 -35.44
C TRP B 342 -0.74 -51.57 -36.80
N ILE B 343 0.49 -51.71 -37.27
CA ILE B 343 0.76 -52.31 -38.57
C ILE B 343 0.27 -53.73 -38.60
N GLY B 344 0.57 -54.51 -37.57
CA GLY B 344 0.06 -55.85 -37.55
C GLY B 344 -1.45 -55.84 -37.67
N GLY B 345 -2.09 -54.91 -36.98
CA GLY B 345 -3.54 -54.82 -37.10
C GLY B 345 -3.95 -54.54 -38.53
N SER B 346 -3.20 -53.66 -39.19
CA SER B 346 -3.49 -53.27 -40.55
C SER B 346 -3.41 -54.46 -41.49
N ILE B 347 -2.46 -55.37 -41.23
CA ILE B 347 -2.27 -56.58 -42.02
C ILE B 347 -3.35 -57.59 -41.73
N LEU B 348 -3.54 -57.90 -40.44
CA LEU B 348 -4.43 -58.98 -40.07
C LEU B 348 -5.83 -58.74 -40.58
N ALA B 349 -6.31 -57.52 -40.37
CA ALA B 349 -7.66 -57.17 -40.76
C ALA B 349 -7.88 -57.23 -42.25
N SER B 350 -6.81 -57.22 -43.01
CA SER B 350 -6.87 -57.27 -44.44
C SER B 350 -6.73 -58.65 -45.04
N LEU B 351 -6.46 -59.67 -44.24
CA LEU B 351 -6.27 -61.00 -44.80
C LEU B 351 -7.62 -61.66 -45.02
N SER B 352 -7.79 -62.34 -46.15
CA SER B 352 -9.05 -63.04 -46.39
C SER B 352 -9.29 -64.13 -45.36
N THR B 353 -8.20 -64.71 -44.88
CA THR B 353 -8.20 -65.77 -43.90
C THR B 353 -8.78 -65.32 -42.58
N PHE B 354 -8.78 -64.03 -42.34
CA PHE B 354 -9.23 -63.44 -41.11
C PHE B 354 -10.67 -63.01 -41.18
N GLN B 355 -11.32 -63.13 -42.31
CA GLN B 355 -12.62 -62.51 -42.34
C GLN B 355 -13.69 -63.36 -41.71
N GLN B 356 -13.34 -64.54 -41.28
CA GLN B 356 -14.23 -65.40 -40.54
C GLN B 356 -14.01 -65.29 -39.05
N MET B 357 -13.06 -64.47 -38.65
CA MET B 357 -12.72 -64.34 -37.24
C MET B 357 -13.52 -63.26 -36.57
N TRP B 358 -14.18 -62.43 -37.35
CA TRP B 358 -14.92 -61.31 -36.81
C TRP B 358 -16.13 -61.78 -36.05
N ILE B 359 -16.40 -61.15 -34.94
CA ILE B 359 -17.66 -61.37 -34.25
C ILE B 359 -18.64 -60.49 -34.95
N THR B 360 -19.66 -61.08 -35.54
CA THR B 360 -20.68 -60.26 -36.15
C THR B 360 -21.58 -59.80 -35.04
N LYS B 361 -22.06 -58.56 -35.12
CA LYS B 361 -22.94 -58.11 -34.04
C LYS B 361 -24.07 -59.11 -33.84
N GLN B 362 -24.62 -59.64 -34.93
CA GLN B 362 -25.66 -60.64 -34.82
C GLN B 362 -25.25 -61.81 -33.94
N GLU B 363 -23.99 -62.24 -34.00
CA GLU B 363 -23.56 -63.38 -33.21
C GLU B 363 -23.48 -62.96 -31.76
N TYR B 364 -22.91 -61.78 -31.51
CA TYR B 364 -22.78 -61.30 -30.15
C TYR B 364 -24.12 -61.25 -29.47
N ASP B 365 -25.10 -60.73 -30.19
CA ASP B 365 -26.44 -60.55 -29.65
C ASP B 365 -27.13 -61.87 -29.32
N GLU B 366 -26.64 -63.01 -29.80
CA GLU B 366 -27.23 -64.30 -29.47
C GLU B 366 -26.38 -65.09 -28.49
N ALA B 367 -25.05 -64.99 -28.64
CA ALA B 367 -24.10 -65.74 -27.85
C ALA B 367 -23.81 -65.08 -26.50
N GLY B 368 -23.86 -63.76 -26.46
CA GLY B 368 -23.47 -63.04 -25.29
C GLY B 368 -21.96 -62.94 -25.27
N PRO B 369 -21.43 -62.35 -24.21
CA PRO B 369 -20.00 -62.06 -24.05
C PRO B 369 -19.06 -63.24 -24.15
N SER B 370 -19.50 -64.47 -23.92
CA SER B 370 -18.52 -65.56 -24.00
C SER B 370 -17.85 -65.65 -25.37
N ILE B 371 -18.49 -65.10 -26.39
CA ILE B 371 -17.97 -65.15 -27.74
C ILE B 371 -16.68 -64.35 -27.89
N VAL B 372 -16.42 -63.39 -27.00
CA VAL B 372 -15.26 -62.54 -27.18
C VAL B 372 -14.01 -63.27 -26.81
N HIS B 373 -14.17 -64.42 -26.18
CA HIS B 373 -13.03 -65.17 -25.72
C HIS B 373 -12.65 -66.25 -26.70
N ARG B 374 -13.21 -66.24 -27.90
CA ARG B 374 -12.74 -67.19 -28.87
C ARG B 374 -11.30 -66.77 -29.10
N LYS B 375 -10.38 -67.70 -28.96
CA LYS B 375 -8.96 -67.37 -29.04
C LYS B 375 -8.57 -66.39 -27.93
N CYS B 376 -9.21 -66.51 -26.76
CA CYS B 376 -8.89 -65.63 -25.62
C CYS B 376 -7.41 -65.51 -25.39
N PHE B 377 -6.77 -66.67 -25.30
CA PHE B 377 -5.36 -66.72 -25.07
C PHE B 377 -5.06 -65.99 -23.77
N MET C 1 8.71 -42.68 26.02
CA MET C 1 8.59 -43.14 27.39
C MET C 1 9.84 -42.68 28.15
N GLY C 2 10.64 -41.85 27.52
CA GLY C 2 11.86 -41.33 28.11
C GLY C 2 13.07 -41.95 27.45
N VAL C 3 14.10 -41.14 27.25
CA VAL C 3 15.29 -41.59 26.55
C VAL C 3 16.04 -42.67 27.31
N ALA C 4 16.15 -42.58 28.62
CA ALA C 4 16.90 -43.62 29.31
C ALA C 4 16.31 -44.99 29.06
N ASP C 5 14.99 -45.05 28.99
CA ASP C 5 14.28 -46.31 28.80
C ASP C 5 14.28 -46.72 27.35
N LEU C 6 14.18 -45.75 26.45
CA LEU C 6 14.20 -46.07 25.03
C LEU C 6 15.59 -46.57 24.65
N ILE C 7 16.63 -46.02 25.26
CA ILE C 7 17.95 -46.54 25.01
C ILE C 7 18.02 -47.96 25.47
N LYS C 8 17.58 -48.24 26.69
CA LYS C 8 17.66 -49.63 27.14
C LYS C 8 16.90 -50.55 26.19
N LYS C 9 15.73 -50.13 25.71
CA LYS C 9 14.99 -50.96 24.78
C LYS C 9 15.80 -51.24 23.53
N PHE C 10 16.39 -50.20 22.94
CA PHE C 10 17.13 -50.43 21.71
C PHE C 10 18.42 -51.16 21.92
N GLU C 11 19.09 -50.96 23.04
CA GLU C 11 20.33 -51.70 23.23
C GLU C 11 19.98 -53.17 23.34
N SER C 12 18.85 -53.47 23.99
CA SER C 12 18.46 -54.85 24.17
C SER C 12 18.14 -55.46 22.82
N ILE C 13 17.44 -54.70 21.96
CA ILE C 13 17.08 -55.20 20.63
C ILE C 13 18.33 -55.47 19.82
N SER C 14 19.32 -54.56 19.88
CA SER C 14 20.52 -54.73 19.09
C SER C 14 21.27 -55.98 19.52
N LYS C 15 21.39 -56.19 20.84
CA LYS C 15 22.11 -57.35 21.35
C LYS C 15 21.39 -58.66 21.04
N GLU C 16 20.06 -58.66 21.14
CA GLU C 16 19.28 -59.85 20.88
C GLU C 16 19.37 -60.20 19.41
N THR D 7 31.77 -36.18 26.46
CA THR D 7 32.01 -36.52 25.06
C THR D 7 30.72 -36.87 24.38
N THR D 8 29.64 -36.45 25.03
CA THR D 8 28.29 -36.66 24.52
C THR D 8 28.06 -36.00 23.17
N ALA D 9 27.52 -36.75 22.25
CA ALA D 9 27.28 -36.21 20.92
C ALA D 9 26.29 -35.07 20.99
N LEU D 10 26.50 -34.11 20.11
CA LEU D 10 25.54 -33.04 19.97
C LEU D 10 24.49 -33.51 19.00
N VAL D 11 23.27 -33.08 19.23
CA VAL D 11 22.15 -33.41 18.37
C VAL D 11 21.52 -32.10 17.91
N CYS D 12 21.37 -31.93 16.60
CA CYS D 12 20.77 -30.68 16.13
C CYS D 12 19.87 -30.78 14.92
N ASP D 13 18.58 -30.65 15.18
CA ASP D 13 17.54 -30.75 14.17
C ASP D 13 17.32 -29.39 13.54
N ASN D 14 18.12 -29.10 12.53
CA ASN D 14 18.08 -27.80 11.87
C ASN D 14 16.94 -27.75 10.88
N GLY D 15 15.76 -27.66 11.41
CA GLY D 15 14.59 -27.62 10.57
C GLY D 15 14.40 -26.25 10.00
N SER D 16 13.36 -26.15 9.17
CA SER D 16 13.05 -24.92 8.49
C SER D 16 12.34 -23.92 9.40
N GLY D 17 11.68 -24.41 10.44
CA GLY D 17 10.94 -23.55 11.33
C GLY D 17 11.79 -23.23 12.54
N LEU D 18 12.02 -24.25 13.35
CA LEU D 18 12.75 -24.12 14.58
C LEU D 18 14.02 -24.93 14.56
N VAL D 19 15.00 -24.51 15.34
CA VAL D 19 16.21 -25.28 15.48
C VAL D 19 16.18 -25.95 16.81
N LYS D 20 16.13 -27.27 16.82
CA LYS D 20 16.09 -27.94 18.10
C LYS D 20 17.44 -28.59 18.35
N ALA D 21 18.12 -28.14 19.39
CA ALA D 21 19.46 -28.65 19.59
C ALA D 21 19.79 -28.85 21.05
N GLY D 22 20.68 -29.80 21.28
CA GLY D 22 21.13 -30.12 22.61
C GLY D 22 22.08 -31.29 22.58
N PHE D 23 22.05 -32.07 23.64
CA PHE D 23 22.96 -33.18 23.78
C PHE D 23 22.23 -34.50 23.72
N ALA D 24 22.96 -35.48 23.19
CA ALA D 24 22.48 -36.85 23.12
C ALA D 24 22.28 -37.41 24.51
N GLY D 25 21.38 -38.38 24.60
CA GLY D 25 21.12 -38.99 25.87
C GLY D 25 20.24 -38.18 26.81
N ASP D 26 19.37 -37.33 26.28
CA ASP D 26 18.54 -36.51 27.17
C ASP D 26 17.13 -36.38 26.59
N ASP D 27 16.22 -35.72 27.31
CA ASP D 27 14.81 -35.72 26.89
C ASP D 27 14.31 -34.44 26.23
N ALA D 28 15.17 -33.46 26.01
CA ALA D 28 14.67 -32.25 25.40
C ALA D 28 15.83 -31.49 24.81
N PRO D 29 15.59 -30.74 23.77
CA PRO D 29 16.57 -29.80 23.26
C PRO D 29 16.71 -28.70 24.27
N ARG D 30 17.88 -28.09 24.29
CA ARG D 30 18.09 -26.96 25.18
C ARG D 30 17.89 -25.67 24.41
N ALA D 31 18.13 -25.72 23.13
CA ALA D 31 17.97 -24.59 22.24
C ALA D 31 16.76 -24.86 21.37
N VAL D 32 15.77 -23.96 21.39
CA VAL D 32 14.55 -24.18 20.60
C VAL D 32 14.15 -22.88 19.91
N PHE D 33 15.12 -22.12 19.46
CA PHE D 33 14.88 -20.83 18.87
C PHE D 33 14.53 -21.05 17.40
N PRO D 34 13.87 -20.09 16.76
CA PRO D 34 13.50 -20.18 15.34
C PRO D 34 14.66 -19.98 14.37
N SER D 35 14.53 -20.61 13.20
CA SER D 35 15.53 -20.56 12.14
C SER D 35 15.37 -19.26 11.37
N ILE D 36 15.53 -18.14 12.07
CA ILE D 36 15.29 -16.84 11.48
C ILE D 36 16.47 -15.91 11.63
N VAL D 37 16.85 -15.29 10.52
CA VAL D 37 17.88 -14.29 10.58
C VAL D 37 17.24 -13.02 10.04
N GLY D 38 17.29 -11.97 10.82
CA GLY D 38 16.68 -10.75 10.38
C GLY D 38 17.72 -9.66 10.24
N ARG D 39 17.42 -8.69 9.39
CA ARG D 39 18.29 -7.55 9.21
C ARG D 39 17.45 -6.28 9.17
N PRO D 40 17.99 -5.18 9.69
CA PRO D 40 17.30 -3.89 9.70
C PRO D 40 16.86 -3.50 8.32
N ARG D 41 15.65 -2.98 8.24
CA ARG D 41 15.13 -2.50 6.98
C ARG D 41 14.95 -1.00 7.01
N HIS D 42 15.53 -0.35 8.02
CA HIS D 42 15.41 1.08 8.19
C HIS D 42 16.74 1.71 8.54
N GLN D 43 16.88 2.98 8.20
CA GLN D 43 18.04 3.79 8.59
C GLN D 43 18.31 3.81 10.08
N GLY D 44 19.53 3.47 10.48
CA GLY D 44 19.86 3.63 11.89
C GLY D 44 20.24 5.07 12.14
N VAL D 45 19.79 5.64 13.25
CA VAL D 45 20.16 7.00 13.59
C VAL D 45 20.91 7.10 14.91
N MET D 46 20.54 6.29 15.90
CA MET D 46 21.19 6.46 17.19
C MET D 46 22.45 5.63 17.18
N VAL D 47 23.49 6.18 16.55
CA VAL D 47 24.74 5.47 16.36
C VAL D 47 25.32 5.10 17.70
N GLY D 48 25.06 5.93 18.71
CA GLY D 48 25.56 5.75 20.05
C GLY D 48 25.08 4.51 20.75
N MET D 49 24.14 3.76 20.18
CA MET D 49 23.75 2.56 20.90
C MET D 49 24.41 1.28 20.38
N GLY D 50 25.33 1.34 19.42
CA GLY D 50 25.95 0.06 19.03
C GLY D 50 25.03 -0.89 18.26
N GLN D 51 24.28 -0.34 17.32
CA GLN D 51 23.31 -1.08 16.54
C GLN D 51 23.93 -2.20 15.72
N LYS D 52 23.21 -3.32 15.60
CA LYS D 52 23.68 -4.47 14.86
C LYS D 52 23.21 -4.48 13.40
N ASP D 53 23.93 -5.26 12.61
CA ASP D 53 23.60 -5.53 11.22
C ASP D 53 22.61 -6.66 11.05
N SER D 54 22.61 -7.60 11.98
CA SER D 54 21.72 -8.73 11.88
C SER D 54 21.37 -9.23 13.27
N TYR D 55 20.23 -9.92 13.35
CA TYR D 55 19.74 -10.48 14.58
C TYR D 55 19.35 -11.93 14.38
N VAL D 56 19.50 -12.78 15.40
CA VAL D 56 19.22 -14.19 15.19
C VAL D 56 18.24 -14.85 16.18
N GLY D 57 17.28 -15.57 15.62
CA GLY D 57 16.36 -16.38 16.38
C GLY D 57 15.46 -15.54 17.25
N ASP D 58 15.44 -15.85 18.54
CA ASP D 58 14.60 -15.12 19.46
C ASP D 58 14.99 -13.66 19.48
N GLU D 59 16.28 -13.39 19.30
CA GLU D 59 16.72 -12.01 19.22
C GLU D 59 16.03 -11.29 18.10
N ALA D 60 15.92 -11.97 16.97
CA ALA D 60 15.32 -11.38 15.79
C ALA D 60 13.81 -11.23 15.97
N GLN D 61 13.16 -12.22 16.57
CA GLN D 61 11.71 -12.07 16.64
C GLN D 61 11.36 -10.98 17.61
N SER D 62 12.19 -10.79 18.63
CA SER D 62 11.95 -9.75 19.61
C SER D 62 12.04 -8.34 19.03
N LYS D 63 12.61 -8.21 17.85
CA LYS D 63 12.77 -6.94 17.17
C LYS D 63 12.14 -6.99 15.80
N ARG D 64 11.24 -7.94 15.58
CA ARG D 64 10.72 -8.22 14.24
C ARG D 64 10.10 -7.03 13.53
N GLY D 65 9.48 -6.10 14.26
CA GLY D 65 8.86 -4.99 13.55
C GLY D 65 9.82 -4.09 12.77
N ILE D 66 11.12 -4.26 12.94
CA ILE D 66 12.06 -3.45 12.16
C ILE D 66 12.96 -4.31 11.29
N LEU D 67 12.70 -5.60 11.18
CA LEU D 67 13.58 -6.48 10.44
C LEU D 67 12.86 -7.20 9.32
N THR D 68 13.57 -7.41 8.20
CA THR D 68 12.98 -8.27 7.16
C THR D 68 13.34 -9.68 7.52
N LEU D 69 12.60 -10.24 8.47
CA LEU D 69 12.89 -11.60 8.92
C LEU D 69 12.79 -12.57 7.76
N LYS D 70 13.82 -13.40 7.60
CA LYS D 70 13.82 -14.43 6.58
C LYS D 70 14.30 -15.75 7.14
N TYR D 71 13.81 -16.82 6.54
CA TYR D 71 14.29 -18.12 6.89
C TYR D 71 15.35 -18.56 5.91
N PRO D 72 16.45 -19.14 6.38
CA PRO D 72 17.50 -19.69 5.52
C PRO D 72 17.08 -20.97 4.83
N ILE D 73 16.10 -21.66 5.37
CA ILE D 73 15.65 -22.95 4.85
C ILE D 73 14.21 -22.86 4.39
N GLU D 74 13.96 -23.28 3.18
CA GLU D 74 12.61 -23.30 2.64
C GLU D 74 12.29 -24.63 2.04
N GLY D 76 12.53 -27.39 3.36
CA GLY D 76 13.51 -28.36 3.78
C GLY D 76 14.88 -28.20 3.16
N ILE D 77 15.04 -27.26 2.26
CA ILE D 77 16.30 -27.07 1.55
C ILE D 77 17.00 -25.82 2.06
N ILE D 78 18.29 -25.89 2.29
CA ILE D 78 18.99 -24.70 2.75
C ILE D 78 19.31 -23.88 1.52
N THR D 79 18.84 -22.65 1.50
CA THR D 79 19.11 -21.81 0.35
C THR D 79 20.07 -20.70 0.68
N ASN D 80 20.16 -20.32 1.93
CA ASN D 80 21.06 -19.25 2.30
C ASN D 80 22.08 -19.77 3.30
N TRP D 81 23.26 -20.07 2.78
CA TRP D 81 24.28 -20.70 3.58
C TRP D 81 24.97 -19.73 4.54
N ASP D 82 25.01 -18.44 4.21
CA ASP D 82 25.62 -17.53 5.16
C ASP D 82 24.74 -17.39 6.38
N ASP D 83 23.46 -17.34 6.13
CA ASP D 83 22.54 -17.25 7.24
C ASP D 83 22.55 -18.55 8.02
N MET D 84 22.73 -19.66 7.32
CA MET D 84 22.75 -20.91 8.04
C MET D 84 23.97 -21.02 8.92
N GLU D 85 25.12 -20.50 8.47
CA GLU D 85 26.25 -20.58 9.38
C GLU D 85 26.00 -19.71 10.59
N LYS D 86 25.30 -18.58 10.43
CA LYS D 86 25.00 -17.79 11.62
C LYS D 86 24.14 -18.57 12.58
N ILE D 87 23.16 -19.31 12.06
CA ILE D 87 22.30 -20.10 12.94
C ILE D 87 23.13 -21.10 13.71
N TRP D 88 24.01 -21.80 13.01
CA TRP D 88 24.84 -22.80 13.66
C TRP D 88 25.76 -22.16 14.66
N HIS D 89 26.39 -21.07 14.28
CA HIS D 89 27.32 -20.40 15.17
C HIS D 89 26.66 -20.09 16.47
N HIS D 90 25.49 -19.48 16.40
CA HIS D 90 24.83 -19.15 17.65
C HIS D 90 24.43 -20.40 18.38
N THR D 91 23.94 -21.41 17.68
CA THR D 91 23.52 -22.61 18.37
C THR D 91 24.65 -23.17 19.20
N PHE D 92 25.84 -23.27 18.59
CA PHE D 92 26.95 -23.88 19.29
C PHE D 92 27.50 -23.01 20.39
N TYR D 93 27.69 -21.73 20.14
CA TYR D 93 28.41 -20.97 21.12
C TYR D 93 27.55 -20.16 22.07
N ASN D 94 26.39 -19.69 21.62
CA ASN D 94 25.58 -18.83 22.47
C ASN D 94 24.39 -19.53 23.07
N GLU D 95 23.85 -20.54 22.40
CA GLU D 95 22.67 -21.23 22.90
C GLU D 95 23.07 -22.44 23.74
N LEU D 96 23.94 -23.30 23.21
CA LEU D 96 24.35 -24.49 23.94
C LEU D 96 25.64 -24.29 24.73
N ARG D 97 26.37 -23.23 24.43
CA ARG D 97 27.62 -22.92 25.11
C ARG D 97 28.63 -24.08 25.06
N VAL D 98 28.84 -24.65 23.88
CA VAL D 98 29.70 -25.82 23.73
C VAL D 98 30.71 -25.67 22.59
N ALA D 99 31.93 -26.13 22.80
CA ALA D 99 32.92 -26.12 21.73
C ALA D 99 32.69 -27.28 20.78
N PRO D 100 32.35 -27.03 19.52
CA PRO D 100 32.08 -28.10 18.53
C PRO D 100 33.19 -29.12 18.39
N GLU D 101 34.43 -28.69 18.59
CA GLU D 101 35.57 -29.58 18.47
C GLU D 101 35.55 -30.72 19.45
N GLU D 102 34.80 -30.58 20.53
CA GLU D 102 34.84 -31.57 21.59
C GLU D 102 33.76 -32.63 21.44
N HIS D 103 32.84 -32.49 20.48
CA HIS D 103 31.73 -33.44 20.38
C HIS D 103 31.39 -33.79 18.94
N PRO D 104 31.07 -35.05 18.65
CA PRO D 104 30.58 -35.46 17.32
C PRO D 104 29.16 -34.92 17.17
N THR D 105 28.69 -34.71 15.92
CA THR D 105 27.36 -34.09 15.80
C THR D 105 26.42 -34.83 14.84
N LEU D 106 25.20 -35.06 15.32
CA LEU D 106 24.14 -35.68 14.56
C LEU D 106 23.18 -34.63 14.01
N LEU D 107 23.10 -34.55 12.69
CA LEU D 107 22.22 -33.59 12.04
C LEU D 107 21.13 -34.33 11.29
N THR D 108 20.07 -33.62 10.94
CA THR D 108 18.94 -34.20 10.26
C THR D 108 18.61 -33.51 8.94
N GLU D 109 17.87 -34.24 8.11
CA GLU D 109 17.37 -33.73 6.84
C GLU D 109 16.16 -34.51 6.35
N ALA D 110 15.37 -33.86 5.49
CA ALA D 110 14.23 -34.48 4.86
C ALA D 110 14.69 -35.55 3.87
N PRO D 111 13.88 -36.58 3.65
CA PRO D 111 14.15 -37.57 2.62
C PRO D 111 13.88 -36.91 1.30
N LEU D 112 14.48 -37.43 0.25
CA LEU D 112 14.23 -36.95 -1.09
C LEU D 112 14.53 -35.47 -1.22
N ASN D 113 15.59 -35.03 -0.61
CA ASN D 113 16.00 -33.64 -0.70
C ASN D 113 17.09 -33.64 -1.77
N PRO D 114 17.65 -32.51 -2.18
CA PRO D 114 18.79 -32.48 -3.10
C PRO D 114 20.01 -33.10 -2.43
N LYS D 115 20.83 -33.82 -3.18
CA LYS D 115 22.01 -34.37 -2.51
C LYS D 115 22.93 -33.28 -2.02
N ALA D 116 23.02 -32.21 -2.79
CA ALA D 116 23.92 -31.13 -2.46
C ALA D 116 23.66 -30.55 -1.09
N ASN D 117 22.43 -30.65 -0.61
CA ASN D 117 22.11 -30.06 0.68
C ASN D 117 22.89 -30.76 1.77
N ARG D 118 23.02 -32.09 1.63
CA ARG D 118 23.73 -32.92 2.59
C ARG D 118 25.21 -32.71 2.46
N GLU D 119 25.67 -32.61 1.22
CA GLU D 119 27.10 -32.47 0.99
C GLU D 119 27.61 -31.14 1.49
N LYS D 120 26.88 -30.06 1.26
CA LYS D 120 27.30 -28.76 1.72
C LYS D 120 27.24 -28.67 3.23
N MET D 121 26.18 -29.20 3.83
CA MET D 121 26.10 -29.19 5.28
C MET D 121 27.28 -29.90 5.88
N THR D 122 27.66 -31.03 5.28
CA THR D 122 28.80 -31.78 5.77
C THR D 122 30.07 -30.98 5.67
N GLN D 123 30.30 -30.35 4.52
CA GLN D 123 31.52 -29.57 4.37
C GLN D 123 31.64 -28.54 5.46
N ILE D 124 30.54 -27.86 5.77
CA ILE D 124 30.60 -26.82 6.79
C ILE D 124 30.92 -27.41 8.15
N MET D 125 30.26 -28.49 8.52
CA MET D 125 30.55 -29.01 9.84
C MET D 125 32.00 -29.44 9.97
N PHE D 126 32.57 -30.03 8.92
CA PHE D 126 33.96 -30.45 9.06
C PHE D 126 34.96 -29.32 8.91
N GLU D 127 34.70 -28.34 8.05
CA GLU D 127 35.68 -27.30 7.79
C GLU D 127 35.49 -26.01 8.57
N THR D 128 34.28 -25.66 8.94
CA THR D 128 34.05 -24.43 9.69
C THR D 128 33.93 -24.67 11.16
N PHE D 129 33.28 -25.75 11.55
CA PHE D 129 33.13 -26.01 12.96
C PHE D 129 34.05 -27.07 13.48
N ASN D 130 34.85 -27.66 12.62
CA ASN D 130 35.85 -28.63 13.01
C ASN D 130 35.25 -29.77 13.81
N VAL D 131 34.06 -30.22 13.44
CA VAL D 131 33.48 -31.31 14.24
C VAL D 131 34.35 -32.53 14.02
N PRO D 132 34.68 -33.31 15.06
CA PRO D 132 35.49 -34.53 14.87
C PRO D 132 34.77 -35.63 14.11
N ALA D 133 33.45 -35.63 14.10
CA ALA D 133 32.69 -36.65 13.40
C ALA D 133 31.28 -36.19 13.12
N MET D 134 30.66 -36.79 12.11
CA MET D 134 29.32 -36.37 11.75
C MET D 134 28.44 -37.49 11.20
N TYR D 135 27.14 -37.37 11.45
CA TYR D 135 26.21 -38.30 10.81
C TYR D 135 24.94 -37.56 10.48
N VAL D 136 24.32 -37.88 9.35
CA VAL D 136 23.05 -37.26 9.01
C VAL D 136 21.93 -38.26 8.93
N ALA D 137 20.86 -37.99 9.67
CA ALA D 137 19.70 -38.87 9.77
C ALA D 137 18.45 -38.28 9.13
N ILE D 138 17.54 -39.18 8.79
CA ILE D 138 16.24 -38.81 8.25
C ILE D 138 15.24 -38.76 9.39
N GLN D 139 14.50 -37.65 9.52
CA GLN D 139 13.60 -37.48 10.66
C GLN D 139 12.56 -38.57 10.74
N ALA D 140 12.11 -39.06 9.62
CA ALA D 140 11.09 -40.08 9.69
C ALA D 140 11.60 -41.31 10.41
N VAL D 141 12.89 -41.59 10.32
CA VAL D 141 13.43 -42.75 11.00
C VAL D 141 13.57 -42.44 12.47
N LEU D 142 14.04 -41.24 12.76
CA LEU D 142 14.23 -40.86 14.15
C LEU D 142 12.92 -40.87 14.89
N SER D 143 11.84 -40.56 14.20
CA SER D 143 10.54 -40.54 14.83
C SER D 143 10.09 -41.93 15.27
N LEU D 144 10.60 -43.00 14.66
CA LEU D 144 10.20 -44.29 15.20
C LEU D 144 11.07 -44.66 16.36
N TYR D 145 12.36 -44.30 16.33
CA TYR D 145 13.16 -44.60 17.51
C TYR D 145 12.50 -43.98 18.73
N ALA D 146 12.03 -42.74 18.55
CA ALA D 146 11.40 -41.98 19.61
C ALA D 146 10.05 -42.54 20.02
N SER D 147 9.48 -43.41 19.19
CA SER D 147 8.19 -43.98 19.48
C SER D 147 8.33 -45.38 20.08
N GLY D 148 9.58 -45.82 20.24
CA GLY D 148 9.89 -47.13 20.78
C GLY D 148 9.59 -48.29 19.86
N ARG D 149 9.62 -48.09 18.54
CA ARG D 149 9.24 -49.21 17.69
C ARG D 149 10.05 -49.22 16.40
N THR D 150 10.02 -50.37 15.73
CA THR D 150 10.73 -50.58 14.47
C THR D 150 9.80 -50.69 13.28
N THR D 151 8.50 -50.51 13.48
CA THR D 151 7.57 -50.68 12.38
C THR D 151 6.54 -49.55 12.39
N GLY D 152 6.21 -49.06 11.19
CA GLY D 152 5.17 -48.07 11.04
C GLY D 152 5.47 -47.04 10.00
N ILE D 153 4.53 -46.14 9.77
CA ILE D 153 4.72 -45.02 8.85
C ILE D 153 4.79 -43.78 9.61
N VAL D 154 5.85 -43.05 9.40
CA VAL D 154 5.90 -41.75 10.03
C VAL D 154 5.44 -40.69 9.10
N LEU D 155 4.44 -39.96 9.54
CA LEU D 155 3.95 -38.77 8.86
C LEU D 155 4.51 -37.59 9.60
N ASP D 156 5.56 -37.02 9.05
CA ASP D 156 6.26 -35.91 9.68
C ASP D 156 5.84 -34.64 8.97
N SER D 157 5.09 -33.81 9.66
CA SER D 157 4.59 -32.63 8.97
C SER D 157 4.99 -31.41 9.77
N GLY D 158 5.95 -30.68 9.23
CA GLY D 158 6.47 -29.51 9.91
C GLY D 158 6.17 -28.25 9.15
N ASP D 159 7.02 -27.24 9.35
CA ASP D 159 6.93 -25.94 8.71
C ASP D 159 7.39 -26.01 7.27
N GLY D 160 8.40 -26.85 7.02
CA GLY D 160 9.03 -27.00 5.72
C GLY D 160 8.29 -27.97 4.82
N VAL D 161 8.41 -29.27 5.05
CA VAL D 161 7.75 -30.25 4.21
C VAL D 161 6.99 -31.27 5.01
N THR D 162 6.15 -32.01 4.30
CA THR D 162 5.41 -33.13 4.87
C THR D 162 5.81 -34.43 4.20
N HIS D 163 6.21 -35.43 4.99
CA HIS D 163 6.60 -36.67 4.35
C HIS D 163 6.21 -37.93 5.09
N ASN D 164 6.09 -39.00 4.30
CA ASN D 164 5.68 -40.33 4.75
C ASN D 164 6.73 -41.37 4.44
N VAL D 165 7.28 -41.97 5.49
CA VAL D 165 8.26 -43.03 5.26
C VAL D 165 7.91 -44.29 6.02
N PRO D 166 7.41 -45.31 5.34
CA PRO D 166 7.16 -46.62 5.92
C PRO D 166 8.43 -47.37 6.21
N ILE D 167 8.47 -47.99 7.38
CA ILE D 167 9.54 -48.84 7.86
C ILE D 167 8.91 -50.14 8.34
N TYR D 168 9.53 -51.27 8.03
CA TYR D 168 9.02 -52.54 8.54
C TYR D 168 10.16 -53.36 9.10
N GLU D 169 10.08 -53.70 10.39
CA GLU D 169 11.16 -54.44 11.02
C GLU D 169 12.50 -53.74 10.81
N GLY D 170 12.45 -52.41 10.84
CA GLY D 170 13.63 -51.58 10.67
C GLY D 170 14.09 -51.44 9.24
N TYR D 171 13.44 -52.11 8.30
CA TYR D 171 13.89 -51.98 6.94
C TYR D 171 13.04 -50.92 6.30
N ALA D 172 13.65 -50.11 5.48
CA ALA D 172 12.86 -49.07 4.90
C ALA D 172 12.31 -49.51 3.57
N LEU D 173 11.24 -48.87 3.17
CA LEU D 173 10.65 -49.15 1.88
C LEU D 173 10.71 -47.87 1.03
N PRO D 174 11.90 -47.50 0.54
CA PRO D 174 12.13 -46.19 -0.09
C PRO D 174 11.28 -45.90 -1.30
N HIS D 175 10.83 -46.92 -2.01
CA HIS D 175 10.02 -46.67 -3.18
C HIS D 175 8.62 -46.21 -2.80
N ALA D 176 8.29 -46.31 -1.52
CA ALA D 176 7.00 -45.90 -1.01
C ALA D 176 7.08 -44.57 -0.28
N ILE D 177 8.17 -43.84 -0.40
CA ILE D 177 8.24 -42.55 0.29
C ILE D 177 7.40 -41.55 -0.45
N MET D 178 6.55 -40.88 0.28
CA MET D 178 5.75 -39.84 -0.33
C MET D 178 6.16 -38.52 0.28
N ARG D 179 6.24 -37.50 -0.56
CA ARG D 179 6.59 -36.19 -0.06
C ARG D 179 5.73 -35.12 -0.68
N LEU D 180 5.23 -34.25 0.16
CA LEU D 180 4.49 -33.09 -0.27
C LEU D 180 5.26 -31.86 0.16
N ASP D 181 5.22 -30.83 -0.66
CA ASP D 181 5.82 -29.58 -0.27
C ASP D 181 4.76 -28.64 0.25
N LEU D 182 3.78 -29.25 0.91
CA LEU D 182 2.73 -28.57 1.63
C LEU D 182 3.02 -28.70 3.10
N ALA D 183 3.18 -27.55 3.75
CA ALA D 183 3.59 -27.58 5.14
C ALA D 183 3.06 -26.37 5.90
N GLY D 184 3.44 -26.29 7.17
CA GLY D 184 2.93 -25.25 8.05
C GLY D 184 3.17 -23.85 7.53
N ARG D 185 4.26 -23.63 6.81
CA ARG D 185 4.51 -22.29 6.28
C ARG D 185 3.48 -21.92 5.22
N ASP D 186 2.96 -22.92 4.51
CA ASP D 186 1.97 -22.65 3.46
C ASP D 186 0.63 -22.46 4.08
N LEU D 187 0.37 -23.20 5.14
CA LEU D 187 -0.88 -23.04 5.82
C LEU D 187 -0.94 -21.64 6.37
N THR D 188 0.20 -21.16 6.87
CA THR D 188 0.29 -19.81 7.39
C THR D 188 0.05 -18.81 6.28
N ASP D 189 0.67 -19.01 5.11
CA ASP D 189 0.46 -18.09 4.01
C ASP D 189 -1.01 -18.09 3.58
N TYR D 190 -1.61 -19.27 3.57
CA TYR D 190 -3.01 -19.37 3.22
C TYR D 190 -3.86 -18.63 4.21
N LEU D 191 -3.56 -18.77 5.50
CA LEU D 191 -4.30 -18.06 6.52
C LEU D 191 -4.14 -16.57 6.33
N MET D 192 -2.93 -16.10 5.99
CA MET D 192 -2.80 -14.66 5.77
C MET D 192 -3.77 -14.24 4.69
N LYS D 193 -3.93 -15.05 3.65
CA LYS D 193 -4.82 -14.65 2.57
C LYS D 193 -6.29 -14.78 3.01
N ILE D 194 -6.66 -15.84 3.70
CA ILE D 194 -8.07 -16.08 3.99
C ILE D 194 -8.61 -15.00 4.93
N LEU D 195 -7.77 -14.46 5.82
CA LEU D 195 -8.20 -13.44 6.76
C LEU D 195 -8.62 -12.15 6.07
N THR D 196 -8.24 -12.03 4.80
CA THR D 196 -8.61 -10.90 3.96
C THR D 196 -10.11 -10.75 3.89
N GLU D 197 -10.79 -11.88 3.86
CA GLU D 197 -12.24 -11.87 3.67
C GLU D 197 -12.95 -11.06 4.74
N ARG D 198 -12.41 -11.03 5.96
CA ARG D 198 -13.04 -10.34 7.07
C ARG D 198 -12.43 -8.95 7.26
N GLY D 199 -11.59 -8.56 6.32
CA GLY D 199 -10.97 -7.27 6.32
C GLY D 199 -9.65 -7.18 7.03
N TYR D 200 -9.05 -8.26 7.44
CA TYR D 200 -7.80 -8.09 8.15
C TYR D 200 -6.69 -8.23 7.15
N SER D 201 -5.62 -7.46 7.29
CA SER D 201 -4.59 -7.59 6.28
C SER D 201 -3.18 -7.63 6.84
N PHE D 202 -2.62 -8.81 6.74
CA PHE D 202 -1.28 -9.09 7.23
C PHE D 202 -0.39 -9.28 6.03
N VAL D 203 0.61 -8.44 5.91
CA VAL D 203 1.46 -8.38 4.73
C VAL D 203 2.93 -8.67 5.05
N THR D 204 3.47 -8.00 6.06
CA THR D 204 4.89 -8.03 6.28
C THR D 204 5.29 -9.32 6.96
N THR D 205 6.59 -9.55 7.00
CA THR D 205 7.11 -10.74 7.63
C THR D 205 6.85 -10.72 9.14
N ALA D 206 6.85 -9.54 9.77
CA ALA D 206 6.51 -9.52 11.17
C ALA D 206 5.06 -9.94 11.33
N GLU D 207 4.23 -9.49 10.41
CA GLU D 207 2.83 -9.85 10.42
C GLU D 207 2.65 -11.32 10.12
N ARG D 208 3.51 -11.88 9.26
CA ARG D 208 3.46 -13.32 9.05
C ARG D 208 3.64 -14.07 10.34
N GLU D 209 4.57 -13.63 11.19
CA GLU D 209 4.79 -14.31 12.46
C GLU D 209 3.58 -14.13 13.37
N ILE D 210 2.92 -12.96 13.29
CA ILE D 210 1.71 -12.78 14.08
C ILE D 210 0.64 -13.77 13.63
N VAL D 211 0.48 -13.90 12.33
CA VAL D 211 -0.54 -14.79 11.81
C VAL D 211 -0.20 -16.21 12.19
N ARG D 212 1.07 -16.57 12.17
CA ARG D 212 1.44 -17.89 12.64
C ARG D 212 0.96 -18.09 14.06
N ASP D 213 1.21 -17.13 14.95
CA ASP D 213 0.74 -17.28 16.33
C ASP D 213 -0.76 -17.48 16.39
N ILE D 214 -1.48 -16.77 15.54
CA ILE D 214 -2.92 -16.94 15.53
C ILE D 214 -3.26 -18.36 15.17
N LYS D 215 -2.68 -18.86 14.08
CA LYS D 215 -2.94 -20.22 13.61
C LYS D 215 -2.79 -21.22 14.73
N GLU D 216 -1.70 -21.06 15.49
CA GLU D 216 -1.34 -21.99 16.53
C GLU D 216 -2.34 -22.01 17.68
N LYS D 217 -3.02 -20.88 17.92
CA LYS D 217 -3.97 -20.86 19.02
C LYS D 217 -5.43 -21.05 18.62
N LEU D 218 -5.82 -20.62 17.43
CA LEU D 218 -7.24 -20.72 17.10
C LEU D 218 -7.63 -21.83 16.15
N CYS D 219 -6.74 -22.34 15.32
CA CYS D 219 -7.19 -23.29 14.33
C CYS D 219 -7.37 -24.70 14.86
N TYR D 220 -8.31 -25.41 14.23
CA TYR D 220 -8.61 -26.78 14.56
C TYR D 220 -9.04 -27.50 13.31
N VAL D 221 -9.04 -28.82 13.37
CA VAL D 221 -9.43 -29.61 12.22
C VAL D 221 -10.89 -30.00 12.33
N ALA D 222 -11.65 -29.68 11.29
CA ALA D 222 -13.03 -30.09 11.26
C ALA D 222 -13.10 -31.59 11.10
N LEU D 223 -13.99 -32.26 11.82
CA LEU D 223 -14.03 -33.70 11.56
C LEU D 223 -15.04 -33.97 10.47
N ASP D 224 -15.73 -32.93 10.09
CA ASP D 224 -16.71 -32.91 9.02
C ASP D 224 -16.68 -31.49 8.49
N PHE D 225 -15.99 -31.29 7.38
CA PHE D 225 -15.78 -29.95 6.88
C PHE D 225 -17.09 -29.28 6.52
N GLU D 226 -17.96 -30.00 5.81
CA GLU D 226 -19.19 -29.36 5.37
C GLU D 226 -20.07 -29.01 6.55
N ASN D 227 -20.10 -29.85 7.59
CA ASN D 227 -20.94 -29.47 8.73
C ASN D 227 -20.36 -28.28 9.45
N GLU D 228 -19.04 -28.16 9.52
CA GLU D 228 -18.50 -26.99 10.20
C GLU D 228 -18.80 -25.74 9.38
N MET D 229 -18.77 -25.85 8.04
CA MET D 229 -19.10 -24.69 7.23
C MET D 229 -20.55 -24.29 7.43
N ALA D 230 -21.45 -25.27 7.45
CA ALA D 230 -22.87 -25.00 7.63
C ALA D 230 -23.13 -24.37 8.98
N THR D 231 -22.39 -24.85 9.98
CA THR D 231 -22.50 -24.30 11.31
C THR D 231 -22.00 -22.87 11.33
N ALA D 232 -20.83 -22.63 10.76
CA ALA D 232 -20.29 -21.28 10.79
C ALA D 232 -21.23 -20.30 10.13
N ALA D 233 -21.83 -20.73 9.03
CA ALA D 233 -22.71 -19.91 8.24
C ALA D 233 -23.97 -19.54 8.99
N SER D 234 -24.26 -20.28 10.07
CA SER D 234 -25.47 -20.04 10.82
C SER D 234 -25.18 -19.77 12.30
N SER D 235 -23.91 -19.54 12.69
CA SER D 235 -23.66 -19.38 14.12
C SER D 235 -22.40 -18.61 14.49
N SER D 236 -22.51 -17.86 15.59
CA SER D 236 -21.40 -17.14 16.18
C SER D 236 -20.61 -18.00 17.16
N SER D 237 -21.06 -19.22 17.40
CA SER D 237 -20.45 -20.07 18.43
C SER D 237 -19.05 -20.53 18.05
N LEU D 238 -18.70 -20.44 16.78
CA LEU D 238 -17.38 -20.84 16.35
C LEU D 238 -16.42 -19.66 16.28
N GLU D 239 -16.89 -18.45 16.57
CA GLU D 239 -16.04 -17.30 16.44
C GLU D 239 -15.18 -17.10 17.68
N LYS D 240 -13.94 -16.71 17.46
CA LYS D 240 -13.03 -16.44 18.57
C LYS D 240 -12.31 -15.14 18.36
N SER D 241 -12.00 -14.48 19.46
CA SER D 241 -11.23 -13.27 19.36
C SER D 241 -9.78 -13.54 19.68
N TYR D 242 -8.94 -12.65 19.17
CA TYR D 242 -7.52 -12.68 19.45
C TYR D 242 -7.01 -11.26 19.58
N GLU D 243 -6.11 -11.04 20.51
CA GLU D 243 -5.56 -9.71 20.69
C GLU D 243 -4.23 -9.60 19.97
N LEU D 244 -4.16 -8.66 19.04
CA LEU D 244 -2.95 -8.40 18.30
C LEU D 244 -2.01 -7.63 19.22
N PRO D 245 -0.70 -7.64 18.94
CA PRO D 245 0.30 -6.96 19.77
C PRO D 245 0.04 -5.50 20.09
N ASP D 246 -0.72 -4.78 19.27
CA ASP D 246 -0.97 -3.37 19.51
C ASP D 246 -2.27 -3.15 20.24
N GLY D 247 -2.88 -4.20 20.78
CA GLY D 247 -4.13 -4.09 21.50
C GLY D 247 -5.34 -4.17 20.61
N GLN D 248 -5.14 -4.27 19.31
CA GLN D 248 -6.27 -4.37 18.42
C GLN D 248 -6.85 -5.75 18.44
N VAL D 249 -8.16 -5.84 18.58
CA VAL D 249 -8.78 -7.15 18.58
C VAL D 249 -9.25 -7.52 17.18
N ILE D 250 -8.93 -8.75 16.81
CA ILE D 250 -9.27 -9.37 15.55
C ILE D 250 -10.24 -10.51 15.84
N THR D 251 -11.34 -10.61 15.10
CA THR D 251 -12.28 -11.69 15.38
C THR D 251 -12.28 -12.60 14.17
N ILE D 252 -12.09 -13.89 14.43
CA ILE D 252 -11.88 -14.89 13.39
C ILE D 252 -13.01 -15.93 13.45
N GLY D 253 -13.57 -16.25 12.28
CA GLY D 253 -14.69 -17.15 12.13
C GLY D 253 -14.28 -18.51 11.59
N ASN D 254 -14.72 -18.85 10.37
CA ASN D 254 -14.49 -20.19 9.87
C ASN D 254 -13.08 -20.39 9.33
N GLU D 255 -12.28 -19.34 9.38
CA GLU D 255 -10.88 -19.46 8.99
C GLU D 255 -10.19 -20.41 9.93
N ARG D 256 -10.78 -20.58 11.11
CA ARG D 256 -10.25 -21.46 12.12
C ARG D 256 -10.15 -22.88 11.63
N PHE D 257 -11.05 -23.32 10.75
CA PHE D 257 -10.91 -24.66 10.27
C PHE D 257 -10.67 -24.70 8.77
N ARG D 258 -10.84 -23.58 8.07
CA ARG D 258 -10.60 -23.62 6.64
C ARG D 258 -9.11 -23.61 6.38
N CYS D 259 -8.33 -23.08 7.33
CA CYS D 259 -6.89 -23.10 7.13
C CYS D 259 -6.31 -24.52 7.14
N PRO D 260 -6.40 -25.30 8.22
CA PRO D 260 -5.84 -26.66 8.24
C PRO D 260 -6.51 -27.59 7.26
N GLU D 261 -7.73 -27.29 6.83
CA GLU D 261 -8.41 -28.11 5.84
C GLU D 261 -7.55 -28.27 4.59
N THR D 262 -6.68 -27.30 4.33
CA THR D 262 -5.80 -27.34 3.17
C THR D 262 -5.05 -28.66 3.10
N LEU D 263 -4.68 -29.20 4.27
CA LEU D 263 -3.94 -30.45 4.32
C LEU D 263 -4.74 -31.61 3.76
N PHE D 264 -6.04 -31.49 3.78
CA PHE D 264 -6.88 -32.53 3.25
C PHE D 264 -7.33 -32.17 1.85
N GLN D 265 -7.38 -30.88 1.57
CA GLN D 265 -7.73 -30.36 0.26
C GLN D 265 -6.72 -29.34 -0.25
N PRO D 266 -5.55 -29.79 -0.72
CA PRO D 266 -4.47 -28.92 -1.19
C PRO D 266 -4.87 -28.02 -2.34
N SER D 267 -5.97 -28.35 -2.99
CA SER D 267 -6.55 -27.54 -4.03
C SER D 267 -6.86 -26.14 -3.56
N PHE D 268 -7.00 -25.97 -2.25
CA PHE D 268 -7.30 -24.67 -1.69
C PHE D 268 -6.18 -23.69 -1.93
N ILE D 269 -4.97 -24.19 -2.15
CA ILE D 269 -3.84 -23.31 -2.42
C ILE D 269 -3.29 -23.54 -3.81
N GLY D 270 -4.07 -24.19 -4.66
CA GLY D 270 -3.67 -24.45 -6.01
C GLY D 270 -2.93 -25.75 -6.30
N MET D 271 -2.75 -26.64 -5.32
CA MET D 271 -2.06 -27.88 -5.63
C MET D 271 -3.05 -28.92 -6.11
N GLU D 272 -2.67 -29.71 -7.11
CA GLU D 272 -3.55 -30.79 -7.57
C GLU D 272 -3.30 -32.06 -6.79
N SER D 273 -2.34 -31.99 -5.89
CA SER D 273 -1.78 -33.11 -5.20
C SER D 273 -2.80 -33.67 -4.23
N ALA D 274 -2.57 -34.93 -3.86
CA ALA D 274 -3.39 -35.64 -2.91
C ALA D 274 -3.24 -35.01 -1.54
N GLY D 275 -4.30 -35.09 -0.74
CA GLY D 275 -4.20 -34.59 0.62
C GLY D 275 -3.42 -35.56 1.45
N ILE D 276 -3.22 -35.23 2.72
CA ILE D 276 -2.34 -36.06 3.54
C ILE D 276 -2.92 -37.44 3.82
N HIS D 277 -4.23 -37.59 3.86
CA HIS D 277 -4.78 -38.91 4.12
C HIS D 277 -4.68 -39.81 2.90
N GLU D 278 -4.72 -39.23 1.72
CA GLU D 278 -4.57 -40.04 0.54
C GLU D 278 -3.11 -40.31 0.29
N THR D 279 -2.27 -39.35 0.65
CA THR D 279 -0.85 -39.54 0.48
C THR D 279 -0.39 -40.67 1.39
N THR D 280 -0.86 -40.67 2.63
CA THR D 280 -0.52 -41.75 3.55
C THR D 280 -1.01 -43.07 3.01
N TYR D 281 -2.25 -43.08 2.55
CA TYR D 281 -2.83 -44.29 2.01
C TYR D 281 -2.03 -44.81 0.84
N ASN D 282 -1.64 -43.93 -0.06
CA ASN D 282 -0.90 -44.36 -1.23
C ASN D 282 0.44 -44.93 -0.83
N SER D 283 1.06 -44.36 0.19
CA SER D 283 2.32 -44.93 0.62
C SER D 283 2.12 -46.36 1.05
N ILE D 284 1.03 -46.62 1.78
CA ILE D 284 0.74 -47.99 2.16
C ILE D 284 0.51 -48.84 0.92
N MET D 285 -0.21 -48.33 -0.07
CA MET D 285 -0.50 -49.13 -1.25
C MET D 285 0.77 -49.49 -2.03
N LYS D 286 1.81 -48.66 -1.96
CA LYS D 286 3.05 -48.96 -2.66
C LYS D 286 3.89 -50.02 -1.97
N CYS D 287 3.46 -50.45 -0.79
CA CYS D 287 4.17 -51.45 -0.03
C CYS D 287 3.62 -52.83 -0.38
N ASP D 288 4.43 -53.87 -0.17
CA ASP D 288 3.93 -55.24 -0.36
C ASP D 288 2.69 -55.47 0.44
N ILE D 289 1.73 -56.17 -0.17
CA ILE D 289 0.45 -56.43 0.49
C ILE D 289 0.63 -57.02 1.88
N ASP D 290 1.64 -57.85 2.08
CA ASP D 290 1.87 -58.48 3.36
C ASP D 290 2.20 -57.52 4.49
N ILE D 291 2.60 -56.30 4.16
CA ILE D 291 3.05 -55.34 5.15
C ILE D 291 1.96 -54.35 5.49
N ARG D 292 0.89 -54.36 4.74
CA ARG D 292 -0.08 -53.30 4.92
C ARG D 292 -0.70 -53.33 6.30
N LYS D 293 -1.03 -54.52 6.79
CA LYS D 293 -1.70 -54.60 8.08
C LYS D 293 -0.93 -53.93 9.20
N ASP D 294 0.38 -54.06 9.17
CA ASP D 294 1.18 -53.51 10.24
C ASP D 294 1.36 -52.02 10.06
N LEU D 295 1.36 -51.57 8.82
CA LEU D 295 1.50 -50.14 8.67
C LEU D 295 0.21 -49.45 9.11
N TYR D 296 -0.93 -50.06 8.84
CA TYR D 296 -2.18 -49.44 9.23
C TYR D 296 -2.30 -49.35 10.73
N ALA D 297 -1.77 -50.36 11.42
CA ALA D 297 -1.81 -50.39 12.86
C ALA D 297 -0.76 -49.52 13.53
N ASN D 298 0.14 -48.93 12.75
CA ASN D 298 1.19 -48.09 13.31
C ASN D 298 1.36 -46.83 12.49
N ASN D 299 0.32 -46.01 12.43
CA ASN D 299 0.38 -44.72 11.76
C ASN D 299 0.89 -43.73 12.79
N VAL D 300 2.11 -43.25 12.60
CA VAL D 300 2.79 -42.43 13.59
C VAL D 300 2.85 -40.99 13.14
N MET D 301 2.31 -40.09 13.94
CA MET D 301 2.36 -38.69 13.56
C MET D 301 3.45 -37.99 14.34
N SER D 302 4.14 -37.09 13.65
CA SER D 302 5.15 -36.27 14.28
C SER D 302 5.23 -34.96 13.52
N GLY D 303 5.87 -33.98 14.13
CA GLY D 303 6.03 -32.68 13.50
C GLY D 303 5.02 -31.69 14.02
N GLY D 304 5.40 -30.42 13.99
CA GLY D 304 4.57 -29.36 14.54
C GLY D 304 3.16 -29.21 13.98
N THR D 305 2.95 -29.55 12.71
CA THR D 305 1.59 -29.26 12.22
C THR D 305 0.63 -30.35 12.62
N THR D 306 1.12 -31.40 13.27
CA THR D 306 0.27 -32.47 13.73
C THR D 306 -0.30 -32.11 15.06
N MET D 307 -0.07 -30.88 15.48
CA MET D 307 -0.59 -30.38 16.71
C MET D 307 -1.98 -29.78 16.58
N TYR D 308 -2.53 -29.64 15.38
CA TYR D 308 -3.87 -29.06 15.35
C TYR D 308 -4.81 -29.96 16.11
N PRO D 309 -5.65 -29.43 16.97
CA PRO D 309 -6.68 -30.22 17.62
C PRO D 309 -7.52 -30.88 16.56
N GLY D 310 -7.82 -32.16 16.75
CA GLY D 310 -8.65 -32.87 15.81
C GLY D 310 -7.92 -33.47 14.63
N ILE D 311 -6.62 -33.26 14.49
CA ILE D 311 -5.97 -33.77 13.29
C ILE D 311 -5.88 -35.30 13.31
N ALA D 312 -5.61 -35.89 14.47
CA ALA D 312 -5.49 -37.33 14.51
C ALA D 312 -6.84 -37.97 14.25
N ASP D 313 -7.89 -37.33 14.73
CA ASP D 313 -9.21 -37.88 14.59
C ASP D 313 -9.66 -37.79 13.15
N ARG D 314 -9.32 -36.67 12.51
CA ARG D 314 -9.68 -36.55 11.12
C ARG D 314 -8.93 -37.58 10.30
N MET D 315 -7.65 -37.78 10.61
CA MET D 315 -6.89 -38.76 9.84
C MET D 315 -7.51 -40.13 10.00
N GLN D 316 -7.88 -40.53 11.21
CA GLN D 316 -8.46 -41.86 11.31
C GLN D 316 -9.69 -41.97 10.45
N LYS D 317 -10.55 -40.95 10.54
CA LYS D 317 -11.78 -41.01 9.76
C LYS D 317 -11.52 -41.11 8.27
N GLU D 318 -10.52 -40.36 7.80
CA GLU D 318 -10.24 -40.37 6.38
C GLU D 318 -9.61 -41.69 5.96
N ILE D 319 -8.65 -42.22 6.73
CA ILE D 319 -7.98 -43.44 6.26
C ILE D 319 -8.97 -44.58 6.22
N THR D 320 -9.85 -44.66 7.22
CA THR D 320 -10.83 -45.73 7.26
C THR D 320 -11.85 -45.63 6.14
N ALA D 321 -11.89 -44.49 5.44
CA ALA D 321 -12.78 -44.36 4.29
C ALA D 321 -12.12 -44.77 2.98
N LEU D 322 -10.83 -45.00 2.99
CA LEU D 322 -10.07 -45.37 1.81
C LEU D 322 -9.70 -46.83 1.88
N ALA D 323 -9.30 -47.23 3.07
CA ALA D 323 -8.85 -48.55 3.38
C ALA D 323 -10.04 -49.50 3.40
N PRO D 324 -9.79 -50.77 3.17
CA PRO D 324 -10.83 -51.78 3.27
C PRO D 324 -11.26 -51.89 4.72
N SER D 325 -12.50 -52.31 4.90
CA SER D 325 -13.08 -52.52 6.20
C SER D 325 -12.49 -53.75 6.84
N THR D 326 -12.89 -53.98 8.10
CA THR D 326 -12.39 -55.16 8.79
C THR D 326 -10.88 -55.12 8.94
N MET D 327 -10.40 -53.99 9.38
CA MET D 327 -8.98 -53.82 9.62
C MET D 327 -8.77 -52.75 10.67
N LYS D 328 -7.79 -52.95 11.52
CA LYS D 328 -7.50 -51.98 12.55
C LYS D 328 -6.63 -50.86 12.04
N ILE D 329 -7.15 -49.65 12.09
CA ILE D 329 -6.42 -48.48 11.64
C ILE D 329 -6.18 -47.61 12.85
N LYS D 330 -4.92 -47.45 13.20
CA LYS D 330 -4.55 -46.85 14.46
C LYS D 330 -3.57 -45.71 14.32
N ILE D 331 -3.89 -44.61 14.95
CA ILE D 331 -3.03 -43.44 14.94
C ILE D 331 -2.42 -43.18 16.29
N ILE D 332 -1.12 -43.04 16.23
CA ILE D 332 -0.27 -42.82 17.37
C ILE D 332 0.13 -41.36 17.33
N ALA D 333 -0.24 -40.61 18.36
CA ALA D 333 0.02 -39.18 18.35
C ALA D 333 0.30 -38.69 19.77
N PRO D 334 1.48 -39.00 20.30
CA PRO D 334 1.90 -38.59 21.63
C PRO D 334 1.98 -37.09 21.65
N PRO D 335 1.86 -36.44 22.80
CA PRO D 335 1.91 -34.97 22.87
C PRO D 335 3.24 -34.35 22.44
N GLU D 336 4.35 -35.06 22.50
CA GLU D 336 5.65 -34.51 22.11
C GLU D 336 5.91 -34.58 20.61
N ARG D 337 4.87 -34.33 19.81
CA ARG D 337 5.04 -34.42 18.36
C ARG D 337 6.03 -33.39 17.88
N LYS D 338 6.15 -32.27 18.58
CA LYS D 338 7.12 -31.26 18.22
C LYS D 338 8.54 -31.69 18.51
N TYR D 339 8.74 -32.65 19.40
CA TYR D 339 10.08 -32.99 19.83
C TYR D 339 10.51 -34.40 19.50
N SER D 340 9.63 -35.22 18.93
CA SER D 340 10.00 -36.61 18.73
C SER D 340 11.22 -36.76 17.85
N VAL D 341 11.43 -35.84 16.91
CA VAL D 341 12.60 -35.97 16.06
C VAL D 341 13.86 -35.74 16.85
N TRP D 342 13.86 -34.69 17.66
CA TRP D 342 15.03 -34.41 18.45
C TRP D 342 15.31 -35.58 19.35
N ILE D 343 14.25 -36.12 19.93
CA ILE D 343 14.37 -37.24 20.84
C ILE D 343 14.94 -38.43 20.14
N GLY D 344 14.45 -38.74 18.94
CA GLY D 344 15.04 -39.84 18.23
C GLY D 344 16.53 -39.61 18.06
N GLY D 345 16.92 -38.38 17.76
CA GLY D 345 18.34 -38.09 17.63
C GLY D 345 19.06 -38.39 18.93
N SER D 346 18.44 -38.01 20.04
CA SER D 346 19.02 -38.18 21.35
C SER D 346 19.27 -39.65 21.65
N ILE D 347 18.34 -40.51 21.19
CA ILE D 347 18.45 -41.96 21.35
C ILE D 347 19.49 -42.55 20.46
N LEU D 348 19.39 -42.24 19.16
CA LEU D 348 20.24 -42.89 18.17
C LEU D 348 21.69 -42.64 18.47
N ALA D 349 22.03 -41.39 18.75
CA ALA D 349 23.39 -41.00 18.99
C ALA D 349 23.97 -41.64 20.23
N SER D 350 23.12 -42.15 21.09
CA SER D 350 23.54 -42.79 22.32
C SER D 350 23.66 -44.29 22.24
N LEU D 351 23.28 -44.91 21.13
CA LEU D 351 23.32 -46.36 21.06
C LEU D 351 24.73 -46.79 20.70
N SER D 352 25.22 -47.85 21.34
CA SER D 352 26.56 -48.36 21.00
C SER D 352 26.62 -48.85 19.58
N THR D 353 25.50 -49.36 19.09
CA THR D 353 25.33 -49.89 17.75
C THR D 353 25.54 -48.83 16.70
N PHE D 354 25.37 -47.58 17.08
CA PHE D 354 25.48 -46.45 16.18
C PHE D 354 26.85 -45.84 16.16
N GLN D 355 27.76 -46.32 16.98
CA GLN D 355 28.98 -45.54 17.05
C GLN D 355 29.93 -45.84 15.91
N GLN D 356 29.56 -46.79 15.07
CA GLN D 356 30.31 -47.06 13.87
C GLN D 356 29.73 -46.38 12.67
N MET D 357 28.64 -45.65 12.85
CA MET D 357 27.96 -45.00 11.75
C MET D 357 28.49 -43.61 11.50
N TRP D 358 29.26 -43.09 12.44
CA TRP D 358 29.76 -41.73 12.33
C TRP D 358 30.77 -41.62 11.24
N ILE D 359 30.72 -40.54 10.50
CA ILE D 359 31.78 -40.23 9.57
C ILE D 359 32.84 -39.56 10.39
N THR D 360 34.00 -40.16 10.46
CA THR D 360 35.08 -39.51 11.17
C THR D 360 35.65 -38.47 10.24
N LYS D 361 36.04 -37.32 10.77
CA LYS D 361 36.60 -36.32 9.87
C LYS D 361 37.71 -36.91 9.03
N GLN D 362 38.54 -37.74 9.65
CA GLN D 362 39.60 -38.41 8.90
C GLN D 362 39.08 -39.15 7.69
N GLU D 363 37.90 -39.78 7.78
CA GLU D 363 37.39 -40.53 6.65
C GLU D 363 36.91 -39.56 5.59
N TYR D 364 36.22 -38.51 6.02
CA TYR D 364 35.72 -37.52 5.07
C TYR D 364 36.86 -36.96 4.25
N ASP D 365 37.94 -36.62 4.93
CA ASP D 365 39.09 -36.01 4.29
C ASP D 365 39.77 -36.92 3.27
N GLU D 366 39.50 -38.23 3.28
CA GLU D 366 40.09 -39.12 2.30
C GLU D 366 39.08 -39.56 1.25
N ALA D 367 37.84 -39.77 1.67
CA ALA D 367 36.77 -40.26 0.81
C ALA D 367 36.11 -39.17 -0.01
N GLY D 368 36.05 -37.97 0.53
CA GLY D 368 35.33 -36.90 -0.10
C GLY D 368 33.87 -37.07 0.21
N PRO D 369 33.05 -36.19 -0.35
CA PRO D 369 31.61 -36.11 -0.09
C PRO D 369 30.81 -37.38 -0.35
N SER D 370 31.27 -38.29 -1.19
CA SER D 370 30.43 -39.47 -1.43
C SER D 370 30.12 -40.24 -0.16
N ILE D 371 30.94 -40.07 0.87
CA ILE D 371 30.78 -40.78 2.11
C ILE D 371 29.50 -40.37 2.85
N VAL D 372 28.97 -39.18 2.55
CA VAL D 372 27.83 -38.70 3.31
C VAL D 372 26.59 -39.42 2.89
N HIS D 373 26.67 -40.15 1.79
CA HIS D 373 25.51 -40.82 1.26
C HIS D 373 25.46 -42.26 1.70
N ARG D 374 26.31 -42.65 2.65
CA ARG D 374 26.15 -44.00 3.16
C ARG D 374 24.79 -43.97 3.80
N LYS D 375 23.92 -44.90 3.44
CA LYS D 375 22.55 -44.89 3.92
C LYS D 375 21.83 -43.62 3.47
N CYS D 376 22.17 -43.11 2.27
CA CYS D 376 21.52 -41.92 1.73
C CYS D 376 20.03 -41.98 1.86
N PHE D 377 19.47 -43.07 1.38
CA PHE D 377 18.05 -43.27 1.42
C PHE D 377 17.39 -42.13 0.68
N MET E 1 -10.19 -2.18 -29.86
CA MET E 1 -10.49 -1.94 -31.26
C MET E 1 -11.95 -1.48 -31.38
N GLY E 2 -12.56 -1.22 -30.25
CA GLY E 2 -13.95 -0.79 -30.19
C GLY E 2 -14.83 -1.90 -29.65
N VAL E 3 -15.81 -1.52 -28.85
CA VAL E 3 -16.67 -2.50 -28.19
C VAL E 3 -17.53 -3.26 -29.18
N ALA E 4 -18.05 -2.62 -30.21
CA ALA E 4 -18.89 -3.39 -31.12
C ALA E 4 -18.13 -4.55 -31.73
N ASP E 5 -16.87 -4.34 -32.02
CA ASP E 5 -16.04 -5.35 -32.65
C ASP E 5 -15.53 -6.35 -31.63
N LEU E 6 -15.23 -5.89 -30.42
CA LEU E 6 -14.78 -6.81 -29.39
C LEU E 6 -15.91 -7.72 -28.99
N ILE E 7 -17.15 -7.21 -28.99
CA ILE E 7 -18.27 -8.07 -28.71
C ILE E 7 -18.36 -9.12 -29.78
N LYS E 8 -18.30 -8.71 -31.04
CA LYS E 8 -18.40 -9.72 -32.09
C LYS E 8 -17.32 -10.78 -31.93
N LYS E 9 -16.10 -10.36 -31.59
CA LYS E 9 -15.03 -11.33 -31.41
C LYS E 9 -15.37 -12.32 -30.30
N PHE E 10 -15.83 -11.80 -29.16
CA PHE E 10 -16.11 -12.73 -28.06
C PHE E 10 -17.34 -13.55 -28.28
N GLU E 11 -18.34 -13.03 -28.98
CA GLU E 11 -19.51 -13.87 -29.20
C GLU E 11 -19.09 -15.02 -30.10
N SER E 12 -18.20 -14.73 -31.05
CA SER E 12 -17.77 -15.75 -31.98
C SER E 12 -16.99 -16.81 -31.23
N ILE E 13 -16.12 -16.38 -30.31
CA ILE E 13 -15.31 -17.33 -29.52
C ILE E 13 -16.22 -18.21 -28.67
N SER E 14 -17.24 -17.61 -28.04
CA SER E 14 -18.12 -18.38 -27.18
C SER E 14 -18.84 -19.45 -27.98
N LYS E 15 -19.36 -19.08 -29.15
CA LYS E 15 -20.10 -20.01 -29.99
C LYS E 15 -19.22 -21.12 -30.53
N GLU E 16 -18.01 -20.78 -30.94
CA GLU E 16 -17.09 -21.75 -31.51
C GLU E 16 -16.66 -22.72 -30.42
N THR F 7 -32.73 -0.67 -22.93
CA THR F 7 -32.59 -1.60 -21.81
C THR F 7 -31.14 -1.97 -21.62
N THR F 8 -30.29 -1.14 -22.20
CA THR F 8 -28.86 -1.29 -22.11
C THR F 8 -28.35 -1.24 -20.68
N ALA F 9 -27.53 -2.20 -20.31
CA ALA F 9 -27.02 -2.25 -18.95
C ALA F 9 -26.17 -1.02 -18.67
N LEU F 10 -26.23 -0.58 -17.43
CA LEU F 10 -25.35 0.48 -17.02
C LEU F 10 -24.06 -0.17 -16.56
N VAL F 11 -22.98 0.54 -16.81
CA VAL F 11 -21.65 0.07 -16.42
C VAL F 11 -21.03 1.14 -15.54
N CYS F 12 -20.57 0.78 -14.35
CA CYS F 12 -19.98 1.80 -13.48
C CYS F 12 -18.80 1.35 -12.64
N ASP F 13 -17.62 1.81 -13.05
CA ASP F 13 -16.36 1.48 -12.41
C ASP F 13 -16.09 2.46 -11.29
N ASN F 14 -16.64 2.14 -10.12
CA ASN F 14 -16.54 3.02 -8.96
C ASN F 14 -15.20 2.85 -8.29
N GLY F 15 -14.19 3.36 -8.95
CA GLY F 15 -12.87 3.24 -8.40
C GLY F 15 -12.64 4.26 -7.31
N SER F 16 -11.44 4.18 -6.75
CA SER F 16 -11.06 5.04 -5.65
C SER F 16 -10.68 6.43 -6.13
N GLY F 17 -10.26 6.55 -7.37
CA GLY F 17 -9.84 7.83 -7.90
C GLY F 17 -10.97 8.48 -8.65
N LEU F 18 -11.32 7.88 -9.78
CA LEU F 18 -12.35 8.39 -10.65
C LEU F 18 -13.50 7.43 -10.77
N VAL F 19 -14.67 7.97 -11.07
CA VAL F 19 -15.82 7.13 -11.32
C VAL F 19 -16.06 7.09 -12.79
N LYS F 20 -15.91 5.94 -13.41
CA LYS F 20 -16.15 5.90 -14.83
C LYS F 20 -17.45 5.19 -15.09
N ALA F 21 -18.41 5.90 -15.66
CA ALA F 21 -19.72 5.30 -15.82
C ALA F 21 -20.39 5.69 -17.12
N GLY F 22 -21.22 4.78 -17.58
CA GLY F 22 -21.96 4.98 -18.80
C GLY F 22 -22.77 3.75 -19.13
N PHE F 23 -22.95 3.52 -20.42
CA PHE F 23 -23.78 2.44 -20.88
C PHE F 23 -22.97 1.36 -21.56
N ALA F 24 -23.45 0.13 -21.41
CA ALA F 24 -22.88 -1.02 -22.05
C ALA F 24 -22.98 -0.90 -23.55
N GLY F 25 -22.07 -1.57 -24.24
CA GLY F 25 -22.08 -1.52 -25.68
C GLY F 25 -21.53 -0.24 -26.29
N ASP F 26 -20.61 0.44 -25.62
CA ASP F 26 -20.10 1.71 -26.16
C ASP F 26 -18.60 1.81 -25.87
N ASP F 27 -17.95 2.87 -26.36
CA ASP F 27 -16.48 2.94 -26.26
C ASP F 27 -15.94 3.88 -25.20
N ALA F 28 -16.79 4.51 -24.40
CA ALA F 28 -16.25 5.41 -23.41
C ALA F 28 -17.28 5.64 -22.34
N PRO F 29 -16.84 5.90 -21.14
CA PRO F 29 -17.74 6.34 -20.08
C PRO F 29 -18.21 7.72 -20.44
N ARG F 30 -19.38 8.08 -19.96
CA ARG F 30 -19.89 9.41 -20.18
C ARG F 30 -19.61 10.27 -18.97
N ALA F 31 -19.51 9.64 -17.82
CA ALA F 31 -19.23 10.29 -16.57
C ALA F 31 -17.82 9.89 -16.15
N VAL F 32 -16.94 10.88 -15.96
CA VAL F 32 -15.55 10.56 -15.59
C VAL F 32 -15.09 11.50 -14.47
N PHE F 33 -15.98 11.81 -13.57
CA PHE F 33 -15.69 12.75 -12.51
C PHE F 33 -14.99 11.99 -11.39
N PRO F 34 -14.26 12.69 -10.52
CA PRO F 34 -13.54 12.07 -9.39
C PRO F 34 -14.44 11.64 -8.24
N SER F 35 -13.98 10.60 -7.53
CA SER F 35 -14.69 10.02 -6.39
C SER F 35 -14.45 10.88 -5.15
N ILE F 36 -14.86 12.14 -5.24
CA ILE F 36 -14.58 13.08 -4.17
C ILE F 36 -15.82 13.77 -3.66
N VAL F 37 -15.96 13.78 -2.35
CA VAL F 37 -17.06 14.51 -1.75
C VAL F 37 -16.40 15.51 -0.83
N GLY F 38 -16.72 16.77 -1.02
CA GLY F 38 -16.11 17.78 -0.20
C GLY F 38 -17.16 18.50 0.62
N ARG F 39 -16.74 19.06 1.74
CA ARG F 39 -17.62 19.83 2.58
C ARG F 39 -16.90 21.09 3.03
N PRO F 40 -17.63 22.20 3.19
CA PRO F 40 -17.05 23.47 3.63
C PRO F 40 -16.34 23.31 4.93
N ARG F 41 -15.18 23.96 5.00
CA ARG F 41 -14.40 23.94 6.22
C ARG F 41 -14.35 25.32 6.84
N HIS F 42 -15.21 26.21 6.37
CA HIS F 42 -15.24 27.57 6.84
C HIS F 42 -16.66 28.05 7.07
N GLN F 43 -16.80 29.02 7.97
CA GLN F 43 -18.09 29.68 8.21
C GLN F 43 -18.71 30.29 6.98
N GLY F 44 -19.96 29.94 6.69
CA GLY F 44 -20.65 30.61 5.61
C GLY F 44 -21.18 31.94 6.11
N VAL F 45 -21.06 33.00 5.31
CA VAL F 45 -21.61 34.29 5.71
C VAL F 45 -22.67 34.80 4.75
N MET F 46 -22.48 34.57 3.44
CA MET F 46 -23.45 35.15 2.52
C MET F 46 -24.60 34.18 2.39
N VAL F 47 -25.49 34.23 3.39
CA VAL F 47 -26.59 33.29 3.46
C VAL F 47 -27.47 33.42 2.23
N GLY F 48 -27.52 34.63 1.67
CA GLY F 48 -28.32 34.96 0.53
C GLY F 48 -27.93 34.24 -0.74
N MET F 49 -26.83 33.50 -0.76
CA MET F 49 -26.53 32.80 -2.01
C MET F 49 -26.95 31.33 -2.01
N GLY F 50 -27.61 30.81 -0.98
CA GLY F 50 -28.02 29.41 -1.11
C GLY F 50 -26.87 28.40 -1.03
N GLN F 51 -25.96 28.61 -0.10
CA GLN F 51 -24.77 27.80 0.06
C GLN F 51 -25.08 26.35 0.38
N LYS F 52 -24.27 25.44 -0.15
CA LYS F 52 -24.45 24.01 0.06
C LYS F 52 -23.65 23.47 1.23
N ASP F 53 -24.08 22.32 1.70
CA ASP F 53 -23.41 21.54 2.73
C ASP F 53 -22.32 20.65 2.19
N SER F 54 -22.48 20.21 0.95
CA SER F 54 -21.50 19.31 0.35
C SER F 54 -21.46 19.52 -1.15
N TYR F 55 -20.35 19.14 -1.73
CA TYR F 55 -20.12 19.26 -3.16
C TYR F 55 -19.59 17.94 -3.71
N VAL F 56 -19.92 17.61 -4.97
CA VAL F 56 -19.49 16.30 -5.48
C VAL F 56 -18.75 16.32 -6.82
N GLY F 57 -17.62 15.62 -6.83
CA GLY F 57 -16.85 15.39 -8.04
C GLY F 57 -16.26 16.66 -8.58
N ASP F 58 -16.54 16.93 -9.85
CA ASP F 58 -16.02 18.12 -10.49
C ASP F 58 -16.50 19.35 -9.76
N GLU F 59 -17.72 19.29 -9.24
CA GLU F 59 -18.23 20.40 -8.47
C GLU F 59 -17.33 20.69 -7.30
N ALA F 60 -16.91 19.62 -6.63
CA ALA F 60 -16.07 19.76 -5.45
C ALA F 60 -14.69 20.23 -5.81
N GLN F 61 -14.13 19.72 -6.91
CA GLN F 61 -12.76 20.14 -7.17
C GLN F 61 -12.74 21.59 -7.59
N SER F 62 -13.81 22.04 -8.24
CA SER F 62 -13.89 23.43 -8.67
C SER F 62 -13.94 24.41 -7.51
N LYS F 63 -14.21 23.93 -6.31
CA LYS F 63 -14.29 24.74 -5.11
C LYS F 63 -13.34 24.23 -4.05
N ARG F 64 -12.34 23.44 -4.47
CA ARG F 64 -11.50 22.73 -3.53
C ARG F 64 -10.82 23.60 -2.48
N GLY F 65 -10.46 24.83 -2.80
CA GLY F 65 -9.77 25.63 -1.81
C GLY F 65 -10.57 25.92 -0.55
N ILE F 66 -11.86 25.62 -0.51
CA ILE F 66 -12.63 25.84 0.70
C ILE F 66 -13.23 24.55 1.24
N LEU F 67 -12.85 23.40 0.69
CA LEU F 67 -13.45 22.15 1.11
C LEU F 67 -12.43 21.15 1.63
N THR F 68 -12.82 20.36 2.64
CA THR F 68 -11.93 19.28 3.04
C THR F 68 -12.26 18.11 2.15
N LEU F 69 -11.74 18.14 0.95
CA LEU F 69 -12.03 17.08 -0.01
C LEU F 69 -11.57 15.74 0.54
N LYS F 70 -12.46 14.75 0.50
CA LYS F 70 -12.14 13.41 0.92
C LYS F 70 -12.64 12.38 -0.08
N TYR F 71 -11.94 11.28 -0.14
CA TYR F 71 -12.38 10.18 -0.95
C TYR F 71 -13.13 9.18 -0.08
N PRO F 72 -14.27 8.67 -0.56
CA PRO F 72 -15.04 7.63 0.14
C PRO F 72 -14.36 6.28 0.08
N ILE F 73 -13.48 6.06 -0.88
CA ILE F 73 -12.83 4.79 -1.11
C ILE F 73 -11.34 4.93 -0.93
N GLU F 74 -10.76 4.07 -0.11
CA GLU F 74 -9.33 4.08 0.09
C GLU F 74 -8.77 2.69 -0.03
N GLY F 76 -9.11 0.76 -2.40
CA GLY F 76 -10.10 -0.10 -3.03
C GLY F 76 -11.28 -0.46 -2.16
N ILE F 77 -11.27 -0.03 -0.91
CA ILE F 77 -12.34 -0.39 0.03
C ILE F 77 -13.23 0.81 0.28
N ILE F 78 -14.54 0.61 0.28
CA ILE F 78 -15.41 1.74 0.56
C ILE F 78 -15.47 1.89 2.06
N THR F 79 -15.12 3.06 2.55
CA THR F 79 -15.15 3.27 3.98
C THR F 79 -16.25 4.22 4.38
N ASN F 80 -16.68 5.07 3.47
CA ASN F 80 -17.72 6.02 3.80
C ASN F 80 -18.90 5.80 2.89
N TRP F 81 -19.89 5.11 3.43
CA TRP F 81 -21.04 4.71 2.64
C TRP F 81 -22.00 5.85 2.37
N ASP F 82 -22.06 6.85 3.25
CA ASP F 82 -22.95 7.96 2.95
C ASP F 82 -22.42 8.75 1.79
N ASP F 83 -21.11 8.93 1.78
CA ASP F 83 -20.51 9.63 0.68
C ASP F 83 -20.61 8.81 -0.57
N MET F 84 -20.53 7.49 -0.44
CA MET F 84 -20.63 6.69 -1.64
C MET F 84 -22.02 6.75 -2.22
N GLU F 85 -23.06 6.82 -1.39
CA GLU F 85 -24.38 6.93 -1.99
C GLU F 85 -24.50 8.25 -2.71
N LYS F 86 -23.86 9.31 -2.19
CA LYS F 86 -23.92 10.58 -2.91
C LYS F 86 -23.27 10.44 -4.28
N ILE F 87 -22.14 9.74 -4.34
CA ILE F 87 -21.47 9.56 -5.62
C ILE F 87 -22.38 8.87 -6.59
N TRP F 88 -23.00 7.78 -6.13
CA TRP F 88 -23.89 7.02 -7.00
C TRP F 88 -25.08 7.85 -7.40
N HIS F 89 -25.68 8.55 -6.46
CA HIS F 89 -26.84 9.34 -6.76
C HIS F 89 -26.54 10.30 -7.88
N HIS F 90 -25.44 11.02 -7.76
CA HIS F 90 -25.15 11.96 -8.82
C HIS F 90 -24.84 11.23 -10.10
N THR F 91 -24.12 10.12 -10.03
CA THR F 91 -23.78 9.42 -11.25
C THR F 91 -25.05 9.07 -12.02
N PHE F 92 -26.04 8.52 -11.32
CA PHE F 92 -27.24 8.07 -12.00
C PHE F 92 -28.11 9.22 -12.46
N TYR F 93 -28.33 10.21 -11.62
CA TYR F 93 -29.33 11.18 -12.00
C TYR F 93 -28.78 12.45 -12.62
N ASN F 94 -27.59 12.89 -12.24
CA ASN F 94 -27.08 14.15 -12.74
C ASN F 94 -26.02 13.99 -13.81
N GLU F 95 -25.26 12.91 -13.77
CA GLU F 95 -24.19 12.72 -14.74
C GLU F 95 -24.70 11.93 -15.95
N LEU F 96 -25.34 10.79 -15.71
CA LEU F 96 -25.82 9.97 -16.81
C LEU F 96 -27.27 10.25 -17.16
N ARG F 97 -28.00 10.93 -16.29
CA ARG F 97 -29.40 11.28 -16.51
C ARG F 97 -30.27 10.05 -16.80
N VAL F 98 -30.14 9.00 -16.00
CA VAL F 98 -30.85 7.75 -16.23
C VAL F 98 -31.54 7.22 -14.98
N ALA F 99 -32.74 6.68 -15.15
CA ALA F 99 -33.45 6.06 -14.03
C ALA F 99 -32.89 4.66 -13.78
N PRO F 100 -32.27 4.41 -12.62
CA PRO F 100 -31.68 3.09 -12.30
C PRO F 100 -32.65 1.94 -12.43
N GLU F 101 -33.94 2.18 -12.18
CA GLU F 101 -34.93 1.13 -12.26
C GLU F 101 -35.07 0.54 -13.64
N GLU F 102 -34.62 1.25 -14.65
CA GLU F 102 -34.85 0.82 -16.02
C GLU F 102 -33.69 0.01 -16.58
N HIS F 103 -32.57 -0.12 -15.85
CA HIS F 103 -31.41 -0.80 -16.40
C HIS F 103 -30.68 -1.66 -15.36
N PRO F 104 -30.22 -2.85 -15.74
CA PRO F 104 -29.39 -3.68 -14.86
C PRO F 104 -28.03 -3.02 -14.74
N THR F 105 -27.27 -3.27 -13.65
CA THR F 105 -26.00 -2.54 -13.52
C THR F 105 -24.80 -3.44 -13.19
N LEU F 106 -23.73 -3.22 -13.95
CA LEU F 106 -22.46 -3.90 -13.75
C LEU F 106 -21.48 -3.04 -12.98
N LEU F 107 -21.09 -3.52 -11.80
CA LEU F 107 -20.14 -2.79 -10.97
C LEU F 107 -18.85 -3.57 -10.85
N THR F 108 -17.80 -2.90 -10.43
CA THR F 108 -16.49 -3.50 -10.31
C THR F 108 -15.90 -3.39 -8.91
N GLU F 109 -14.92 -4.26 -8.65
CA GLU F 109 -14.17 -4.25 -7.40
C GLU F 109 -12.82 -4.93 -7.56
N ALA F 110 -11.90 -4.58 -6.67
CA ALA F 110 -10.59 -5.20 -6.61
C ALA F 110 -10.71 -6.65 -6.14
N PRO F 111 -9.80 -7.51 -6.57
CA PRO F 111 -9.72 -8.88 -6.07
C PRO F 111 -9.19 -8.80 -4.67
N LEU F 112 -9.48 -9.82 -3.89
CA LEU F 112 -8.94 -9.92 -2.54
C LEU F 112 -9.31 -8.71 -1.70
N ASN F 113 -10.53 -8.25 -1.83
CA ASN F 113 -11.00 -7.13 -1.05
C ASN F 113 -11.79 -7.79 0.09
N PRO F 114 -12.32 -7.04 1.06
CA PRO F 114 -13.19 -7.62 2.09
C PRO F 114 -14.48 -8.09 1.46
N LYS F 115 -15.04 -9.20 1.93
CA LYS F 115 -16.31 -9.61 1.32
C LYS F 115 -17.40 -8.60 1.56
N ALA F 116 -17.37 -7.99 2.73
CA ALA F 116 -18.41 -7.05 3.10
C ALA F 116 -18.53 -5.91 2.12
N ASN F 117 -17.46 -5.57 1.43
CA ASN F 117 -17.51 -4.45 0.52
C ASN F 117 -18.48 -4.76 -0.61
N ARG F 118 -18.47 -6.01 -1.07
CA ARG F 118 -19.33 -6.47 -2.15
C ARG F 118 -20.75 -6.60 -1.66
N GLU F 119 -20.89 -7.11 -0.45
CA GLU F 119 -22.22 -7.34 0.08
C GLU F 119 -22.96 -6.04 0.34
N LYS F 120 -22.26 -5.06 0.90
CA LYS F 120 -22.88 -3.77 1.17
C LYS F 120 -23.21 -3.05 -0.12
N MET F 121 -22.29 -3.07 -1.08
CA MET F 121 -22.56 -2.43 -2.36
C MET F 121 -23.80 -3.03 -2.99
N THR F 122 -23.93 -4.34 -2.91
CA THR F 122 -25.10 -5.00 -3.46
C THR F 122 -26.36 -4.56 -2.77
N GLN F 123 -26.35 -4.53 -1.44
CA GLN F 123 -27.54 -4.12 -0.73
C GLN F 123 -28.01 -2.76 -1.20
N ILE F 124 -27.08 -1.83 -1.35
CA ILE F 124 -27.47 -0.48 -1.76
C ILE F 124 -28.06 -0.49 -3.15
N MET F 125 -27.44 -1.18 -4.08
CA MET F 125 -28.00 -1.13 -5.42
C MET F 125 -29.41 -1.72 -5.46
N PHE F 126 -29.66 -2.78 -4.71
CA PHE F 126 -30.99 -3.35 -4.76
C PHE F 126 -32.01 -2.58 -3.93
N GLU F 127 -31.62 -2.03 -2.79
CA GLU F 127 -32.58 -1.40 -1.89
C GLU F 127 -32.69 0.12 -2.02
N THR F 128 -31.64 0.81 -2.42
CA THR F 128 -31.69 2.26 -2.56
C THR F 128 -31.92 2.68 -3.98
N PHE F 129 -31.30 2.01 -4.92
CA PHE F 129 -31.48 2.41 -6.30
C PHE F 129 -32.42 1.52 -7.06
N ASN F 130 -32.94 0.48 -6.41
CA ASN F 130 -33.92 -0.39 -7.02
C ASN F 130 -33.46 -0.95 -8.35
N VAL F 131 -32.19 -1.30 -8.45
CA VAL F 131 -31.74 -1.82 -9.75
C VAL F 131 -32.44 -3.16 -9.96
N PRO F 132 -32.96 -3.47 -11.15
CA PRO F 132 -33.59 -4.78 -11.39
C PRO F 132 -32.64 -5.95 -11.36
N ALA F 133 -31.35 -5.70 -11.60
CA ALA F 133 -30.36 -6.78 -11.59
C ALA F 133 -28.97 -6.24 -11.40
N MET F 134 -28.08 -7.09 -10.91
CA MET F 134 -26.73 -6.64 -10.65
C MET F 134 -25.66 -7.70 -10.84
N TYR F 135 -24.47 -7.27 -11.24
CA TYR F 135 -23.34 -8.19 -11.29
C TYR F 135 -22.09 -7.45 -10.91
N VAL F 136 -21.19 -8.10 -10.18
CA VAL F 136 -19.93 -7.46 -9.84
C VAL F 136 -18.75 -8.20 -10.43
N ALA F 137 -17.91 -7.46 -11.15
CA ALA F 137 -16.75 -7.98 -11.85
C ALA F 137 -15.44 -7.51 -11.26
N ILE F 138 -14.41 -8.29 -11.53
CA ILE F 138 -13.04 -7.97 -11.14
C ILE F 138 -12.36 -7.26 -12.31
N GLN F 139 -11.77 -6.09 -12.05
CA GLN F 139 -11.18 -5.29 -13.14
C GLN F 139 -10.12 -6.04 -13.90
N ALA F 140 -9.37 -6.87 -13.22
CA ALA F 140 -8.32 -7.57 -13.94
C ALA F 140 -8.90 -8.45 -15.03
N VAL F 141 -10.10 -8.95 -14.84
CA VAL F 141 -10.71 -9.79 -15.85
C VAL F 141 -11.22 -8.93 -16.98
N LEU F 142 -11.85 -7.81 -16.60
CA LEU F 142 -12.40 -6.93 -17.60
C LEU F 142 -11.31 -6.39 -18.50
N SER F 143 -10.12 -6.21 -17.95
CA SER F 143 -9.02 -5.70 -18.73
C SER F 143 -8.59 -6.66 -19.82
N LEU F 144 -8.86 -7.97 -19.69
CA LEU F 144 -8.50 -8.81 -20.81
C LEU F 144 -9.59 -8.80 -21.84
N TYR F 145 -10.86 -8.72 -21.39
CA TYR F 145 -11.89 -8.64 -22.42
C TYR F 145 -11.62 -7.44 -23.32
N ALA F 146 -11.22 -6.34 -22.70
CA ALA F 146 -10.92 -5.10 -23.39
C ALA F 146 -9.68 -5.19 -24.25
N SER F 147 -8.86 -6.20 -24.04
CA SER F 147 -7.63 -6.36 -24.79
C SER F 147 -7.82 -7.38 -25.91
N GLY F 148 -9.03 -7.93 -26.02
CA GLY F 148 -9.35 -8.91 -27.03
C GLY F 148 -8.75 -10.27 -26.80
N ARG F 149 -8.48 -10.66 -25.56
CA ARG F 149 -7.82 -11.95 -25.40
C ARG F 149 -8.27 -12.65 -24.13
N THR F 150 -8.00 -13.96 -24.07
CA THR F 150 -8.36 -14.80 -22.94
C THR F 150 -7.16 -15.24 -22.12
N THR F 151 -5.97 -14.77 -22.46
CA THR F 151 -4.78 -15.21 -21.75
C THR F 151 -3.88 -14.03 -21.43
N GLY F 152 -3.30 -14.03 -20.24
CA GLY F 152 -2.33 -13.04 -19.85
C GLY F 152 -2.45 -12.62 -18.41
N ILE F 153 -1.55 -11.75 -17.98
CA ILE F 153 -1.59 -11.18 -16.64
C ILE F 153 -1.93 -9.76 -16.72
N VAL F 154 -2.96 -9.39 -16.01
CA VAL F 154 -3.26 -7.99 -15.97
C VAL F 154 -2.67 -7.36 -14.74
N LEU F 155 -1.87 -6.34 -14.99
CA LEU F 155 -1.32 -5.49 -13.96
C LEU F 155 -2.13 -4.22 -13.96
N ASP F 156 -3.05 -4.14 -13.02
CA ASP F 156 -3.97 -3.01 -12.94
C ASP F 156 -3.48 -2.11 -11.83
N SER F 157 -2.99 -0.94 -12.18
CA SER F 157 -2.43 -0.11 -11.14
C SER F 157 -3.10 1.24 -11.21
N GLY F 158 -3.95 1.51 -10.24
CA GLY F 158 -4.71 2.73 -10.20
C GLY F 158 -4.33 3.58 -9.02
N ASP F 159 -5.27 4.42 -8.59
CA ASP F 159 -5.12 5.32 -7.45
C ASP F 159 -5.22 4.55 -6.13
N GLY F 160 -6.05 3.52 -6.11
CA GLY F 160 -6.34 2.73 -4.93
C GLY F 160 -5.34 1.62 -4.72
N VAL F 161 -5.41 0.54 -5.50
CA VAL F 161 -4.49 -0.57 -5.32
C VAL F 161 -3.87 -1.01 -6.63
N THR F 162 -2.82 -1.82 -6.50
CA THR F 162 -2.16 -2.43 -7.65
C THR F 162 -2.31 -3.93 -7.57
N HIS F 163 -2.80 -4.56 -8.64
CA HIS F 163 -2.92 -6.01 -8.57
C HIS F 163 -2.63 -6.74 -9.87
N ASN F 164 -2.24 -8.01 -9.69
CA ASN F 164 -1.85 -8.92 -10.75
C ASN F 164 -2.71 -10.16 -10.77
N VAL F 165 -3.46 -10.35 -11.84
CA VAL F 165 -4.27 -11.55 -11.94
C VAL F 165 -4.04 -12.29 -13.25
N PRO F 166 -3.30 -13.41 -13.20
CA PRO F 166 -3.10 -14.28 -14.36
C PRO F 166 -4.35 -15.05 -14.70
N ILE F 167 -4.63 -15.10 -16.01
CA ILE F 167 -5.71 -15.84 -16.61
C ILE F 167 -5.12 -16.69 -17.74
N TYR F 168 -5.56 -17.93 -17.87
CA TYR F 168 -5.10 -18.75 -18.98
C TYR F 168 -6.27 -19.45 -19.62
N GLU F 169 -6.49 -19.18 -20.92
CA GLU F 169 -7.63 -19.76 -21.61
C GLU F 169 -8.92 -19.48 -20.85
N GLY F 170 -8.99 -18.28 -20.28
CA GLY F 170 -10.14 -17.81 -19.54
C GLY F 170 -10.25 -18.37 -18.15
N TYR F 171 -9.34 -19.25 -17.74
CA TYR F 171 -9.46 -19.79 -16.42
C TYR F 171 -8.56 -18.97 -15.54
N ALA F 172 -9.00 -18.72 -14.34
CA ALA F 172 -8.17 -17.90 -13.52
C ALA F 172 -7.29 -18.74 -12.66
N LEU F 173 -6.20 -18.16 -12.22
CA LEU F 173 -5.29 -18.85 -11.32
C LEU F 173 -5.24 -18.10 -10.01
N PRO F 174 -6.30 -18.18 -9.18
CA PRO F 174 -6.45 -17.32 -7.99
C PRO F 174 -5.36 -17.43 -6.97
N HIS F 175 -4.68 -18.56 -6.89
CA HIS F 175 -3.62 -18.68 -5.91
C HIS F 175 -2.40 -17.87 -6.29
N ALA F 176 -2.39 -17.36 -7.51
CA ALA F 176 -1.30 -16.55 -8.02
C ALA F 176 -1.64 -15.07 -8.04
N ILE F 177 -2.73 -14.66 -7.39
CA ILE F 177 -3.06 -13.24 -7.40
C ILE F 177 -2.15 -12.52 -6.46
N MET F 178 -1.55 -11.45 -6.96
CA MET F 178 -0.72 -10.66 -6.10
C MET F 178 -1.36 -9.30 -5.95
N ARG F 179 -1.31 -8.77 -4.74
CA ARG F 179 -1.87 -7.45 -4.53
C ARG F 179 -0.97 -6.61 -3.65
N LEU F 180 -0.75 -5.39 -4.08
CA LEU F 180 -0.03 -4.42 -3.32
C LEU F 180 -0.96 -3.27 -3.00
N ASP F 181 -0.80 -2.71 -1.82
CA ASP F 181 -1.56 -1.53 -1.47
C ASP F 181 -0.76 -0.29 -1.70
N LEU F 182 0.08 -0.37 -2.72
CA LEU F 182 0.88 0.71 -3.25
C LEU F 182 0.23 1.18 -4.53
N ALA F 183 -0.17 2.44 -4.56
CA ALA F 183 -0.90 2.94 -5.70
C ALA F 183 -0.68 4.42 -5.92
N GLY F 184 -1.36 4.97 -6.93
CA GLY F 184 -1.16 6.36 -7.31
C GLY F 184 -1.36 7.34 -6.17
N ARG F 185 -2.27 7.04 -5.25
CA ARG F 185 -2.47 7.95 -4.13
C ARG F 185 -1.25 8.00 -3.23
N ASP F 186 -0.48 6.92 -3.16
CA ASP F 186 0.70 6.89 -2.31
C ASP F 186 1.83 7.56 -3.01
N LEU F 187 1.87 7.40 -4.32
CA LEU F 187 2.91 8.06 -5.07
C LEU F 187 2.73 9.54 -4.92
N THR F 188 1.47 9.97 -4.93
CA THR F 188 1.15 11.37 -4.75
C THR F 188 1.58 11.84 -3.38
N ASP F 189 1.28 11.05 -2.34
CA ASP F 189 1.69 11.44 -1.00
C ASP F 189 3.20 11.52 -0.91
N TYR F 190 3.88 10.57 -1.53
CA TYR F 190 5.34 10.58 -1.54
C TYR F 190 5.85 11.81 -2.23
N LEU F 191 5.25 12.17 -3.36
CA LEU F 191 5.67 13.38 -4.06
C LEU F 191 5.44 14.59 -3.18
N MET F 192 4.32 14.65 -2.46
CA MET F 192 4.13 15.80 -1.59
C MET F 192 5.31 15.90 -0.63
N LYS F 193 5.78 14.76 -0.13
CA LYS F 193 6.89 14.82 0.82
C LYS F 193 8.20 15.16 0.12
N ILE F 194 8.47 14.56 -1.04
CA ILE F 194 9.78 14.73 -1.67
C ILE F 194 9.99 16.19 -2.09
N LEU F 195 8.91 16.88 -2.47
CA LEU F 195 9.03 18.27 -2.91
C LEU F 195 9.50 19.19 -1.79
N THR F 196 9.43 18.70 -0.55
CA THR F 196 9.91 19.41 0.62
C THR F 196 11.36 19.77 0.47
N GLU F 197 12.12 18.89 -0.15
CA GLU F 197 13.56 19.07 -0.25
C GLU F 197 13.93 20.37 -0.95
N ARG F 198 13.11 20.83 -1.89
CA ARG F 198 13.39 22.02 -2.67
C ARG F 198 12.65 23.22 -2.10
N GLY F 199 12.04 23.02 -0.94
CA GLY F 199 11.34 24.05 -0.24
C GLY F 199 9.88 24.20 -0.57
N TYR F 200 9.28 23.31 -1.30
CA TYR F 200 7.89 23.54 -1.62
C TYR F 200 7.07 22.79 -0.60
N SER F 201 5.95 23.36 -0.17
CA SER F 201 5.22 22.63 0.84
C SER F 201 3.72 22.57 0.61
N PHE F 202 3.28 21.38 0.26
CA PHE F 202 1.89 21.11 -0.05
C PHE F 202 1.34 20.26 1.07
N VAL F 203 0.34 20.79 1.76
CA VAL F 203 -0.20 20.18 2.96
C VAL F 203 -1.66 19.81 2.83
N THR F 204 -2.49 20.73 2.35
CA THR F 204 -3.93 20.54 2.41
C THR F 204 -4.37 19.62 1.31
N THR F 205 -5.63 19.20 1.42
CA THR F 205 -6.19 18.32 0.42
C THR F 205 -6.31 19.02 -0.93
N ALA F 206 -6.56 20.34 -0.94
CA ALA F 206 -6.57 21.01 -2.23
C ALA F 206 -5.19 20.96 -2.83
N GLU F 207 -4.19 21.12 -1.98
CA GLU F 207 -2.80 21.05 -2.40
C GLU F 207 -2.45 19.65 -2.85
N ARG F 208 -3.02 18.64 -2.20
CA ARG F 208 -2.81 17.28 -2.67
C ARG F 208 -3.25 17.12 -4.10
N GLU F 209 -4.39 17.72 -4.45
CA GLU F 209 -4.86 17.61 -5.83
C GLU F 209 -3.92 18.37 -6.78
N ILE F 210 -3.36 19.49 -6.31
CA ILE F 210 -2.39 20.20 -7.14
C ILE F 210 -1.20 19.33 -7.39
N VAL F 211 -0.70 18.69 -6.34
CA VAL F 211 0.48 17.85 -6.49
C VAL F 211 0.17 16.69 -7.41
N ARG F 212 -1.03 16.14 -7.30
CA ARG F 212 -1.41 15.10 -8.24
C ARG F 212 -1.28 15.60 -9.67
N ASP F 213 -1.81 16.81 -9.95
CA ASP F 213 -1.69 17.33 -11.31
C ASP F 213 -0.24 17.45 -11.74
N ILE F 214 0.62 17.85 -10.82
CA ILE F 214 2.02 17.95 -11.15
C ILE F 214 2.56 16.60 -11.54
N LYS F 215 2.30 15.58 -10.71
CA LYS F 215 2.77 14.22 -10.97
C LYS F 215 2.42 13.78 -12.37
N GLU F 216 1.18 14.05 -12.74
CA GLU F 216 0.63 13.60 -14.02
C GLU F 216 1.32 14.25 -15.20
N LYS F 217 1.83 15.48 -15.04
CA LYS F 217 2.48 16.13 -16.16
C LYS F 217 4.00 16.05 -16.17
N LEU F 218 4.65 15.99 -15.02
CA LEU F 218 6.10 16.03 -15.04
C LEU F 218 6.80 14.69 -14.79
N CYS F 219 6.18 13.74 -14.13
CA CYS F 219 6.93 12.56 -13.78
C CYS F 219 7.09 11.56 -14.91
N TYR F 220 8.19 10.84 -14.86
CA TYR F 220 8.50 9.81 -15.82
C TYR F 220 9.29 8.71 -15.14
N VAL F 221 9.37 7.56 -15.79
CA VAL F 221 10.08 6.45 -15.23
C VAL F 221 11.50 6.41 -15.76
N ALA F 222 12.46 6.39 -14.87
CA ALA F 222 13.85 6.25 -15.28
C ALA F 222 14.05 4.86 -15.83
N LEU F 223 14.79 4.72 -16.93
CA LEU F 223 15.00 3.35 -17.37
C LEU F 223 16.27 2.82 -16.73
N ASP F 224 16.95 3.72 -16.04
CA ASP F 224 18.16 3.45 -15.29
C ASP F 224 18.16 4.49 -14.18
N PHE F 225 17.75 4.06 -12.99
CA PHE F 225 17.57 5.01 -11.91
C PHE F 225 18.88 5.68 -11.52
N GLU F 226 19.94 4.90 -11.41
CA GLU F 226 21.19 5.50 -10.97
C GLU F 226 21.72 6.47 -12.00
N ASN F 227 21.56 6.17 -13.29
CA ASN F 227 22.06 7.13 -14.26
C ASN F 227 21.24 8.40 -14.24
N GLU F 228 19.93 8.30 -14.01
CA GLU F 228 19.16 9.53 -13.96
C GLU F 228 19.56 10.34 -12.74
N MET F 229 19.86 9.68 -11.63
CA MET F 229 20.30 10.42 -10.44
C MET F 229 21.62 11.11 -10.71
N ALA F 230 22.55 10.40 -11.34
CA ALA F 230 23.86 10.98 -11.64
C ALA F 230 23.73 12.16 -12.59
N THR F 231 22.81 12.03 -13.53
CA THR F 231 22.54 13.10 -14.46
C THR F 231 21.94 14.28 -13.74
N ALA F 232 20.94 14.05 -12.90
CA ALA F 232 20.30 15.17 -12.23
C ALA F 232 21.30 15.92 -11.37
N ALA F 233 22.18 15.17 -10.72
CA ALA F 233 23.18 15.74 -9.83
C ALA F 233 24.18 16.60 -10.55
N SER F 234 24.24 16.46 -11.87
CA SER F 234 25.20 17.20 -12.65
C SER F 234 24.54 18.03 -13.76
N SER F 235 23.21 18.16 -13.77
CA SER F 235 22.60 18.86 -14.89
C SER F 235 21.23 19.48 -14.64
N SER F 236 21.00 20.63 -15.27
CA SER F 236 19.73 21.32 -15.25
C SER F 236 18.80 20.85 -16.35
N SER F 237 19.27 19.94 -17.20
CA SER F 237 18.50 19.50 -18.36
C SER F 237 17.27 18.69 -17.98
N LEU F 238 17.23 18.17 -16.77
CA LEU F 238 16.08 17.40 -16.33
C LEU F 238 15.09 18.24 -15.55
N GLU F 239 15.39 19.52 -15.35
CA GLU F 239 14.50 20.34 -14.55
C GLU F 239 13.36 20.89 -15.38
N LYS F 240 12.17 20.92 -14.78
CA LYS F 240 11.02 21.47 -15.46
C LYS F 240 10.26 22.41 -14.55
N SER F 241 9.64 23.41 -15.16
CA SER F 241 8.83 24.30 -14.37
C SER F 241 7.37 23.94 -14.50
N TYR F 242 6.61 24.37 -13.50
CA TYR F 242 5.18 24.20 -13.49
C TYR F 242 4.55 25.44 -12.86
N GLU F 243 3.43 25.86 -13.40
CA GLU F 243 2.76 27.02 -12.86
C GLU F 243 1.64 26.58 -11.93
N LEU F 244 1.74 27.01 -10.68
CA LEU F 244 0.73 26.71 -9.69
C LEU F 244 -0.47 27.62 -9.96
N PRO F 245 -1.65 27.26 -9.49
CA PRO F 245 -2.88 28.04 -9.71
C PRO F 245 -2.82 29.52 -9.38
N ASP F 246 -1.95 29.93 -8.48
CA ASP F 246 -1.86 31.33 -8.10
C ASP F 246 -0.79 32.08 -8.87
N GLY F 247 -0.27 31.49 -9.93
CA GLY F 247 0.75 32.10 -10.75
C GLY F 247 2.15 31.87 -10.23
N GLN F 248 2.28 31.20 -9.11
CA GLN F 248 3.60 30.93 -8.58
C GLN F 248 4.26 29.81 -9.34
N VAL F 249 5.50 30.03 -9.74
CA VAL F 249 6.21 28.97 -10.45
C VAL F 249 7.03 28.13 -9.49
N ILE F 250 6.89 26.83 -9.67
CA ILE F 250 7.59 25.80 -8.91
C ILE F 250 8.54 25.09 -9.86
N THR F 251 9.79 24.88 -9.46
CA THR F 251 10.71 24.21 -10.38
C THR F 251 11.08 22.88 -9.74
N ILE F 252 10.93 21.82 -10.52
CA ILE F 252 11.06 20.45 -10.03
C ILE F 252 12.21 19.76 -10.76
N GLY F 253 13.06 19.07 -9.99
CA GLY F 253 14.25 18.40 -10.48
C GLY F 253 14.09 16.90 -10.55
N ASN F 254 14.84 16.16 -9.73
CA ASN F 254 14.84 14.71 -9.85
C ASN F 254 13.63 14.06 -9.21
N GLU F 255 12.76 14.87 -8.61
CA GLU F 255 11.52 14.35 -8.08
C GLU F 255 10.69 13.79 -9.20
N ARG F 256 10.98 14.25 -10.41
CA ARG F 256 10.29 13.79 -11.60
C ARG F 256 10.42 12.30 -11.79
N PHE F 257 11.54 11.71 -11.39
CA PHE F 257 11.63 10.28 -11.55
C PHE F 257 11.76 9.56 -10.22
N ARG F 258 12.03 10.29 -9.14
CA ARG F 258 12.13 9.60 -7.87
C ARG F 258 10.76 9.25 -7.36
N CYS F 259 9.74 9.98 -7.79
CA CYS F 259 8.39 9.62 -7.37
C CYS F 259 7.95 8.26 -7.90
N PRO F 260 7.82 8.04 -9.22
CA PRO F 260 7.38 6.74 -9.75
C PRO F 260 8.34 5.62 -9.46
N GLU F 261 9.60 5.92 -9.16
CA GLU F 261 10.56 4.88 -8.79
C GLU F 261 10.05 4.08 -7.62
N THR F 262 9.19 4.67 -6.79
CA THR F 262 8.64 3.98 -5.62
C THR F 262 8.03 2.65 -6.03
N LEU F 263 7.43 2.59 -7.21
CA LEU F 263 6.80 1.37 -7.69
C LEU F 263 7.79 0.26 -7.88
N PHE F 264 9.04 0.60 -8.10
CA PHE F 264 10.06 -0.40 -8.25
C PHE F 264 10.80 -0.61 -6.97
N GLN F 265 10.81 0.43 -6.13
CA GLN F 265 11.45 0.40 -4.82
C GLN F 265 10.52 0.92 -3.73
N PRO F 266 9.55 0.11 -3.31
CA PRO F 266 8.54 0.49 -2.29
C PRO F 266 9.14 0.87 -0.97
N SER F 267 10.40 0.50 -0.76
CA SER F 267 11.15 0.88 0.41
C SER F 267 11.23 2.38 0.58
N PHE F 268 11.04 3.11 -0.51
CA PHE F 268 11.08 4.56 -0.47
C PHE F 268 9.98 5.13 0.40
N ILE F 269 8.90 4.37 0.60
CA ILE F 269 7.82 4.84 1.43
C ILE F 269 7.65 3.95 2.65
N GLY F 270 8.66 3.15 2.94
CA GLY F 270 8.62 2.27 4.09
C GLY F 270 8.08 0.87 3.87
N MET F 271 7.74 0.46 2.66
CA MET F 271 7.24 -0.90 2.49
C MET F 271 8.39 -1.85 2.25
N GLU F 272 8.33 -3.04 2.84
CA GLU F 272 9.37 -4.04 2.58
C GLU F 272 9.04 -4.88 1.37
N SER F 273 7.88 -4.60 0.80
CA SER F 273 7.25 -5.42 -0.20
C SER F 273 8.04 -5.31 -1.50
N ALA F 274 7.83 -6.31 -2.34
CA ALA F 274 8.43 -6.39 -3.64
C ALA F 274 7.91 -5.28 -4.53
N GLY F 275 8.73 -4.83 -5.46
CA GLY F 275 8.28 -3.82 -6.40
C GLY F 275 7.38 -4.48 -7.41
N ILE F 276 6.85 -3.68 -8.33
CA ILE F 276 5.87 -4.22 -9.27
C ILE F 276 6.46 -5.23 -10.24
N HIS F 277 7.73 -5.11 -10.58
CA HIS F 277 8.29 -6.07 -11.52
C HIS F 277 8.56 -7.40 -10.84
N GLU F 278 8.84 -7.38 -9.56
CA GLU F 278 9.06 -8.64 -8.86
C GLU F 278 7.74 -9.24 -8.50
N THR F 279 6.76 -8.38 -8.22
CA THR F 279 5.44 -8.87 -7.90
C THR F 279 4.86 -9.57 -9.11
N THR F 280 5.00 -8.97 -10.29
CA THR F 280 4.53 -9.59 -11.51
C THR F 280 5.24 -10.90 -11.73
N TYR F 281 6.55 -10.88 -11.56
CA TYR F 281 7.34 -12.08 -11.76
C TYR F 281 6.88 -13.20 -10.82
N ASN F 282 6.67 -12.86 -9.56
CA ASN F 282 6.27 -13.87 -8.60
C ASN F 282 4.93 -14.45 -8.96
N SER F 283 4.02 -13.61 -9.47
CA SER F 283 2.74 -14.16 -9.88
C SER F 283 2.95 -15.22 -10.94
N ILE F 284 3.84 -14.94 -11.88
CA ILE F 284 4.13 -15.95 -12.90
C ILE F 284 4.72 -17.20 -12.25
N MET F 285 5.62 -17.02 -11.29
CA MET F 285 6.25 -18.18 -10.68
C MET F 285 5.25 -19.06 -9.92
N LYS F 286 4.16 -18.48 -9.42
CA LYS F 286 3.15 -19.26 -8.70
C LYS F 286 2.26 -20.06 -9.63
N CYS F 287 2.41 -19.87 -10.92
CA CYS F 287 1.61 -20.56 -11.91
C CYS F 287 2.33 -21.82 -12.34
N ASP F 288 1.59 -22.81 -12.85
CA ASP F 288 2.22 -24.01 -13.39
C ASP F 288 3.24 -23.66 -14.43
N ILE F 289 4.36 -24.38 -14.40
CA ILE F 289 5.46 -24.10 -15.32
C ILE F 289 4.99 -24.07 -16.77
N ASP F 290 4.03 -24.89 -17.13
CA ASP F 290 3.53 -24.95 -18.50
C ASP F 290 2.86 -23.68 -18.98
N ILE F 291 2.46 -22.81 -18.06
CA ILE F 291 1.71 -21.62 -18.41
C ILE F 291 2.61 -20.40 -18.45
N ARG F 292 3.84 -20.54 -18.01
CA ARG F 292 4.64 -19.35 -17.86
C ARG F 292 4.90 -18.68 -19.19
N LYS F 293 5.20 -19.46 -20.22
CA LYS F 293 5.54 -18.88 -21.52
C LYS F 293 4.46 -17.94 -22.04
N ASP F 294 3.20 -18.30 -21.82
CA ASP F 294 2.13 -17.50 -22.36
C ASP F 294 1.88 -16.29 -21.50
N LEU F 295 2.16 -16.41 -20.21
CA LEU F 295 1.95 -15.23 -19.41
C LEU F 295 3.04 -14.20 -19.72
N TYR F 296 4.27 -14.67 -19.97
CA TYR F 296 5.33 -13.71 -20.26
C TYR F 296 5.05 -12.98 -21.55
N ALA F 297 4.46 -13.68 -22.50
CA ALA F 297 4.14 -13.09 -23.79
C ALA F 297 2.90 -12.22 -23.78
N ASN F 298 2.17 -12.18 -22.67
CA ASN F 298 0.96 -11.39 -22.58
C ASN F 298 0.89 -10.65 -21.25
N ASN F 299 1.85 -9.76 -21.03
CA ASN F 299 1.86 -8.91 -19.86
C ASN F 299 1.04 -7.68 -20.20
N VAL F 300 -0.13 -7.55 -19.59
CA VAL F 300 -1.09 -6.53 -19.96
C VAL F 300 -1.14 -5.45 -18.90
N MET F 301 -0.89 -4.21 -19.29
CA MET F 301 -0.94 -3.14 -18.31
C MET F 301 -2.24 -2.38 -18.47
N SER F 302 -2.81 -2.00 -17.33
CA SER F 302 -4.00 -1.18 -17.32
C SER F 302 -3.99 -0.35 -16.05
N GLY F 303 -4.83 0.66 -16.02
CA GLY F 303 -4.93 1.52 -14.85
C GLY F 303 -4.15 2.79 -15.04
N GLY F 304 -4.61 3.84 -14.37
CA GLY F 304 -4.03 5.17 -14.53
C GLY F 304 -2.54 5.30 -14.22
N THR F 305 -1.99 4.51 -13.31
CA THR F 305 -0.59 4.79 -13.01
C THR F 305 0.34 4.17 -14.04
N THR F 306 -0.23 3.44 -14.98
CA THR F 306 0.57 2.83 -16.03
C THR F 306 0.76 3.81 -17.13
N MET F 307 0.33 5.04 -16.88
CA MET F 307 0.49 6.10 -17.83
C MET F 307 1.83 6.82 -17.71
N TYR F 308 2.65 6.54 -16.70
CA TYR F 308 3.90 7.27 -16.66
C TYR F 308 4.70 6.96 -17.92
N PRO F 309 5.26 7.95 -18.56
CA PRO F 309 6.14 7.71 -19.69
C PRO F 309 7.27 6.82 -19.23
N GLY F 310 7.61 5.83 -20.03
CA GLY F 310 8.70 4.93 -19.68
C GLY F 310 8.34 3.77 -18.79
N ILE F 311 7.09 3.67 -18.33
CA ILE F 311 6.79 2.59 -17.40
C ILE F 311 6.82 1.24 -18.09
N ALA F 312 6.32 1.15 -19.32
CA ALA F 312 6.31 -0.14 -19.99
C ALA F 312 7.73 -0.57 -20.30
N ASP F 313 8.56 0.38 -20.63
CA ASP F 313 9.92 0.07 -21.01
C ASP F 313 10.70 -0.37 -19.78
N ARG F 314 10.45 0.28 -18.66
CA ARG F 314 11.12 -0.14 -17.45
C ARG F 314 10.68 -1.53 -17.07
N MET F 315 9.38 -1.81 -17.19
CA MET F 315 8.91 -3.14 -16.83
C MET F 315 9.57 -4.18 -17.70
N GLN F 316 9.67 -3.96 -19.01
CA GLN F 316 10.30 -4.99 -19.81
C GLN F 316 11.71 -5.22 -19.33
N LYS F 317 12.45 -4.14 -19.11
CA LYS F 317 13.84 -4.30 -18.69
C LYS F 317 13.95 -5.06 -17.38
N GLU F 318 13.05 -4.77 -16.46
CA GLU F 318 13.12 -5.44 -15.17
C GLU F 318 12.72 -6.91 -15.28
N ILE F 319 11.65 -7.21 -16.02
CA ILE F 319 11.21 -8.61 -16.03
C ILE F 319 12.25 -9.47 -16.70
N THR F 320 12.86 -8.96 -17.77
CA THR F 320 13.88 -9.72 -18.47
C THR F 320 15.13 -9.93 -17.63
N ALA F 321 15.27 -9.21 -16.52
CA ALA F 321 16.40 -9.42 -15.64
C ALA F 321 16.11 -10.47 -14.55
N LEU F 322 14.87 -10.89 -14.42
CA LEU F 322 14.46 -11.85 -13.42
C LEU F 322 14.20 -13.19 -14.07
N ALA F 323 13.54 -13.10 -15.21
CA ALA F 323 13.15 -14.22 -16.00
C ALA F 323 14.35 -14.85 -16.67
N PRO F 324 14.26 -16.12 -17.00
CA PRO F 324 15.32 -16.78 -17.75
C PRO F 324 15.39 -16.19 -19.13
N SER F 325 16.57 -16.27 -19.71
CA SER F 325 16.83 -15.80 -21.05
C SER F 325 16.20 -16.72 -22.06
N THR F 326 16.29 -16.33 -23.33
CA THR F 326 15.72 -17.17 -24.38
C THR F 326 14.23 -17.35 -24.22
N MET F 327 13.56 -16.23 -23.99
CA MET F 327 12.12 -16.24 -23.86
C MET F 327 11.60 -14.87 -24.24
N LYS F 328 10.44 -14.86 -24.89
CA LYS F 328 9.83 -13.62 -25.31
C LYS F 328 9.03 -12.99 -24.18
N ILE F 329 9.43 -11.81 -23.77
CA ILE F 329 8.76 -11.09 -22.71
C ILE F 329 8.16 -9.85 -23.34
N LYS F 330 6.84 -9.78 -23.34
CA LYS F 330 6.11 -8.78 -24.09
C LYS F 330 5.12 -8.00 -23.26
N ILE F 331 5.19 -6.69 -23.37
CA ILE F 331 4.28 -5.82 -22.67
C ILE F 331 3.35 -5.13 -23.61
N ILE F 332 2.09 -5.25 -23.27
CA ILE F 332 0.96 -4.73 -23.99
C ILE F 332 0.48 -3.52 -23.23
N ALA F 333 0.53 -2.35 -23.85
CA ALA F 333 0.17 -1.13 -23.15
C ALA F 333 -0.48 -0.14 -24.11
N PRO F 334 -1.73 -0.40 -24.49
CA PRO F 334 -2.50 0.45 -25.38
C PRO F 334 -2.69 1.79 -24.71
N PRO F 335 -2.90 2.86 -25.44
CA PRO F 335 -3.08 4.19 -24.82
C PRO F 335 -4.31 4.32 -23.91
N GLU F 336 -5.35 3.51 -24.09
CA GLU F 336 -6.55 3.61 -23.25
C GLU F 336 -6.42 2.87 -21.92
N ARG F 337 -5.25 2.93 -21.31
CA ARG F 337 -5.04 2.21 -20.06
C ARG F 337 -5.96 2.75 -18.98
N LYS F 338 -6.32 4.01 -19.08
CA LYS F 338 -7.24 4.60 -18.12
C LYS F 338 -8.67 4.07 -18.29
N TYR F 339 -9.00 3.57 -19.48
CA TYR F 339 -10.38 3.21 -19.75
C TYR F 339 -10.61 1.73 -20.02
N SER F 340 -9.55 0.93 -20.06
CA SER F 340 -9.76 -0.45 -20.45
C SER F 340 -10.70 -1.18 -19.52
N VAL F 341 -10.76 -0.80 -18.25
CA VAL F 341 -11.66 -1.48 -17.35
C VAL F 341 -13.09 -1.17 -17.70
N TRP F 342 -13.37 0.11 -17.93
CA TRP F 342 -14.73 0.48 -18.26
C TRP F 342 -15.12 -0.22 -19.53
N ILE F 343 -14.19 -0.26 -20.48
CA ILE F 343 -14.44 -0.89 -21.75
C ILE F 343 -14.75 -2.35 -21.58
N GLY F 344 -13.96 -3.05 -20.77
CA GLY F 344 -14.26 -4.43 -20.53
C GLY F 344 -15.67 -4.56 -20.00
N GLY F 345 -16.07 -3.67 -19.11
CA GLY F 345 -17.43 -3.73 -18.61
C GLY F 345 -18.43 -3.56 -19.74
N SER F 346 -18.12 -2.64 -20.65
CA SER F 346 -19.00 -2.34 -21.77
C SER F 346 -19.20 -3.56 -22.65
N ILE F 347 -18.13 -4.36 -22.80
CA ILE F 347 -18.16 -5.59 -23.59
C ILE F 347 -18.91 -6.68 -22.87
N LEU F 348 -18.51 -6.94 -21.63
CA LEU F 348 -19.04 -8.09 -20.90
C LEU F 348 -20.54 -8.00 -20.77
N ALA F 349 -21.03 -6.82 -20.39
CA ALA F 349 -22.43 -6.62 -20.17
C ALA F 349 -23.25 -6.77 -21.43
N SER F 350 -22.60 -6.70 -22.57
CA SER F 350 -23.26 -6.83 -23.84
C SER F 350 -23.24 -8.22 -24.44
N LEU F 351 -22.55 -9.16 -23.82
CA LEU F 351 -22.47 -10.49 -24.41
C LEU F 351 -23.71 -11.28 -24.03
N SER F 352 -24.26 -12.03 -24.99
CA SER F 352 -25.43 -12.86 -24.67
C SER F 352 -25.10 -13.91 -23.63
N THR F 353 -23.86 -14.37 -23.65
CA THR F 353 -23.33 -15.38 -22.76
C THR F 353 -23.36 -14.93 -21.32
N PHE F 354 -23.38 -13.63 -21.11
CA PHE F 354 -23.34 -13.03 -19.81
C PHE F 354 -24.71 -12.73 -19.25
N GLN F 355 -25.76 -12.97 -20.01
CA GLN F 355 -27.01 -12.47 -19.50
C GLN F 355 -27.62 -13.39 -18.47
N GLN F 356 -26.99 -14.52 -18.21
CA GLN F 356 -27.41 -15.41 -17.16
C GLN F 356 -26.59 -15.21 -15.91
N MET F 357 -25.64 -14.28 -15.95
CA MET F 357 -24.77 -14.06 -14.82
C MET F 357 -25.33 -13.02 -13.87
N TRP F 358 -26.33 -12.30 -14.31
CA TRP F 358 -26.89 -11.22 -13.52
C TRP F 358 -27.61 -11.77 -12.31
N ILE F 359 -27.46 -11.12 -11.19
CA ILE F 359 -28.28 -11.42 -10.04
C ILE F 359 -29.56 -10.68 -10.26
N THR F 360 -30.65 -11.38 -10.37
CA THR F 360 -31.91 -10.70 -10.49
C THR F 360 -32.31 -10.26 -9.11
N LYS F 361 -32.90 -9.08 -8.97
CA LYS F 361 -33.30 -8.67 -7.63
C LYS F 361 -34.12 -9.75 -6.96
N GLN F 362 -35.02 -10.38 -7.73
CA GLN F 362 -35.80 -11.47 -7.18
C GLN F 362 -34.95 -12.56 -6.55
N GLU F 363 -33.79 -12.87 -7.14
CA GLU F 363 -32.95 -13.92 -6.59
C GLU F 363 -32.31 -13.43 -5.31
N TYR F 364 -31.83 -12.19 -5.33
CA TYR F 364 -31.18 -11.62 -4.16
C TYR F 364 -32.11 -11.67 -2.98
N ASP F 365 -33.36 -11.28 -3.21
CA ASP F 365 -34.35 -11.21 -2.17
C ASP F 365 -34.70 -12.57 -1.57
N GLU F 366 -34.33 -13.68 -2.22
CA GLU F 366 -34.60 -15.00 -1.65
C GLU F 366 -33.33 -15.67 -1.12
N ALA F 367 -32.22 -15.44 -1.82
CA ALA F 367 -30.94 -16.06 -1.50
C ALA F 367 -30.18 -15.32 -0.41
N GLY F 368 -30.35 -14.01 -0.35
CA GLY F 368 -29.58 -13.20 0.55
C GLY F 368 -28.23 -12.96 -0.08
N PRO F 369 -27.36 -12.27 0.67
CA PRO F 369 -26.04 -11.83 0.21
C PRO F 369 -25.11 -12.93 -0.28
N SER F 370 -25.27 -14.18 0.12
CA SER F 370 -24.32 -15.17 -0.37
C SER F 370 -24.28 -15.26 -1.88
N ILE F 371 -25.34 -14.83 -2.55
CA ILE F 371 -25.44 -14.90 -3.98
C ILE F 371 -24.42 -14.00 -4.67
N VAL F 372 -23.90 -12.97 -3.98
CA VAL F 372 -23.04 -12.01 -4.63
C VAL F 372 -21.67 -12.61 -4.82
N HIS F 373 -21.42 -13.74 -4.18
CA HIS F 373 -20.12 -14.36 -4.24
C HIS F 373 -20.08 -15.45 -5.29
N ARG F 374 -21.10 -15.53 -6.14
CA ARG F 374 -20.97 -16.49 -7.22
C ARG F 374 -19.82 -15.95 -8.03
N LYS F 375 -18.83 -16.77 -8.29
CA LYS F 375 -17.62 -16.32 -8.96
C LYS F 375 -16.91 -15.25 -8.12
N CYS F 376 -16.97 -15.38 -6.79
CA CYS F 376 -16.30 -14.43 -5.89
C CYS F 376 -14.88 -14.16 -6.31
N PHE F 377 -14.14 -15.24 -6.50
CA PHE F 377 -12.77 -15.14 -6.89
C PHE F 377 -12.03 -14.33 -5.83
N MET G 1 19.26 12.97 33.29
CA MET G 1 19.85 12.67 34.60
C MET G 1 21.21 13.34 34.69
N GLY G 2 21.51 14.18 33.71
CA GLY G 2 22.77 14.89 33.65
C GLY G 2 23.65 14.34 32.55
N VAL G 3 24.35 15.22 31.86
CA VAL G 3 25.17 14.82 30.73
C VAL G 3 26.33 13.93 31.12
N ALA G 4 26.99 14.18 32.24
CA ALA G 4 28.11 13.31 32.56
C ALA G 4 27.67 11.86 32.68
N ASP G 5 26.49 11.65 33.22
CA ASP G 5 25.97 10.31 33.45
C ASP G 5 25.39 9.74 32.17
N LEU G 6 24.74 10.58 31.37
CA LEU G 6 24.20 10.11 30.11
C LEU G 6 25.32 9.71 29.18
N ILE G 7 26.44 10.44 29.22
CA ILE G 7 27.58 10.04 28.42
C ILE G 7 28.05 8.69 28.89
N LYS G 8 28.23 8.52 30.18
CA LYS G 8 28.71 7.22 30.62
C LYS G 8 27.77 6.11 30.17
N LYS G 9 26.46 6.35 30.24
CA LYS G 9 25.51 5.33 29.81
C LYS G 9 25.71 5.00 28.34
N PHE G 10 25.83 6.02 27.49
CA PHE G 10 25.96 5.73 26.07
C PHE G 10 27.32 5.18 25.71
N GLU G 11 28.38 5.57 26.40
CA GLU G 11 29.65 5.00 26.05
C GLU G 11 29.62 3.52 26.38
N SER G 12 28.95 3.19 27.48
CA SER G 12 28.89 1.79 27.90
C SER G 12 28.09 1.01 26.87
N ILE G 13 26.98 1.58 26.39
CA ILE G 13 26.16 0.89 25.39
C ILE G 13 26.95 0.67 24.11
N SER G 14 27.70 1.68 23.69
CA SER G 14 28.46 1.55 22.44
C SER G 14 29.50 0.44 22.56
N LYS G 15 30.21 0.40 23.68
CA LYS G 15 31.24 -0.61 23.88
C LYS G 15 30.66 -2.01 24.00
N GLU G 16 29.53 -2.15 24.68
CA GLU G 16 28.90 -3.44 24.88
C GLU G 16 28.38 -3.94 23.55
N THR H 7 39.33 21.59 23.95
CA THR H 7 38.99 21.21 22.59
C THR H 7 37.58 20.70 22.53
N THR H 8 36.83 21.05 23.56
CA THR H 8 35.43 20.69 23.68
C THR H 8 34.58 21.25 22.55
N ALA H 9 33.79 20.38 21.94
CA ALA H 9 32.96 20.83 20.84
C ALA H 9 31.98 21.88 21.30
N LEU H 10 31.68 22.81 20.40
CA LEU H 10 30.64 23.76 20.68
C LEU H 10 29.34 23.15 20.23
N VAL H 11 28.30 23.47 20.96
CA VAL H 11 26.97 22.99 20.67
C VAL H 11 26.07 24.20 20.50
N CYS H 12 25.35 24.29 19.37
CA CYS H 12 24.49 25.46 19.18
C CYS H 12 23.17 25.19 18.47
N ASP H 13 22.11 25.21 19.26
CA ASP H 13 20.75 24.96 18.78
C ASP H 13 20.15 26.26 18.29
N ASN H 14 20.41 26.56 17.02
CA ASN H 14 19.96 27.81 16.42
C ASN H 14 18.51 27.69 16.01
N GLY H 15 17.66 27.70 16.99
CA GLY H 15 16.25 27.59 16.72
C GLY H 15 15.68 28.91 16.27
N SER H 16 14.39 28.86 15.96
CA SER H 16 13.69 30.02 15.46
C SER H 16 13.33 30.99 16.57
N GLY H 17 13.22 30.50 17.79
CA GLY H 17 12.83 31.33 18.90
C GLY H 17 14.06 31.80 19.64
N LEU H 18 14.73 30.85 20.30
CA LEU H 18 15.90 31.13 21.10
C LEU H 18 17.11 30.44 20.55
N VAL H 19 18.27 30.99 20.84
CA VAL H 19 19.51 30.35 20.46
C VAL H 19 20.11 29.75 21.69
N LYS H 20 20.21 28.43 21.74
CA LYS H 20 20.79 27.84 22.92
C LYS H 20 22.18 27.34 22.59
N ALA H 21 23.18 27.90 23.23
CA ALA H 21 24.53 27.54 22.85
C ALA H 21 25.47 27.45 24.04
N GLY H 22 26.46 26.60 23.88
CA GLY H 22 27.46 26.40 24.89
C GLY H 22 28.43 25.32 24.48
N PHE H 23 28.93 24.61 25.46
CA PHE H 23 29.93 23.59 25.23
C PHE H 23 29.40 22.21 25.49
N ALA H 24 29.94 21.28 24.72
CA ALA H 24 29.62 19.87 24.86
C ALA H 24 30.09 19.37 26.21
N GLY H 25 29.42 18.33 26.68
CA GLY H 25 29.79 17.77 27.96
C GLY H 25 29.31 18.54 29.16
N ASP H 26 28.20 19.28 29.06
CA ASP H 26 27.74 20.07 30.19
C ASP H 26 26.22 20.02 30.27
N ASP H 27 25.61 20.64 31.29
CA ASP H 27 24.17 20.48 31.51
C ASP H 27 23.30 21.67 31.11
N ALA H 28 23.88 22.70 30.53
CA ALA H 28 23.05 23.83 30.18
C ALA H 28 23.76 24.66 29.15
N PRO H 29 23.02 25.33 28.30
CA PRO H 29 23.59 26.32 27.41
C PRO H 29 24.02 27.49 28.26
N ARG H 30 25.01 28.21 27.78
CA ARG H 30 25.45 29.41 28.47
C ARG H 30 24.81 30.62 27.86
N ALA H 31 24.49 30.51 26.59
CA ALA H 31 23.85 31.57 25.83
C ALA H 31 22.42 31.15 25.56
N VAL H 32 21.44 31.94 26.00
CA VAL H 32 20.04 31.57 25.79
C VAL H 32 19.24 32.78 25.32
N PHE H 33 19.85 33.61 24.50
CA PHE H 33 19.24 34.84 24.06
C PHE H 33 18.35 34.51 22.87
N PRO H 34 17.37 35.36 22.55
CA PRO H 34 16.46 35.14 21.43
C PRO H 34 17.07 35.41 20.05
N SER H 35 16.53 34.70 19.06
CA SER H 35 16.98 34.78 17.67
C SER H 35 16.37 36.03 17.02
N ILE H 36 16.69 37.19 17.58
CA ILE H 36 16.08 38.43 17.13
C ILE H 36 17.11 39.46 16.76
N VAL H 37 16.91 40.05 15.59
CA VAL H 37 17.76 41.15 15.20
C VAL H 37 16.82 42.32 14.96
N GLY H 38 17.08 43.42 15.64
CA GLY H 38 16.21 44.55 15.48
C GLY H 38 16.96 45.73 14.90
N ARG H 39 16.23 46.61 14.26
CA ARG H 39 16.82 47.81 13.70
C ARG H 39 15.91 49.00 14.01
N PRO H 40 16.49 50.17 14.23
CA PRO H 40 15.73 51.39 14.52
C PRO H 40 14.72 51.65 13.46
N ARG H 41 13.54 52.06 13.89
CA ARG H 41 12.49 52.41 12.96
C ARG H 41 12.17 53.89 13.06
N HIS H 42 13.06 54.64 13.71
CA HIS H 42 12.85 56.06 13.91
C HIS H 42 14.14 56.83 13.65
N GLN H 43 13.97 58.09 13.28
CA GLN H 43 15.10 59.02 13.13
C GLN H 43 15.96 59.16 14.36
N GLY H 44 17.27 58.96 14.22
CA GLY H 44 18.15 59.22 15.34
C GLY H 44 18.43 60.71 15.40
N VAL H 45 18.43 61.29 16.60
CA VAL H 45 18.76 62.70 16.72
C VAL H 45 19.97 62.94 17.60
N MET H 46 20.13 62.17 18.67
CA MET H 46 21.25 62.46 19.55
C MET H 46 22.48 61.75 19.02
N VAL H 47 23.09 62.37 18.01
CA VAL H 47 24.21 61.77 17.31
C VAL H 47 25.34 61.53 18.28
N GLY H 48 25.43 62.39 19.30
CA GLY H 48 26.47 62.34 20.30
C GLY H 48 26.46 61.09 21.16
N MET H 49 25.45 60.22 21.06
CA MET H 49 25.54 59.03 21.88
C MET H 49 26.05 57.80 21.15
N GLY H 50 26.47 57.88 19.88
CA GLY H 50 27.01 56.66 19.29
C GLY H 50 25.96 55.59 18.99
N GLN H 51 24.84 56.00 18.45
CA GLN H 51 23.71 55.13 18.16
C GLN H 51 24.06 54.03 17.17
N LYS H 52 23.47 52.85 17.37
CA LYS H 52 23.71 51.70 16.51
C LYS H 52 22.68 51.57 15.40
N ASP H 53 23.08 50.81 14.38
CA ASP H 53 22.24 50.43 13.26
C ASP H 53 21.39 49.22 13.54
N SER H 54 21.88 48.33 14.40
CA SER H 54 21.16 47.11 14.69
C SER H 54 21.48 46.67 16.10
N TYR H 55 20.56 45.88 16.66
CA TYR H 55 20.70 45.34 18.00
C TYR H 55 20.42 43.85 17.99
N VAL H 56 21.09 43.08 18.86
CA VAL H 56 20.89 41.63 18.80
C VAL H 56 20.50 40.95 20.13
N GLY H 57 19.47 40.11 20.03
CA GLY H 57 19.05 39.26 21.12
C GLY H 57 18.51 40.06 22.28
N ASP H 58 19.07 39.81 23.45
CA ASP H 58 18.62 40.52 24.65
C ASP H 58 18.81 42.01 24.47
N GLU H 59 19.87 42.39 23.77
CA GLU H 59 20.09 43.79 23.49
C GLU H 59 18.91 44.38 22.77
N ALA H 60 18.41 43.64 21.79
CA ALA H 60 17.31 44.10 20.97
C ALA H 60 16.03 44.11 21.76
N GLN H 61 15.79 43.10 22.59
CA GLN H 61 14.50 43.11 23.26
C GLN H 61 14.47 44.23 24.28
N SER H 62 15.62 44.55 24.85
CA SER H 62 15.70 45.61 25.84
C SER H 62 15.39 46.98 25.26
N LYS H 63 15.39 47.11 23.95
CA LYS H 63 15.11 48.35 23.25
C LYS H 63 13.97 48.16 22.27
N ARG H 64 13.18 47.11 22.46
CA ARG H 64 12.18 46.72 21.47
C ARG H 64 11.20 47.80 21.08
N GLY H 65 10.83 48.71 21.98
CA GLY H 65 9.86 49.72 21.60
C GLY H 65 10.30 50.64 20.48
N ILE H 66 11.57 50.63 20.08
CA ILE H 66 11.99 51.46 18.96
C ILE H 66 12.53 50.66 17.81
N LEU H 67 12.39 49.33 17.84
CA LEU H 67 12.97 48.50 16.81
C LEU H 67 11.94 47.65 16.09
N THR H 68 12.12 47.45 14.79
CA THR H 68 11.25 46.49 14.10
C THR H 68 11.88 45.13 14.29
N LEU H 69 11.67 44.55 15.46
CA LEU H 69 12.27 43.27 15.76
C LEU H 69 11.81 42.23 14.77
N LYS H 70 12.75 41.49 14.20
CA LYS H 70 12.45 40.41 13.29
C LYS H 70 13.26 39.17 13.61
N TYR H 71 12.68 38.04 13.29
CA TYR H 71 13.40 36.80 13.42
C TYR H 71 13.99 36.41 12.07
N PRO H 72 15.24 35.97 12.04
CA PRO H 72 15.89 35.46 10.83
C PRO H 72 15.37 34.12 10.39
N ILE H 73 14.78 33.37 11.30
CA ILE H 73 14.30 32.02 11.05
C ILE H 73 12.80 31.94 11.24
N GLU H 74 12.11 31.43 10.24
CA GLU H 74 10.68 31.26 10.33
C GLU H 74 10.28 29.86 9.92
N GLY H 76 11.33 27.22 11.06
CA GLY H 76 12.51 26.38 11.04
C GLY H 76 13.47 26.63 9.89
N ILE H 77 13.13 27.53 9.00
CA ILE H 77 13.94 27.80 7.82
C ILE H 77 14.65 29.13 7.97
N ILE H 78 15.93 29.20 7.65
CA ILE H 78 16.62 30.47 7.74
C ILE H 78 16.30 31.24 6.49
N THR H 79 15.74 32.43 6.65
CA THR H 79 15.40 33.22 5.49
C THR H 79 16.29 34.43 5.36
N ASN H 80 16.85 34.89 6.46
CA ASN H 80 17.71 36.06 6.40
C ASN H 80 19.10 35.69 6.88
N TRP H 81 19.98 35.48 5.92
CA TRP H 81 21.30 34.99 6.21
C TRP H 81 22.21 36.08 6.78
N ASP H 82 21.98 37.34 6.45
CA ASP H 82 22.83 38.37 7.05
C ASP H 82 22.53 38.49 8.52
N ASP H 83 21.25 38.40 8.84
CA ASP H 83 20.89 38.47 10.23
C ASP H 83 21.37 37.22 10.95
N MET H 84 21.35 36.10 10.25
CA MET H 84 21.81 34.89 10.91
C MET H 84 23.30 34.95 11.20
N GLU H 85 24.09 35.55 10.30
CA GLU H 85 25.50 35.63 10.64
C GLU H 85 25.68 36.53 11.83
N LYS H 86 24.86 37.58 11.96
CA LYS H 86 25.00 38.41 13.16
C LYS H 86 24.72 37.60 14.41
N ILE H 87 23.68 36.75 14.36
CA ILE H 87 23.37 35.93 15.53
C ILE H 87 24.55 35.06 15.89
N TRP H 88 25.12 34.40 14.89
CA TRP H 88 26.25 33.52 15.14
C TRP H 88 27.44 34.30 15.64
N HIS H 89 27.73 35.43 15.03
CA HIS H 89 28.86 36.22 15.43
C HIS H 89 28.77 36.54 16.89
N HIS H 90 27.62 37.04 17.31
CA HIS H 90 27.52 37.37 18.72
C HIS H 90 27.61 36.14 19.57
N THR H 91 26.97 35.05 19.14
CA THR H 91 27.01 33.85 19.95
C THR H 91 28.45 33.44 20.23
N PHE H 92 29.27 33.44 19.19
CA PHE H 92 30.63 32.96 19.36
C PHE H 92 31.50 33.94 20.12
N TYR H 93 31.42 35.22 19.79
CA TYR H 93 32.41 36.10 20.37
C TYR H 93 31.94 36.88 21.59
N ASN H 94 30.66 37.22 21.67
CA ASN H 94 30.19 38.04 22.77
C ASN H 94 29.44 37.25 23.82
N GLU H 95 28.78 36.17 23.45
CA GLU H 95 28.00 35.40 24.41
C GLU H 95 28.84 34.28 25.02
N LEU H 96 29.50 33.48 24.17
CA LEU H 96 30.31 32.38 24.69
C LEU H 96 31.77 32.75 24.85
N ARG H 97 32.20 33.85 24.25
CA ARG H 97 33.58 34.31 24.34
C ARG H 97 34.59 33.25 23.88
N VAL H 98 34.34 32.64 22.73
CA VAL H 98 35.19 31.56 22.24
C VAL H 98 35.59 31.73 20.78
N ALA H 99 36.84 31.40 20.46
CA ALA H 99 37.29 31.44 19.08
C ALA H 99 36.80 30.20 18.33
N PRO H 100 35.94 30.36 17.32
CA PRO H 100 35.40 29.21 16.55
C PRO H 100 36.45 28.31 15.97
N GLU H 101 37.62 28.85 15.63
CA GLU H 101 38.68 28.07 15.03
C GLU H 101 39.21 26.98 15.95
N GLU H 102 38.97 27.11 17.24
CA GLU H 102 39.55 26.20 18.19
C GLU H 102 38.62 25.04 18.54
N HIS H 103 37.39 25.03 18.05
CA HIS H 103 36.45 23.97 18.44
C HIS H 103 35.57 23.51 17.28
N PRO H 104 35.30 22.21 17.16
CA PRO H 104 34.34 21.69 16.18
C PRO H 104 32.95 22.09 16.63
N THR H 105 31.98 22.19 15.70
CA THR H 105 30.65 22.66 16.14
C THR H 105 29.50 21.78 15.68
N LEU H 106 28.62 21.47 16.63
CA LEU H 106 27.40 20.71 16.39
C LEU H 106 26.19 21.63 16.29
N LEU H 107 25.57 21.63 15.12
CA LEU H 107 24.40 22.46 14.90
C LEU H 107 23.18 21.58 14.70
N THR H 108 22.01 22.17 14.81
CA THR H 108 20.76 21.44 14.68
C THR H 108 19.84 22.01 13.61
N GLU H 109 18.89 21.18 13.18
CA GLU H 109 17.86 21.57 12.23
C GLU H 109 16.65 20.66 12.31
N ALA H 110 15.51 21.19 11.86
CA ALA H 110 14.29 20.42 11.78
C ALA H 110 14.40 19.35 10.69
N PRO H 111 13.69 18.23 10.86
CA PRO H 111 13.61 17.22 9.81
C PRO H 111 12.74 17.79 8.72
N LEU H 112 12.90 17.26 7.53
CA LEU H 112 12.05 17.63 6.41
C LEU H 112 12.11 19.12 6.15
N ASN H 113 13.28 19.70 6.25
CA ASN H 113 13.46 21.11 5.98
C ASN H 113 13.99 21.15 4.55
N PRO H 114 14.21 22.31 3.93
CA PRO H 114 14.85 22.39 2.61
C PRO H 114 16.28 21.93 2.71
N LYS H 115 16.80 21.25 1.69
CA LYS H 115 18.20 20.84 1.81
C LYS H 115 19.11 22.05 1.86
N ALA H 116 18.75 23.07 1.11
CA ALA H 116 19.58 24.26 1.01
C ALA H 116 19.86 24.88 2.35
N ASN H 117 18.96 24.71 3.31
CA ASN H 117 19.14 25.33 4.61
C ASN H 117 20.39 24.76 5.28
N ARG H 118 20.59 23.45 5.11
CA ARG H 118 21.72 22.74 5.69
C ARG H 118 22.99 23.08 4.95
N GLU H 119 22.86 23.15 3.62
CA GLU H 119 24.04 23.42 2.81
C GLU H 119 24.58 24.82 3.04
N LYS H 120 23.69 25.80 3.11
CA LYS H 120 24.12 27.17 3.34
C LYS H 120 24.70 27.33 4.74
N MET H 121 24.05 26.74 5.73
CA MET H 121 24.58 26.82 7.08
C MET H 121 25.98 26.26 7.14
N THR H 122 26.19 25.13 6.44
CA THR H 122 27.51 24.54 6.42
C THR H 122 28.52 25.44 5.78
N GLN H 123 28.17 26.03 4.63
CA GLN H 123 29.12 26.90 3.97
C GLN H 123 29.58 28.00 4.91
N ILE H 124 28.65 28.59 5.64
CA ILE H 124 29.01 29.69 6.52
C ILE H 124 29.93 29.21 7.62
N MET H 125 29.61 28.09 8.25
CA MET H 125 30.48 27.67 9.34
C MET H 125 31.90 27.40 8.84
N PHE H 126 32.03 26.80 7.65
CA PHE H 126 33.38 26.52 7.21
C PHE H 126 34.10 27.73 6.63
N GLU H 127 33.40 28.63 5.95
CA GLU H 127 34.06 29.74 5.28
C GLU H 127 34.08 31.06 6.06
N THR H 128 33.09 31.31 6.91
CA THR H 128 33.07 32.56 7.66
C THR H 128 33.61 32.39 9.06
N PHE H 129 33.30 31.27 9.69
CA PHE H 129 33.78 31.08 11.05
C PHE H 129 34.95 30.15 11.13
N ASN H 130 35.37 29.59 10.01
CA ASN H 130 36.55 28.73 9.96
C ASN H 130 36.47 27.59 10.96
N VAL H 131 35.29 27.01 11.13
CA VAL H 131 35.23 25.92 12.11
C VAL H 131 36.04 24.76 11.56
N PRO H 132 36.86 24.09 12.36
CA PRO H 132 37.65 22.94 11.87
C PRO H 132 36.80 21.74 11.49
N ALA H 133 35.60 21.61 12.05
CA ALA H 133 34.74 20.49 11.74
C ALA H 133 33.29 20.79 12.08
N MET H 134 32.38 20.08 11.43
CA MET H 134 30.98 20.35 11.66
C MET H 134 30.07 19.13 11.54
N TYR H 135 28.99 19.14 12.32
CA TYR H 135 27.99 18.09 12.16
C TYR H 135 26.63 18.69 12.38
N VAL H 136 25.63 18.25 11.62
CA VAL H 136 24.28 18.73 11.84
C VAL H 136 23.34 17.61 12.25
N ALA H 137 22.65 17.83 13.36
CA ALA H 137 21.75 16.86 13.97
C ALA H 137 20.29 17.28 13.90
N ILE H 138 19.42 16.28 13.99
CA ILE H 138 17.98 16.49 14.05
C ILE H 138 17.56 16.51 15.51
N GLN H 139 16.84 17.56 15.92
CA GLN H 139 16.47 17.70 17.33
C GLN H 139 15.70 16.53 17.86
N ALA H 140 14.86 15.94 17.03
CA ALA H 140 14.09 14.83 17.54
C ALA H 140 14.98 13.69 17.99
N VAL H 141 16.13 13.53 17.36
CA VAL H 141 17.04 12.48 17.76
C VAL H 141 17.74 12.87 19.04
N LEU H 142 18.16 14.13 19.10
CA LEU H 142 18.88 14.60 20.26
C LEU H 142 18.00 14.51 21.49
N SER H 143 16.70 14.67 21.32
CA SER H 143 15.79 14.61 22.44
C SER H 143 15.73 13.21 23.04
N LEU H 144 16.05 12.16 22.29
CA LEU H 144 16.05 10.87 22.96
C LEU H 144 17.36 10.65 23.65
N TYR H 145 18.47 11.13 23.06
CA TYR H 145 19.72 10.96 23.80
C TYR H 145 19.57 11.60 25.18
N ALA H 146 18.94 12.76 25.20
CA ALA H 146 18.73 13.52 26.43
C ALA H 146 17.75 12.87 27.36
N SER H 147 16.98 11.90 26.87
CA SER H 147 16.00 11.22 27.69
C SER H 147 16.54 9.88 28.18
N GLY H 148 17.78 9.57 27.80
CA GLY H 148 18.42 8.33 28.18
C GLY H 148 17.89 7.10 27.49
N ARG H 149 17.34 7.22 26.27
CA ARG H 149 16.77 6.02 25.67
C ARG H 149 16.96 6.02 24.16
N THR H 150 16.77 4.83 23.58
CA THR H 150 16.92 4.63 22.15
C THR H 150 15.59 4.36 21.46
N THR H 151 14.48 4.42 22.18
CA THR H 151 13.20 4.12 21.59
C THR H 151 12.15 5.14 22.02
N GLY H 152 11.31 5.53 21.06
CA GLY H 152 10.19 6.41 21.36
C GLY H 152 9.91 7.40 20.27
N ILE H 153 8.87 8.20 20.44
CA ILE H 153 8.54 9.27 19.53
C ILE H 153 8.77 10.55 20.17
N VAL H 154 9.56 11.37 19.53
CA VAL H 154 9.73 12.69 20.07
C VAL H 154 8.81 13.65 19.40
N LEU H 155 8.01 14.31 20.22
CA LEU H 155 7.16 15.41 19.79
C LEU H 155 7.84 16.68 20.21
N ASP H 156 8.50 17.32 19.26
CA ASP H 156 9.27 18.52 19.53
C ASP H 156 8.46 19.69 19.05
N SER H 157 7.98 20.50 19.97
CA SER H 157 7.10 21.58 19.55
C SER H 157 7.67 22.87 20.10
N GLY H 158 8.23 23.67 19.21
CA GLY H 158 8.86 24.91 19.57
C GLY H 158 8.13 26.10 19.00
N ASP H 159 8.87 27.18 18.82
CA ASP H 159 8.38 28.44 18.26
C ASP H 159 8.20 28.33 16.75
N GLY H 160 9.09 27.58 16.11
CA GLY H 160 9.14 27.40 14.67
C GLY H 160 8.21 26.33 14.17
N VAL H 161 8.55 25.06 14.35
CA VAL H 161 7.70 23.98 13.87
C VAL H 161 7.47 22.93 14.93
N THR H 162 6.48 22.07 14.66
CA THR H 162 6.18 20.94 15.50
C THR H 162 6.42 19.65 14.73
N HIS H 163 7.20 18.73 15.29
CA HIS H 163 7.43 17.50 14.56
C HIS H 163 7.52 16.24 15.41
N ASN H 164 7.19 15.12 14.76
CA ASN H 164 7.16 13.79 15.36
C ASN H 164 8.10 12.84 14.64
N VAL H 165 9.09 12.36 15.37
CA VAL H 165 10.00 11.39 14.75
C VAL H 165 10.15 10.14 15.61
N PRO H 166 9.52 9.05 15.20
CA PRO H 166 9.67 7.74 15.86
C PRO H 166 11.03 7.14 15.59
N ILE H 167 11.61 6.60 16.65
CA ILE H 167 12.88 5.88 16.64
C ILE H 167 12.66 4.55 17.36
N TYR H 168 13.21 3.46 16.83
CA TYR H 168 13.10 2.18 17.52
C TYR H 168 14.45 1.50 17.54
N GLU H 169 14.95 1.24 18.75
CA GLU H 169 16.28 0.64 18.88
C GLU H 169 17.31 1.45 18.12
N GLY H 170 17.15 2.76 18.14
CA GLY H 170 18.04 3.68 17.49
C GLY H 170 17.84 3.80 15.99
N TYR H 171 16.94 3.02 15.42
CA TYR H 171 16.76 3.11 13.99
C TYR H 171 15.61 4.05 13.76
N ALA H 172 15.73 4.86 12.75
CA ALA H 172 14.66 5.79 12.55
C ALA H 172 13.66 5.23 11.59
N LEU H 173 12.45 5.74 11.67
CA LEU H 173 11.41 5.33 10.75
C LEU H 173 10.97 6.56 9.94
N PRO H 174 11.79 7.01 9.00
CA PRO H 174 11.59 8.31 8.31
C PRO H 174 10.29 8.44 7.56
N HIS H 175 9.70 7.35 7.13
CA HIS H 175 8.46 7.45 6.40
C HIS H 175 7.31 7.81 7.33
N ALA H 176 7.54 7.75 8.63
CA ALA H 176 6.55 8.06 9.63
C ALA H 176 6.78 9.43 10.25
N ILE H 177 7.64 10.25 9.66
CA ILE H 177 7.85 11.57 10.25
C ILE H 177 6.67 12.45 9.93
N MET H 178 6.14 13.08 10.95
CA MET H 178 5.06 14.00 10.72
C MET H 178 5.53 15.39 11.07
N ARG H 179 5.14 16.36 10.28
CA ARG H 179 5.52 17.71 10.57
C ARG H 179 4.37 18.67 10.35
N LEU H 180 4.18 19.53 11.32
CA LEU H 180 3.21 20.59 11.22
C LEU H 180 3.94 21.92 11.28
N ASP H 181 3.45 22.88 10.54
CA ASP H 181 4.02 24.21 10.62
C ASP H 181 3.18 25.07 11.53
N LEU H 182 2.63 24.42 12.55
CA LEU H 182 1.92 25.03 13.64
C LEU H 182 2.81 25.01 14.84
N ALA H 183 3.10 26.20 15.37
CA ALA H 183 4.05 26.29 16.45
C ALA H 183 3.77 27.49 17.35
N GLY H 184 4.63 27.67 18.34
CA GLY H 184 4.43 28.71 19.33
C GLY H 184 4.27 30.10 18.76
N ARG H 185 4.93 30.38 17.64
CA ARG H 185 4.78 31.69 17.04
C ARG H 185 3.37 31.90 16.51
N ASP H 186 2.71 30.83 16.09
CA ASP H 186 1.36 30.94 15.56
C ASP H 186 0.39 31.04 16.68
N LEU H 187 0.68 30.34 17.76
CA LEU H 187 -0.19 30.42 18.90
C LEU H 187 -0.17 31.84 19.41
N THR H 188 1.02 32.45 19.38
CA THR H 188 1.17 33.82 19.80
C THR H 188 0.38 34.74 18.89
N ASP H 189 0.47 34.53 17.57
CA ASP H 189 -0.28 35.37 16.64
C ASP H 189 -1.78 35.20 16.88
N TYR H 190 -2.20 33.98 17.14
CA TYR H 190 -3.60 33.72 17.40
C TYR H 190 -4.03 34.43 18.66
N LEU H 191 -3.20 34.38 19.71
CA LEU H 191 -3.53 35.09 20.93
C LEU H 191 -3.62 36.58 20.67
N MET H 192 -2.72 37.13 19.85
CA MET H 192 -2.84 38.56 19.57
C MET H 192 -4.23 38.83 19.01
N LYS H 193 -4.71 37.95 18.14
CA LYS H 193 -6.02 38.20 17.54
C LYS H 193 -7.14 37.97 18.55
N ILE H 194 -7.07 36.91 19.35
CA ILE H 194 -8.20 36.55 20.21
C ILE H 194 -8.41 37.63 21.27
N LEU H 195 -7.33 38.29 21.72
CA LEU H 195 -7.44 39.32 22.75
C LEU H 195 -8.25 40.52 22.28
N THR H 196 -8.45 40.62 20.96
CA THR H 196 -9.26 41.65 20.35
C THR H 196 -10.64 41.65 20.91
N GLU H 197 -11.16 40.47 21.19
CA GLU H 197 -12.54 40.33 21.63
C GLU H 197 -12.83 41.12 22.90
N ARG H 198 -11.84 41.29 23.77
CA ARG H 198 -12.01 41.97 25.04
C ARG H 198 -11.53 43.41 24.94
N GLY H 199 -11.21 43.83 23.72
CA GLY H 199 -10.79 45.17 23.44
C GLY H 199 -9.31 45.43 23.54
N TYR H 200 -8.48 44.43 23.67
CA TYR H 200 -7.08 44.76 23.78
C TYR H 200 -6.48 44.66 22.40
N SER H 201 -5.55 45.55 22.08
CA SER H 201 -5.03 45.45 20.71
C SER H 201 -3.52 45.57 20.63
N PHE H 202 -2.91 44.45 20.31
CA PHE H 202 -1.48 44.33 20.20
C PHE H 202 -1.15 44.15 18.74
N VAL H 203 -0.40 45.09 18.20
CA VAL H 203 -0.13 45.15 16.76
C VAL H 203 1.35 45.01 16.44
N THR H 204 2.19 45.79 17.12
CA THR H 204 3.58 45.91 16.72
C THR H 204 4.35 44.71 17.18
N THR H 205 5.58 44.60 16.66
CA THR H 205 6.44 43.50 17.03
C THR H 205 6.83 43.58 18.51
N ALA H 206 6.96 44.79 19.06
CA ALA H 206 7.24 44.86 20.49
C ALA H 206 6.05 44.31 21.25
N GLU H 207 4.86 44.63 20.76
CA GLU H 207 3.64 44.14 21.35
C GLU H 207 3.52 42.63 21.18
N ARG H 208 4.00 42.11 20.05
CA ARG H 208 4.01 40.67 19.88
C ARG H 208 4.80 40.01 21.00
N GLU H 209 5.95 40.59 21.36
CA GLU H 209 6.75 40.01 22.43
C GLU H 209 6.02 40.13 23.77
N ILE H 210 5.26 41.21 23.96
CA ILE H 210 4.48 41.33 25.19
C ILE H 210 3.45 40.23 25.24
N VAL H 211 2.77 40.00 24.12
CA VAL H 211 1.73 38.98 24.10
C VAL H 211 2.35 37.62 24.32
N ARG H 212 3.52 37.40 23.76
CA ARG H 212 4.20 36.14 24.04
C ARG H 212 4.39 35.97 25.54
N ASP H 213 4.87 37.01 26.23
CA ASP H 213 5.05 36.90 27.68
C ASP H 213 3.75 36.55 28.38
N ILE H 214 2.67 37.14 27.90
CA ILE H 214 1.38 36.84 28.50
C ILE H 214 1.07 35.37 28.34
N LYS H 215 1.20 34.87 27.11
CA LYS H 215 0.92 33.46 26.80
C LYS H 215 1.62 32.55 27.77
N GLU H 216 2.90 32.86 27.98
CA GLU H 216 3.78 32.02 28.80
C GLU H 216 3.35 31.97 30.26
N LYS H 217 2.72 33.04 30.75
CA LYS H 217 2.32 33.04 32.15
C LYS H 217 0.86 32.69 32.40
N LEU H 218 -0.05 33.00 31.49
CA LEU H 218 -1.45 32.77 31.79
C LEU H 218 -2.07 31.56 31.11
N CYS H 219 -1.56 31.09 29.98
CA CYS H 219 -2.29 30.05 29.29
C CYS H 219 -2.07 28.67 29.86
N TYR H 220 -3.10 27.84 29.69
CA TYR H 220 -3.08 26.47 30.14
C TYR H 220 -3.92 25.64 29.19
N VAL H 221 -3.75 24.33 29.25
CA VAL H 221 -4.49 23.44 28.39
C VAL H 221 -5.72 22.92 29.11
N ALA H 222 -6.87 23.10 28.49
CA ALA H 222 -8.09 22.57 29.05
C ALA H 222 -8.05 21.06 28.94
N LEU H 223 -8.47 20.35 29.98
CA LEU H 223 -8.47 18.90 29.79
C LEU H 223 -9.80 18.47 29.23
N ASP H 224 -10.70 19.43 29.15
CA ASP H 224 -12.03 19.29 28.59
C ASP H 224 -12.39 20.68 28.10
N PHE H 225 -12.26 20.88 26.79
CA PHE H 225 -12.42 22.21 26.24
C PHE H 225 -13.83 22.72 26.45
N GLU H 226 -14.83 21.89 26.20
CA GLU H 226 -16.19 22.39 26.30
C GLU H 226 -16.52 22.72 27.75
N ASN H 227 -16.04 21.94 28.71
CA ASN H 227 -16.34 22.30 30.08
C ASN H 227 -15.66 23.58 30.48
N GLU H 228 -14.44 23.83 29.99
CA GLU H 228 -13.81 25.08 30.36
C GLU H 228 -14.56 26.24 29.73
N MET H 229 -15.08 26.06 28.52
CA MET H 229 -15.84 27.14 27.90
C MET H 229 -17.11 27.41 28.68
N ALA H 230 -17.80 26.35 29.10
CA ALA H 230 -19.04 26.50 29.86
C ALA H 230 -18.77 27.17 31.19
N THR H 231 -17.64 26.82 31.78
CA THR H 231 -17.23 27.44 33.03
C THR H 231 -16.93 28.90 32.83
N ALA H 232 -16.15 29.23 31.81
CA ALA H 232 -15.79 30.61 31.59
C ALA H 232 -17.03 31.46 31.38
N ALA H 233 -17.98 30.91 30.63
CA ALA H 233 -19.21 31.61 30.28
C ALA H 233 -20.06 31.89 31.50
N SER H 234 -19.78 31.20 32.59
CA SER H 234 -20.58 31.36 33.80
C SER H 234 -19.73 31.75 35.00
N SER H 235 -18.45 32.10 34.83
CA SER H 235 -17.64 32.37 36.01
C SER H 235 -16.43 33.28 35.81
N SER H 236 -16.16 34.07 36.84
CA SER H 236 -14.99 34.92 36.90
C SER H 236 -13.77 34.21 37.47
N SER H 237 -13.94 32.95 37.89
CA SER H 237 -12.87 32.23 38.57
C SER H 237 -11.72 31.89 37.64
N LEU H 238 -11.94 31.94 36.33
CA LEU H 238 -10.88 31.64 35.40
C LEU H 238 -10.18 32.89 34.91
N GLU H 239 -10.61 34.06 35.36
CA GLU H 239 -10.02 35.29 34.87
C GLU H 239 -8.76 35.63 35.63
N LYS H 240 -7.77 36.13 34.90
CA LYS H 240 -6.52 36.54 35.53
C LYS H 240 -6.09 37.90 35.02
N SER H 241 -5.42 38.64 35.87
CA SER H 241 -4.91 39.92 35.44
C SER H 241 -3.44 39.80 35.11
N TYR H 242 -2.99 40.73 34.29
CA TYR H 242 -1.59 40.86 33.94
C TYR H 242 -1.24 42.32 33.83
N GLU H 243 -0.05 42.68 34.30
CA GLU H 243 0.37 44.06 34.21
C GLU H 243 1.26 44.25 32.99
N LEU H 244 0.83 45.15 32.11
CA LEU H 244 1.57 45.48 30.93
C LEU H 244 2.72 46.39 31.35
N PRO H 245 3.78 46.48 30.55
CA PRO H 245 4.96 47.30 30.87
C PRO H 245 4.70 48.74 31.25
N ASP H 246 3.60 49.33 30.82
CA ASP H 246 3.32 50.72 31.13
C ASP H 246 2.42 50.87 32.35
N GLY H 247 2.22 49.80 33.10
CA GLY H 247 1.39 49.83 34.28
C GLY H 247 -0.08 49.58 33.99
N GLN H 248 -0.42 49.43 32.73
CA GLN H 248 -1.81 49.18 32.40
C GLN H 248 -2.18 47.74 32.67
N VAL H 249 -3.28 47.54 33.35
CA VAL H 249 -3.71 46.19 33.63
C VAL H 249 -4.67 45.69 32.56
N ILE H 250 -4.39 44.48 32.10
CA ILE H 250 -5.18 43.76 31.11
C ILE H 250 -5.80 42.55 31.80
N THR H 251 -7.09 42.31 31.59
CA THR H 251 -7.70 41.17 32.26
C THR H 251 -8.11 40.18 31.17
N ILE H 252 -7.68 38.94 31.34
CA ILE H 252 -7.82 37.91 30.33
C ILE H 252 -8.70 36.78 30.86
N GLY H 253 -9.65 36.34 30.04
CA GLY H 253 -10.62 35.32 30.40
C GLY H 253 -10.35 33.98 29.74
N ASN H 254 -11.21 33.54 28.84
CA ASN H 254 -11.07 32.20 28.29
C ASN H 254 -10.00 32.10 27.22
N GLU H 255 -9.37 33.22 26.90
CA GLU H 255 -8.27 33.21 25.97
C GLU H 255 -7.14 32.39 26.54
N ARG H 256 -7.17 32.23 27.86
CA ARG H 256 -6.17 31.46 28.56
C ARG H 256 -6.13 30.02 28.08
N PHE H 257 -7.26 29.46 27.68
CA PHE H 257 -7.18 28.11 27.19
C PHE H 257 -7.59 28.01 25.73
N ARG H 258 -8.17 29.07 25.16
CA ARG H 258 -8.54 28.97 23.76
C ARG H 258 -7.30 29.10 22.90
N CYS H 259 -6.27 29.76 23.41
CA CYS H 259 -5.04 29.86 22.64
C CYS H 259 -4.38 28.51 22.41
N PRO H 260 -3.91 27.79 23.44
CA PRO H 260 -3.25 26.49 23.24
C PRO H 260 -4.16 25.45 22.65
N GLU H 261 -5.48 25.60 22.76
CA GLU H 261 -6.41 24.67 22.15
C GLU H 261 -6.14 24.52 20.67
N THR H 262 -5.56 25.56 20.05
CA THR H 262 -5.26 25.54 18.63
C THR H 262 -4.47 24.29 18.27
N LEU H 263 -3.59 23.85 19.16
CA LEU H 263 -2.76 22.68 18.91
C LEU H 263 -3.59 21.43 18.77
N PHE H 264 -4.77 21.42 19.34
CA PHE H 264 -5.64 20.27 19.21
C PHE H 264 -6.66 20.50 18.13
N GLN H 265 -6.96 21.77 17.88
CA GLN H 265 -7.89 22.18 16.84
C GLN H 265 -7.30 23.26 15.94
N PRO H 266 -6.40 22.90 15.02
CA PRO H 266 -5.71 23.84 14.13
C PRO H 266 -6.65 24.63 13.25
N SER H 267 -7.88 24.17 13.14
CA SER H 267 -8.93 24.86 12.42
C SER H 267 -9.17 26.25 12.97
N PHE H 268 -8.77 26.48 14.21
CA PHE H 268 -8.94 27.77 14.83
C PHE H 268 -8.14 28.84 14.13
N ILE H 269 -7.09 28.45 13.42
CA ILE H 269 -6.28 29.41 12.70
C ILE H 269 -6.35 29.16 11.20
N GLY H 270 -7.32 28.38 10.77
CA GLY H 270 -7.50 28.09 9.36
C GLY H 270 -6.81 26.85 8.82
N MET H 271 -6.15 26.04 9.64
CA MET H 271 -5.52 24.86 9.08
C MET H 271 -6.50 23.70 9.08
N GLU H 272 -6.49 22.89 8.01
CA GLU H 272 -7.35 21.71 7.98
C GLU H 272 -6.67 20.52 8.60
N SER H 273 -5.43 20.73 9.01
CA SER H 273 -4.51 19.71 9.40
C SER H 273 -4.96 19.10 10.73
N ALA H 274 -4.47 17.91 10.98
CA ALA H 274 -4.73 17.17 12.19
C ALA H 274 -4.09 17.89 13.37
N GLY H 275 -4.69 17.75 14.54
CA GLY H 275 -4.10 18.33 15.72
C GLY H 275 -2.93 17.48 16.15
N ILE H 276 -2.26 17.91 17.22
CA ILE H 276 -1.04 17.21 17.59
C ILE H 276 -1.29 15.80 18.11
N HIS H 277 -2.44 15.53 18.70
CA HIS H 277 -2.67 14.19 19.19
C HIS H 277 -3.00 13.23 18.06
N GLU H 278 -3.60 13.74 16.99
CA GLU H 278 -3.86 12.88 15.86
C GLU H 278 -2.63 12.74 15.03
N THR H 279 -1.83 13.78 14.99
CA THR H 279 -0.59 13.72 14.23
C THR H 279 0.32 12.70 14.88
N THR H 280 0.42 12.71 16.21
CA THR H 280 1.24 11.73 16.90
C THR H 280 0.71 10.34 16.63
N TYR H 281 -0.61 10.19 16.75
CA TYR H 281 -1.22 8.90 16.51
C TYR H 281 -0.93 8.39 15.12
N ASN H 282 -1.06 9.25 14.12
CA ASN H 282 -0.82 8.84 12.76
C ASN H 282 0.61 8.41 12.56
N SER H 283 1.54 9.10 13.22
CA SER H 283 2.93 8.67 13.08
C SER H 283 3.07 7.25 13.57
N ILE H 284 2.42 6.93 14.69
CA ILE H 284 2.47 5.57 15.18
C ILE H 284 1.84 4.62 14.16
N MET H 285 0.72 5.02 13.57
CA MET H 285 0.05 4.12 12.62
C MET H 285 0.90 3.85 11.40
N LYS H 286 1.78 4.77 11.00
CA LYS H 286 2.64 4.56 9.84
C LYS H 286 3.80 3.61 10.13
N CYS H 287 3.95 3.21 11.37
CA CYS H 287 5.02 2.33 11.78
C CYS H 287 4.52 0.89 11.71
N ASP H 288 5.45 -0.05 11.57
CA ASP H 288 5.07 -1.47 11.63
C ASP H 288 4.31 -1.78 12.88
N ILE H 289 3.28 -2.60 12.74
CA ILE H 289 2.43 -2.95 13.88
C ILE H 289 3.23 -3.44 15.07
N ASP H 290 4.32 -4.15 14.83
CA ASP H 290 5.14 -4.68 15.91
C ASP H 290 5.81 -3.64 16.78
N ILE H 291 5.89 -2.41 16.29
CA ILE H 291 6.61 -1.36 17.00
C ILE H 291 5.66 -0.45 17.75
N ARG H 292 4.38 -0.61 17.53
CA ARG H 292 3.47 0.37 18.08
C ARG H 292 3.49 0.35 19.60
N LYS H 293 3.52 -0.82 20.20
CA LYS H 293 3.46 -0.91 21.66
C LYS H 293 4.56 -0.10 22.32
N ASP H 294 5.75 -0.10 21.75
CA ASP H 294 6.86 0.57 22.38
C ASP H 294 6.78 2.06 22.12
N LEU H 295 6.20 2.44 20.99
CA LEU H 295 6.11 3.87 20.79
C LEU H 295 5.06 4.45 21.72
N TYR H 296 3.98 3.72 21.95
CA TYR H 296 2.95 4.25 22.83
C TYR H 296 3.46 4.41 24.24
N ALA H 297 4.33 3.50 24.65
CA ALA H 297 4.91 3.54 25.98
C ALA H 297 6.04 4.53 26.13
N ASN H 298 6.46 5.16 25.04
CA ASN H 298 7.55 6.13 25.09
C ASN H 298 7.23 7.36 24.25
N ASN H 299 6.19 8.07 24.64
CA ASN H 299 5.82 9.32 23.99
C ASN H 299 6.60 10.41 24.69
N VAL H 300 7.56 11.00 24.01
CA VAL H 300 8.50 11.92 24.61
C VAL H 300 8.20 13.34 24.17
N MET H 301 7.96 14.23 25.10
CA MET H 301 7.69 15.60 24.73
C MET H 301 8.91 16.45 24.96
N SER H 302 9.17 17.36 24.03
CA SER H 302 10.24 18.32 24.17
C SER H 302 9.86 19.57 23.43
N GLY H 303 10.57 20.65 23.70
CA GLY H 303 10.31 21.91 23.05
C GLY H 303 9.51 22.83 23.94
N GLY H 304 9.70 24.13 23.73
CA GLY H 304 9.07 25.14 24.58
C GLY H 304 7.55 25.12 24.65
N THR H 305 6.86 24.70 23.60
CA THR H 305 5.41 24.83 23.72
C THR H 305 4.82 23.67 24.51
N THR H 306 5.65 22.72 24.90
CA THR H 306 5.19 21.61 25.69
C THR H 306 5.19 21.98 27.13
N MET H 307 5.45 23.25 27.39
CA MET H 307 5.44 23.77 28.73
C MET H 307 4.07 24.23 29.19
N TYR H 308 3.05 24.25 28.34
CA TYR H 308 1.77 24.69 28.88
C TYR H 308 1.34 23.74 29.97
N PRO H 309 0.88 24.25 31.09
CA PRO H 309 0.32 23.39 32.13
C PRO H 309 -0.81 22.61 31.53
N GLY H 310 -0.86 21.32 31.85
CA GLY H 310 -1.93 20.47 31.35
C GLY H 310 -1.71 19.88 29.98
N ILE H 311 -0.60 20.21 29.29
CA ILE H 311 -0.47 19.69 27.94
C ILE H 311 -0.22 18.19 27.94
N ALA H 312 0.58 17.69 28.89
CA ALA H 312 0.86 16.26 28.88
C ALA H 312 -0.40 15.50 29.23
N ASP H 313 -1.21 16.06 30.11
CA ASP H 313 -2.40 15.36 30.54
C ASP H 313 -3.41 15.34 29.42
N ARG H 314 -3.51 16.45 28.68
CA ARG H 314 -4.42 16.45 27.56
C ARG H 314 -3.98 15.46 26.52
N MET H 315 -2.68 15.39 26.27
CA MET H 315 -2.20 14.46 25.27
C MET H 315 -2.54 13.04 25.68
N GLN H 316 -2.33 12.68 26.94
CA GLN H 316 -2.67 11.30 27.29
C GLN H 316 -4.12 11.04 27.04
N LYS H 317 -4.98 11.96 27.46
CA LYS H 317 -6.41 11.75 27.29
C LYS H 317 -6.77 11.60 25.82
N GLU H 318 -6.16 12.41 24.97
CA GLU H 318 -6.49 12.34 23.55
C GLU H 318 -5.95 11.06 22.92
N ILE H 319 -4.72 10.67 23.22
CA ILE H 319 -4.18 9.50 22.54
C ILE H 319 -4.95 8.27 22.93
N THR H 320 -5.33 8.16 24.20
CA THR H 320 -6.08 7.01 24.67
C THR H 320 -7.47 6.95 24.07
N ALA H 321 -7.94 8.04 23.45
CA ALA H 321 -9.23 8.01 22.78
C ALA H 321 -9.14 7.59 21.33
N LEU H 322 -7.94 7.50 20.79
CA LEU H 322 -7.71 7.12 19.41
C LEU H 322 -7.19 5.71 19.31
N ALA H 323 -6.28 5.43 20.23
CA ALA H 323 -5.61 4.18 20.34
C ALA H 323 -6.57 3.12 20.87
N PRO H 324 -6.30 1.86 20.57
CA PRO H 324 -7.08 0.77 21.12
C PRO H 324 -6.86 0.70 22.61
N SER H 325 -7.85 0.17 23.30
CA SER H 325 -7.80 -0.01 24.73
C SER H 325 -6.87 -1.14 25.08
N THR H 326 -6.68 -1.35 26.39
CA THR H 326 -5.80 -2.42 26.82
C THR H 326 -4.39 -2.25 26.31
N MET H 327 -3.89 -1.04 26.49
CA MET H 327 -2.53 -0.72 26.11
C MET H 327 -2.03 0.42 26.96
N LYS H 328 -0.76 0.37 27.32
CA LYS H 328 -0.17 1.41 28.13
C LYS H 328 0.28 2.58 27.28
N ILE H 329 -0.30 3.73 27.53
CA ILE H 329 0.03 4.94 26.80
C ILE H 329 0.66 5.89 27.79
N LYS H 330 1.94 6.19 27.58
CA LYS H 330 2.73 6.89 28.55
C LYS H 330 3.42 8.11 27.99
N ILE H 331 3.29 9.21 28.69
CA ILE H 331 3.92 10.45 28.29
C ILE H 331 5.01 10.84 29.26
N ILE H 332 6.14 11.10 28.67
CA ILE H 332 7.37 11.46 29.32
C ILE H 332 7.55 12.95 29.12
N ALA H 333 7.56 13.71 30.19
CA ALA H 333 7.64 15.17 30.06
C ALA H 333 8.43 15.75 31.23
N PRO H 334 9.76 15.59 31.21
CA PRO H 334 10.65 16.11 32.23
C PRO H 334 10.56 17.61 32.19
N PRO H 335 10.86 18.31 33.28
CA PRO H 335 10.77 19.78 33.31
C PRO H 335 11.73 20.50 32.35
N GLU H 336 12.83 19.89 31.94
CA GLU H 336 13.78 20.55 31.03
C GLU H 336 13.39 20.42 29.56
N ARG H 337 12.09 20.53 29.28
CA ARG H 337 11.65 20.38 27.90
C ARG H 337 12.22 21.47 27.02
N LYS H 338 12.50 22.62 27.61
CA LYS H 338 13.12 23.70 26.87
C LYS H 338 14.57 23.41 26.52
N TYR H 339 15.23 22.53 27.25
CA TYR H 339 16.65 22.34 27.08
C TYR H 339 17.05 20.96 26.61
N SER H 340 16.12 20.04 26.49
CA SER H 340 16.51 18.68 26.16
C SER H 340 17.26 18.60 24.84
N VAL H 341 16.95 19.48 23.90
CA VAL H 341 17.67 19.42 22.63
C VAL H 341 19.11 19.80 22.81
N TRP H 342 19.33 20.89 23.53
CA TRP H 342 20.69 21.32 23.75
C TRP H 342 21.44 20.24 24.46
N ILE H 343 20.79 19.63 25.44
CA ILE H 343 21.40 18.59 26.24
C ILE H 343 21.76 17.42 25.37
N GLY H 344 20.85 16.99 24.49
CA GLY H 344 21.20 15.92 23.60
C GLY H 344 22.45 16.28 22.82
N GLY H 345 22.54 17.53 22.37
CA GLY H 345 23.73 17.93 21.65
C GLY H 345 24.96 17.79 22.53
N SER H 346 24.81 18.16 23.80
CA SER H 346 25.92 18.12 24.73
C SER H 346 26.41 16.70 24.92
N ILE H 347 25.49 15.73 24.90
CA ILE H 347 25.82 14.30 25.03
C ILE H 347 26.44 13.78 23.77
N LEU H 348 25.77 13.99 22.65
CA LEU H 348 26.20 13.37 21.39
C LEU H 348 27.60 13.78 21.05
N ALA H 349 27.88 15.07 21.15
CA ALA H 349 29.17 15.60 20.78
C ALA H 349 30.28 15.09 21.66
N SER H 350 29.93 14.55 22.81
CA SER H 350 30.90 14.03 23.75
C SER H 350 31.13 12.54 23.65
N LEU H 351 30.39 11.82 22.82
CA LEU H 351 30.56 10.38 22.74
C LEU H 351 31.73 10.06 21.83
N SER H 352 32.56 9.09 22.22
CA SER H 352 33.67 8.70 21.35
C SER H 352 33.19 8.14 20.04
N THR H 353 32.03 7.49 20.08
CA THR H 353 31.38 6.88 18.94
C THR H 353 31.01 7.90 17.88
N PHE H 354 30.88 9.14 18.29
CA PHE H 354 30.47 10.21 17.41
C PHE H 354 31.63 10.96 16.82
N GLN H 355 32.86 10.62 17.17
CA GLN H 355 33.90 11.51 16.71
C GLN H 355 34.30 11.23 15.29
N GLN H 356 33.72 10.21 14.69
CA GLN H 356 33.93 9.93 13.28
C GLN H 356 32.83 10.50 12.43
N MET H 357 31.85 11.13 13.06
CA MET H 357 30.70 11.65 12.33
C MET H 357 30.92 13.06 11.87
N TRP H 358 31.94 13.72 12.39
CA TRP H 358 32.20 15.10 12.08
C TRP H 358 32.65 15.24 10.64
N ILE H 359 32.18 16.27 9.98
CA ILE H 359 32.71 16.63 8.69
C ILE H 359 33.93 17.44 8.98
N THR H 360 35.07 16.96 8.55
CA THR H 360 36.27 17.74 8.73
C THR H 360 36.28 18.78 7.65
N LYS H 361 36.72 19.99 7.95
CA LYS H 361 36.75 20.99 6.89
C LYS H 361 37.46 20.46 5.66
N GLN H 362 38.56 19.74 5.87
CA GLN H 362 39.28 19.14 4.76
C GLN H 362 38.38 18.28 3.89
N GLU H 363 37.43 17.56 4.47
CA GLU H 363 36.57 16.70 3.68
C GLU H 363 35.60 17.55 2.91
N TYR H 364 35.03 18.56 3.57
CA TYR H 364 34.07 19.44 2.92
C TYR H 364 34.69 20.06 1.69
N ASP H 365 35.92 20.53 1.84
CA ASP H 365 36.62 21.21 0.78
C ASP H 365 36.91 20.31 -0.42
N GLU H 366 36.81 18.99 -0.29
CA GLU H 366 37.03 18.11 -1.43
C GLU H 366 35.73 17.50 -1.94
N ALA H 367 34.81 17.22 -1.03
CA ALA H 367 33.53 16.57 -1.36
C ALA H 367 32.48 17.55 -1.83
N GLY H 368 32.53 18.77 -1.33
CA GLY H 368 31.49 19.73 -1.60
C GLY H 368 30.32 19.44 -0.70
N PRO H 369 29.25 20.21 -0.88
CA PRO H 369 28.05 20.16 -0.03
C PRO H 369 27.37 18.82 0.08
N SER H 370 27.52 17.90 -0.86
CA SER H 370 26.80 16.64 -0.71
C SER H 370 27.13 15.91 0.58
N ILE H 371 28.29 16.22 1.15
CA ILE H 371 28.74 15.57 2.36
C ILE H 371 27.85 15.90 3.56
N VAL H 372 27.11 17.01 3.51
CA VAL H 372 26.36 17.43 4.68
C VAL H 372 25.13 16.57 4.83
N HIS H 373 24.82 15.79 3.80
CA HIS H 373 23.63 14.98 3.82
C HIS H 373 23.93 13.56 4.25
N ARG H 374 25.13 13.31 4.76
CA ARG H 374 25.35 11.99 5.31
C ARG H 374 24.40 11.92 6.47
N LYS H 375 23.56 10.90 6.51
CA LYS H 375 22.52 10.80 7.53
C LYS H 375 21.55 11.98 7.41
N CYS H 376 21.30 12.44 6.17
CA CYS H 376 20.35 13.54 5.95
C CYS H 376 19.08 13.35 6.69
N PHE H 377 18.48 12.18 6.50
CA PHE H 377 17.24 11.84 7.14
C PHE H 377 16.21 12.88 6.73
N MET I 1 -25.88 48.47 -9.51
CA MET I 1 -26.74 48.60 -10.68
C MET I 1 -28.16 48.89 -10.21
N GLY I 2 -28.31 49.17 -8.92
CA GLY I 2 -29.60 49.46 -8.32
C GLY I 2 -30.06 48.30 -7.46
N VAL I 3 -30.67 48.64 -6.33
CA VAL I 3 -31.08 47.63 -5.37
C VAL I 3 -32.17 46.72 -5.92
N ALA I 4 -33.13 47.24 -6.66
CA ALA I 4 -34.18 46.34 -7.14
C ALA I 4 -33.59 45.22 -7.98
N ASP I 5 -32.57 45.55 -8.76
CA ASP I 5 -31.95 44.58 -9.65
C ASP I 5 -30.98 43.70 -8.91
N LEU I 6 -30.27 44.26 -7.94
CA LEU I 6 -29.35 43.45 -7.15
C LEU I 6 -30.12 42.46 -6.31
N ILE I 7 -31.29 42.85 -5.83
CA ILE I 7 -32.12 41.90 -5.10
C ILE I 7 -32.51 40.79 -6.03
N LYS I 8 -33.00 41.12 -7.22
CA LYS I 8 -33.39 40.04 -8.11
C LYS I 8 -32.22 39.11 -8.39
N LYS I 9 -31.02 39.66 -8.57
CA LYS I 9 -29.87 38.82 -8.82
C LYS I 9 -29.62 37.87 -7.66
N PHE I 10 -29.64 38.40 -6.43
CA PHE I 10 -29.36 37.53 -5.30
C PHE I 10 -30.48 36.58 -4.99
N GLU I 11 -31.72 36.95 -5.23
CA GLU I 11 -32.77 35.99 -4.96
C GLU I 11 -32.62 34.83 -5.92
N SER I 12 -32.23 35.16 -7.17
CA SER I 12 -32.09 34.11 -8.17
C SER I 12 -30.95 33.18 -7.76
N ILE I 13 -29.85 33.76 -7.29
CA ILE I 13 -28.69 32.95 -6.87
C ILE I 13 -29.08 32.04 -5.72
N SER I 14 -29.83 32.56 -4.74
CA SER I 14 -30.20 31.77 -3.59
C SER I 14 -31.06 30.58 -4.01
N LYS I 15 -32.04 30.84 -4.88
CA LYS I 15 -32.93 29.78 -5.33
C LYS I 15 -32.23 28.74 -6.17
N GLU I 16 -31.31 29.17 -7.03
CA GLU I 16 -30.60 28.26 -7.90
C GLU I 16 -29.66 27.41 -7.06
N THR J 7 -43.40 48.18 6.30
CA THR J 7 -42.70 47.33 7.26
C THR J 7 -41.28 47.11 6.81
N THR J 8 -40.85 47.99 5.92
CA THR J 8 -39.50 47.97 5.39
C THR J 8 -38.45 48.14 6.46
N ALA J 9 -37.45 47.27 6.44
CA ALA J 9 -36.41 47.35 7.46
C ALA J 9 -35.66 48.65 7.34
N LEU J 10 -35.23 49.16 8.47
CA LEU J 10 -34.37 50.31 8.46
C LEU J 10 -32.95 49.82 8.33
N VAL J 11 -32.15 50.58 7.63
CA VAL J 11 -30.75 50.28 7.42
C VAL J 11 -29.94 51.44 7.94
N CYS J 12 -28.97 51.19 8.83
CA CYS J 12 -28.18 52.30 9.35
C CYS J 12 -26.71 52.01 9.60
N ASP J 13 -25.87 52.54 8.72
CA ASP J 13 -24.43 52.36 8.76
C ASP J 13 -23.82 53.42 9.65
N ASN J 14 -23.78 53.12 10.94
CA ASN J 14 -23.29 54.07 11.94
C ASN J 14 -21.78 54.04 11.98
N GLY J 15 -21.21 54.61 10.95
CA GLY J 15 -19.78 54.66 10.87
C GLY J 15 -19.21 55.74 11.75
N SER J 16 -17.88 55.80 11.74
CA SER J 16 -17.17 56.74 12.57
C SER J 16 -17.17 58.14 11.96
N GLY J 17 -17.34 58.24 10.65
CA GLY J 17 -17.32 59.51 9.98
C GLY J 17 -18.73 60.02 9.79
N LEU J 18 -19.46 59.32 8.92
CA LEU J 18 -20.80 59.70 8.57
C LEU J 18 -21.80 58.64 8.97
N VAL J 19 -23.03 59.05 9.19
CA VAL J 19 -24.07 58.09 9.47
C VAL J 19 -24.91 57.96 8.24
N LYS J 20 -24.92 56.79 7.64
CA LYS J 20 -25.74 56.65 6.45
C LYS J 20 -26.95 55.82 6.78
N ALA J 21 -28.13 56.41 6.66
CA ALA J 21 -29.30 55.68 7.08
C ALA J 21 -30.49 55.93 6.19
N GLY J 22 -31.35 54.93 6.15
CA GLY J 22 -32.55 54.99 5.36
C GLY J 22 -33.30 53.68 5.42
N PHE J 23 -33.98 53.37 4.34
CA PHE J 23 -34.81 52.19 4.29
C PHE J 23 -34.25 51.16 3.34
N ALA J 24 -34.51 49.92 3.68
CA ALA J 24 -34.13 48.78 2.87
C ALA J 24 -34.87 48.81 1.55
N GLY J 25 -34.28 48.20 0.55
CA GLY J 25 -34.92 48.17 -0.74
C GLY J 25 -34.81 49.45 -1.54
N ASP J 26 -33.77 50.26 -1.33
CA ASP J 26 -33.67 51.52 -2.06
C ASP J 26 -32.21 51.79 -2.44
N ASP J 27 -31.94 52.87 -3.17
CA ASP J 27 -30.59 53.08 -3.71
C ASP J 27 -29.75 54.12 -2.99
N ALA J 28 -30.24 54.71 -1.91
CA ALA J 28 -29.43 55.70 -1.26
C ALA J 28 -29.92 55.89 0.15
N PRO J 29 -29.05 56.27 1.05
CA PRO J 29 -29.45 56.67 2.38
C PRO J 29 -30.17 57.98 2.25
N ARG J 30 -31.06 58.25 3.19
CA ARG J 30 -31.75 59.53 3.20
C ARG J 30 -31.06 60.47 4.15
N ALA J 31 -30.43 59.90 5.16
CA ALA J 31 -29.71 60.65 6.17
C ALA J 31 -28.23 60.40 5.93
N VAL J 32 -27.45 61.48 5.72
CA VAL J 32 -26.02 61.31 5.47
C VAL J 32 -25.22 62.34 6.28
N PHE J 33 -25.67 62.61 7.47
CA PHE J 33 -25.06 63.64 8.29
C PHE J 33 -23.87 63.00 9.01
N PRO J 34 -22.91 63.80 9.48
CA PRO J 34 -21.74 63.31 10.19
C PRO J 34 -22.00 62.87 11.62
N SER J 35 -21.18 61.91 12.07
CA SER J 35 -21.27 61.32 13.40
C SER J 35 -20.61 62.27 14.40
N ILE J 36 -21.15 63.47 14.51
CA ILE J 36 -20.54 64.51 15.34
C ILE J 36 -21.52 65.09 16.33
N VAL J 37 -21.09 65.16 17.57
CA VAL J 37 -21.88 65.82 18.57
C VAL J 37 -21.01 66.94 19.12
N GLY J 38 -21.51 68.15 19.07
CA GLY J 38 -20.72 69.25 19.55
C GLY J 38 -21.38 69.91 20.72
N ARG J 39 -20.59 70.56 21.55
CA ARG J 39 -21.11 71.29 22.68
C ARG J 39 -20.40 72.64 22.77
N PRO J 40 -21.11 73.68 23.21
CA PRO J 40 -20.54 75.02 23.36
C PRO J 40 -19.31 75.00 24.21
N ARG J 41 -18.32 75.75 23.79
CA ARG J 41 -17.10 75.86 24.55
C ARG J 41 -16.94 77.27 25.08
N HIS J 42 -18.00 78.06 25.01
CA HIS J 42 -17.96 79.44 25.44
C HIS J 42 -19.20 79.79 26.25
N GLN J 43 -19.05 80.79 27.11
CA GLN J 43 -20.16 81.35 27.87
C GLN J 43 -21.32 81.83 27.03
N GLY J 44 -22.53 81.35 27.31
CA GLY J 44 -23.67 81.91 26.61
C GLY J 44 -24.08 83.20 27.30
N VAL J 45 -24.42 84.22 26.52
CA VAL J 45 -24.88 85.47 27.09
C VAL J 45 -26.29 85.83 26.66
N MET J 46 -26.66 85.56 25.42
CA MET J 46 -27.98 85.99 24.99
C MET J 46 -28.98 84.91 25.37
N VAL J 47 -29.35 84.94 26.66
CA VAL J 47 -30.21 83.90 27.20
C VAL J 47 -31.53 83.90 26.47
N GLY J 48 -31.95 85.07 25.98
CA GLY J 48 -33.19 85.25 25.28
C GLY J 48 -33.31 84.51 23.98
N MET J 49 -32.24 83.88 23.49
CA MET J 49 -32.44 83.14 22.25
C MET J 49 -32.66 81.64 22.44
N GLY J 50 -32.75 81.12 23.65
CA GLY J 50 -33.03 79.67 23.72
C GLY J 50 -31.85 78.78 23.32
N GLN J 51 -30.67 79.13 23.75
CA GLN J 51 -29.44 78.44 23.41
C GLN J 51 -29.44 76.98 23.84
N LYS J 52 -28.84 76.12 23.02
CA LYS J 52 -28.76 74.70 23.30
C LYS J 52 -27.47 74.29 24.01
N ASP J 53 -27.55 73.13 24.64
CA ASP J 53 -26.43 72.47 25.29
C ASP J 53 -25.59 71.65 24.33
N SER J 54 -26.21 71.14 23.28
CA SER J 54 -25.49 70.31 22.34
C SER J 54 -26.13 70.44 20.97
N TYR J 55 -25.32 70.14 19.96
CA TYR J 55 -25.74 70.19 18.57
C TYR J 55 -25.36 68.91 17.86
N VAL J 56 -26.16 68.48 16.86
CA VAL J 56 -25.85 67.19 16.24
C VAL J 56 -25.75 67.21 14.71
N GLY J 57 -24.68 66.60 14.21
CA GLY J 57 -24.47 66.38 12.80
C GLY J 57 -24.31 67.67 12.04
N ASP J 58 -25.13 67.85 11.01
CA ASP J 58 -25.05 69.05 10.21
C ASP J 58 -25.31 70.27 11.05
N GLU J 59 -26.17 70.12 12.05
CA GLU J 59 -26.42 71.23 12.96
C GLU J 59 -25.15 71.65 13.63
N ALA J 60 -24.36 70.67 14.06
CA ALA J 60 -23.13 70.94 14.77
C ALA J 60 -22.09 71.52 13.83
N GLN J 61 -22.00 71.01 12.61
CA GLN J 61 -20.93 71.53 11.78
C GLN J 61 -21.24 72.95 11.38
N SER J 62 -22.51 73.27 11.26
CA SER J 62 -22.92 74.61 10.89
C SER J 62 -22.58 75.64 11.95
N LYS J 63 -22.25 75.21 13.15
CA LYS J 63 -21.91 76.08 14.26
C LYS J 63 -20.54 75.71 14.81
N ARG J 64 -19.75 75.00 14.02
CA ARG J 64 -18.51 74.41 14.52
C ARG J 64 -17.55 75.39 15.16
N GLY J 65 -17.49 76.64 14.71
CA GLY J 65 -16.53 77.55 15.31
C GLY J 65 -16.74 77.83 16.78
N ILE J 66 -17.86 77.41 17.36
CA ILE J 66 -18.05 77.61 18.79
C ILE J 66 -18.23 76.32 19.55
N LEU J 67 -18.00 75.18 18.90
CA LEU J 67 -18.24 73.90 19.55
C LEU J 67 -16.99 73.03 19.58
N THR J 68 -16.83 72.27 20.67
CA THR J 68 -15.74 71.28 20.66
C THR J 68 -16.29 70.04 20.01
N LEU J 69 -16.34 70.06 18.70
CA LEU J 69 -16.89 68.93 17.97
C LEU J 69 -16.12 67.67 18.28
N LYS J 70 -16.83 66.61 18.63
CA LYS J 70 -16.22 65.32 18.88
C LYS J 70 -16.98 64.20 18.20
N TYR J 71 -16.26 63.16 17.87
CA TYR J 71 -16.89 61.98 17.33
C TYR J 71 -17.09 60.97 18.45
N PRO J 72 -18.27 60.33 18.52
CA PRO J 72 -18.54 59.26 19.47
C PRO J 72 -17.83 57.98 19.15
N ILE J 73 -17.43 57.80 17.90
CA ILE J 73 -16.80 56.58 17.43
C ILE J 73 -15.40 56.86 16.94
N GLU J 74 -14.44 56.11 17.45
CA GLU J 74 -13.06 56.25 17.02
C GLU J 74 -12.47 54.91 16.68
N GLY J 76 -13.57 52.85 14.70
CA GLY J 76 -14.64 51.87 14.56
C GLY J 76 -15.29 51.44 15.86
N ILE J 77 -14.81 51.94 16.98
CA ILE J 77 -15.32 51.54 18.28
C ILE J 77 -16.15 52.66 18.88
N ILE J 78 -17.30 52.35 19.44
CA ILE J 78 -18.08 53.40 20.06
C ILE J 78 -17.52 53.63 21.44
N THR J 79 -17.12 54.84 21.73
CA THR J 79 -16.55 55.13 23.04
C THR J 79 -17.47 55.99 23.86
N ASN J 80 -18.33 56.76 23.22
CA ASN J 80 -19.23 57.61 23.95
C ASN J 80 -20.66 57.24 23.64
N TRP J 81 -21.25 56.49 24.55
CA TRP J 81 -22.57 55.95 24.33
C TRP J 81 -23.67 56.98 24.50
N ASP J 82 -23.46 58.01 25.30
CA ASP J 82 -24.50 59.02 25.41
C ASP J 82 -24.60 59.80 24.12
N ASP J 83 -23.44 60.09 23.56
CA ASP J 83 -23.45 60.79 22.30
C ASP J 83 -23.99 59.90 21.21
N MET J 84 -23.72 58.60 21.31
CA MET J 84 -24.23 57.73 20.28
C MET J 84 -25.74 57.63 20.34
N GLU J 85 -26.33 57.64 21.55
CA GLU J 85 -27.77 57.61 21.56
C GLU J 85 -28.32 58.88 20.95
N LYS J 86 -27.64 60.02 21.15
CA LYS J 86 -28.14 61.22 20.50
C LYS J 86 -28.13 61.08 19.00
N ILE J 87 -27.05 60.49 18.46
CA ILE J 87 -26.99 60.30 17.02
C ILE J 87 -28.15 59.47 16.54
N TRP J 88 -28.40 58.36 17.23
CA TRP J 88 -29.48 57.48 16.83
C TRP J 88 -30.81 58.17 16.97
N HIS J 89 -31.02 58.86 18.07
CA HIS J 89 -32.27 59.54 18.29
C HIS J 89 -32.58 60.45 17.14
N HIS J 90 -31.62 61.27 16.77
CA HIS J 90 -31.90 62.17 15.68
C HIS J 90 -32.10 61.41 14.40
N THR J 91 -31.29 60.39 14.16
CA THR J 91 -31.45 59.64 12.92
C THR J 91 -32.87 59.14 12.77
N PHE J 92 -33.41 58.55 13.83
CA PHE J 92 -34.72 57.95 13.74
C PHE J 92 -35.83 58.99 13.68
N TYR J 93 -35.77 60.00 14.53
CA TYR J 93 -36.93 60.85 14.60
C TYR J 93 -36.84 62.14 13.80
N ASN J 94 -35.65 62.70 13.63
CA ASN J 94 -35.54 63.98 12.95
C ASN J 94 -35.02 63.86 11.53
N GLU J 95 -34.21 62.85 11.25
CA GLU J 95 -33.64 62.70 9.92
C GLU J 95 -34.52 61.82 9.05
N LEU J 96 -34.89 60.63 9.55
CA LEU J 96 -35.70 59.72 8.77
C LEU J 96 -37.19 59.85 9.07
N ARG J 97 -37.54 60.51 10.17
CA ARG J 97 -38.92 60.71 10.56
C ARG J 97 -39.70 59.39 10.69
N VAL J 98 -39.13 58.41 11.37
CA VAL J 98 -39.73 57.09 11.47
C VAL J 98 -39.77 56.56 12.90
N ALA J 99 -40.87 55.90 13.26
CA ALA J 99 -40.95 55.29 14.58
C ALA J 99 -40.21 53.96 14.60
N PRO J 100 -39.13 53.83 15.37
CA PRO J 100 -38.33 52.59 15.42
C PRO J 100 -39.14 51.34 15.73
N GLU J 101 -40.20 51.48 16.50
CA GLU J 101 -41.03 50.34 16.86
C GLU J 101 -41.68 49.66 15.68
N GLU J 102 -41.78 50.35 14.57
CA GLU J 102 -42.52 49.83 13.44
C GLU J 102 -41.62 49.11 12.45
N HIS J 103 -40.30 49.12 12.62
CA HIS J 103 -39.42 48.52 11.64
C HIS J 103 -38.24 47.78 12.26
N PRO J 104 -37.86 46.62 11.73
CA PRO J 104 -36.64 45.92 12.18
C PRO J 104 -35.44 46.70 11.70
N THR J 105 -34.27 46.58 12.36
CA THR J 105 -33.15 47.43 11.93
C THR J 105 -31.83 46.67 11.71
N LEU J 106 -31.21 46.94 10.58
CA LEU J 106 -29.93 46.38 10.21
C LEU J 106 -28.80 47.37 10.48
N LEU J 107 -27.90 47.01 11.38
CA LEU J 107 -26.77 47.86 11.73
C LEU J 107 -25.49 47.21 11.28
N THR J 108 -24.43 48.00 11.21
CA THR J 108 -23.13 47.52 10.75
C THR J 108 -22.02 47.75 11.77
N GLU J 109 -20.94 46.99 11.59
CA GLU J 109 -19.73 47.13 12.39
C GLU J 109 -18.52 46.57 11.69
N ALA J 110 -17.34 47.05 12.09
CA ALA J 110 -16.08 46.56 11.59
C ALA J 110 -15.84 45.12 12.07
N PRO J 111 -15.11 44.33 11.30
CA PRO J 111 -14.68 43.01 11.73
C PRO J 111 -13.62 43.21 12.77
N LEU J 112 -13.43 42.20 13.62
CA LEU J 112 -12.36 42.23 14.60
C LEU J 112 -12.47 43.44 15.51
N ASN J 113 -13.66 43.78 15.90
CA ASN J 113 -13.87 44.89 16.80
C ASN J 113 -14.04 44.24 18.17
N PRO J 114 -14.17 44.97 19.27
CA PRO J 114 -14.47 44.37 20.57
C PRO J 114 -15.84 43.76 20.56
N LYS J 115 -16.03 42.63 21.24
CA LYS J 115 -17.38 42.06 21.23
C LYS J 115 -18.36 42.99 21.91
N ALA J 116 -17.91 43.66 22.96
CA ALA J 116 -18.77 44.52 23.73
C ALA J 116 -19.43 45.59 22.89
N ASN J 117 -18.79 45.99 21.80
CA ASN J 117 -19.34 47.06 20.98
C ASN J 117 -20.67 46.60 20.39
N ARG J 118 -20.71 45.32 19.98
CA ARG J 118 -21.90 44.74 19.38
C ARG J 118 -22.96 44.50 20.42
N GLU J 119 -22.51 44.04 21.59
CA GLU J 119 -23.46 43.72 22.63
C GLU J 119 -24.14 44.97 23.18
N LYS J 120 -23.38 46.04 23.37
CA LYS J 120 -23.96 47.27 23.87
C LYS J 120 -24.88 47.90 22.84
N MET J 121 -24.46 47.90 21.57
CA MET J 121 -25.32 48.44 20.54
C MET J 121 -26.64 47.71 20.51
N THR J 122 -26.58 46.38 20.65
CA THR J 122 -27.80 45.61 20.66
C THR J 122 -28.69 45.95 21.82
N GLN J 123 -28.11 46.07 23.01
CA GLN J 123 -28.92 46.40 24.16
C GLN J 123 -29.69 47.68 23.93
N ILE J 124 -29.02 48.68 23.38
CA ILE J 124 -29.67 49.97 23.17
C ILE J 124 -30.80 49.84 22.17
N MET J 125 -30.57 49.15 21.06
CA MET J 125 -31.65 49.08 20.09
C MET J 125 -32.87 48.37 20.67
N PHE J 126 -32.65 47.33 21.46
CA PHE J 126 -33.82 46.64 21.98
C PHE J 126 -34.46 47.36 23.17
N GLU J 127 -33.68 48.00 24.03
CA GLU J 127 -34.24 48.59 25.25
C GLU J 127 -34.55 50.07 25.16
N THR J 128 -33.84 50.84 24.34
CA THR J 128 -34.09 52.27 24.23
C THR J 128 -34.95 52.60 23.04
N PHE J 129 -34.73 51.93 21.93
CA PHE J 129 -35.51 52.24 20.76
C PHE J 129 -36.60 51.23 20.49
N ASN J 130 -36.68 50.19 21.29
CA ASN J 130 -37.73 49.20 21.18
C ASN J 130 -37.82 48.60 19.78
N VAL J 131 -36.68 48.38 19.15
CA VAL J 131 -36.79 47.82 17.79
C VAL J 131 -37.35 46.42 17.91
N PRO J 132 -38.29 46.00 17.07
CA PRO J 132 -38.83 44.64 17.14
C PRO J 132 -37.83 43.56 16.75
N ALA J 133 -36.80 43.90 15.99
CA ALA J 133 -35.81 42.92 15.59
C ALA J 133 -34.52 43.61 15.15
N MET J 134 -33.43 42.86 15.22
CA MET J 134 -32.15 43.45 14.87
C MET J 134 -31.16 42.47 14.25
N TYR J 135 -30.31 42.99 13.37
CA TYR J 135 -29.22 42.17 12.86
C TYR J 135 -28.00 43.05 12.66
N VAL J 136 -26.82 42.52 12.94
CA VAL J 136 -25.61 43.28 12.70
C VAL J 136 -24.73 42.62 11.65
N ALA J 137 -24.36 43.41 10.65
CA ALA J 137 -23.57 42.96 9.52
C ALA J 137 -22.17 43.57 9.48
N ILE J 138 -21.28 42.88 8.80
CA ILE J 138 -19.92 43.34 8.55
C ILE J 138 -19.88 44.04 7.21
N GLN J 139 -19.36 45.28 7.18
CA GLN J 139 -19.38 46.06 5.94
C GLN J 139 -18.68 45.38 4.80
N ALA J 140 -17.62 44.66 5.09
CA ALA J 140 -16.91 44.02 4.01
C ALA J 140 -17.80 43.04 3.28
N VAL J 141 -18.75 42.43 3.98
CA VAL J 141 -19.64 41.49 3.33
C VAL J 141 -20.67 42.25 2.52
N LEU J 142 -21.18 43.32 3.12
CA LEU J 142 -22.20 44.09 2.46
C LEU J 142 -21.66 44.68 1.17
N SER J 143 -20.37 45.00 1.15
CA SER J 143 -19.77 45.57 -0.03
C SER J 143 -19.75 44.58 -1.20
N LEU J 144 -19.80 43.27 -0.95
CA LEU J 144 -19.87 42.40 -2.11
C LEU J 144 -21.29 42.26 -2.57
N TYR J 145 -22.24 42.24 -1.63
CA TYR J 145 -23.62 42.19 -2.10
C TYR J 145 -23.88 43.35 -3.05
N ALA J 146 -23.37 44.51 -2.67
CA ALA J 146 -23.53 45.74 -3.44
C ALA J 146 -22.77 45.72 -4.74
N SER J 147 -21.84 44.79 -4.89
CA SER J 147 -21.03 44.70 -6.10
C SER J 147 -21.58 43.62 -7.02
N GLY J 148 -22.66 42.96 -6.60
CA GLY J 148 -23.28 41.89 -7.36
C GLY J 148 -22.49 40.60 -7.40
N ARG J 149 -21.67 40.31 -6.39
CA ARG J 149 -20.88 39.10 -6.51
C ARG J 149 -20.67 38.43 -5.16
N THR J 150 -20.26 37.16 -5.22
CA THR J 150 -20.02 36.36 -4.04
C THR J 150 -18.55 36.06 -3.81
N THR J 151 -17.66 36.63 -4.63
CA THR J 151 -16.26 36.33 -4.50
C THR J 151 -15.43 37.60 -4.62
N GLY J 152 -14.40 37.72 -3.77
CA GLY J 152 -13.47 38.82 -3.85
C GLY J 152 -13.01 39.30 -2.50
N ILE J 153 -12.10 40.26 -2.50
CA ILE J 153 -11.63 40.90 -1.28
C ILE J 153 -12.13 42.27 -1.23
N VAL J 154 -12.78 42.58 -0.14
CA VAL J 154 -13.19 43.96 0.01
C VAL J 154 -12.20 44.69 0.85
N LEU J 155 -11.68 45.77 0.28
CA LEU J 155 -10.84 46.72 0.97
C LEU J 155 -11.70 47.91 1.31
N ASP J 156 -12.15 47.96 2.55
CA ASP J 156 -13.05 49.00 3.00
C ASP J 156 -12.24 49.99 3.79
N SER J 157 -12.06 51.19 3.25
CA SER J 157 -11.20 52.12 3.94
C SER J 157 -11.99 53.40 4.16
N GLY J 158 -12.36 53.63 5.41
CA GLY J 158 -13.16 54.79 5.75
C GLY J 158 -12.40 55.74 6.65
N ASP J 159 -13.16 56.50 7.44
CA ASP J 159 -12.62 57.47 8.39
C ASP J 159 -12.07 56.78 9.63
N GLY J 160 -12.71 55.67 10.01
CA GLY J 160 -12.37 54.91 11.20
C GLY J 160 -11.27 53.91 10.98
N VAL J 161 -11.56 52.80 10.32
CA VAL J 161 -10.54 51.78 10.09
C VAL J 161 -10.49 51.34 8.65
N THR J 162 -9.41 50.64 8.32
CA THR J 162 -9.24 50.03 7.01
C THR J 162 -9.18 48.51 7.15
N HIS J 163 -10.01 47.80 6.40
CA HIS J 163 -9.94 46.35 6.54
C HIS J 163 -10.15 45.57 5.25
N ASN J 164 -9.59 44.36 5.25
CA ASN J 164 -9.60 43.43 4.13
C ASN J 164 -10.26 42.12 4.49
N VAL J 165 -11.36 41.81 3.84
CA VAL J 165 -12.01 40.53 4.12
C VAL J 165 -12.27 39.74 2.84
N PRO J 166 -11.47 38.71 2.57
CA PRO J 166 -11.69 37.80 1.46
C PRO J 166 -12.88 36.90 1.68
N ILE J 167 -13.67 36.76 0.62
CA ILE J 167 -14.83 35.89 0.55
C ILE J 167 -14.70 35.04 -0.71
N TYR J 168 -15.02 33.76 -0.63
CA TYR J 168 -14.99 32.92 -1.82
C TYR J 168 -16.25 32.09 -1.90
N GLU J 169 -17.02 32.26 -2.97
CA GLU J 169 -18.28 31.55 -3.10
C GLU J 169 -19.15 31.76 -1.87
N GLY J 170 -19.10 32.98 -1.34
CA GLY J 170 -19.86 33.36 -0.18
C GLY J 170 -19.30 32.87 1.14
N TYR J 171 -18.23 32.11 1.11
CA TYR J 171 -17.70 31.63 2.37
C TYR J 171 -16.61 32.57 2.77
N ALA J 172 -16.53 32.85 4.04
CA ALA J 172 -15.52 33.79 4.42
C ALA J 172 -14.27 33.06 4.82
N LEU J 173 -13.16 33.77 4.75
CA LEU J 173 -11.89 33.21 5.17
C LEU J 173 -11.36 34.04 6.33
N PRO J 174 -11.96 33.90 7.53
CA PRO J 174 -11.68 34.81 8.67
C PRO J 174 -10.25 34.85 9.13
N HIS J 175 -9.48 33.80 8.91
CA HIS J 175 -8.11 33.82 9.34
C HIS J 175 -7.26 34.72 8.47
N ALA J 176 -7.81 35.17 7.35
CA ALA J 176 -7.13 36.04 6.42
C ALA J 176 -7.61 37.48 6.55
N ILE J 177 -8.35 37.82 7.59
CA ILE J 177 -8.81 39.20 7.71
C ILE J 177 -7.66 40.06 8.17
N MET J 178 -7.45 41.14 7.46
CA MET J 178 -6.42 42.05 7.86
C MET J 178 -7.08 43.36 8.26
N ARG J 179 -6.57 43.95 9.32
CA ARG J 179 -7.12 45.22 9.74
C ARG J 179 -6.02 46.19 10.14
N LEU J 180 -6.14 47.39 9.65
CA LEU J 180 -5.27 48.47 10.02
C LEU J 180 -6.09 49.54 10.70
N ASP J 181 -5.51 50.18 11.69
CA ASP J 181 -6.17 51.29 12.32
C ASP J 181 -5.67 52.60 11.75
N LEU J 182 -5.34 52.54 10.47
CA LEU J 182 -4.97 53.67 9.65
C LEU J 182 -6.13 54.00 8.76
N ALA J 183 -6.64 55.21 8.90
CA ALA J 183 -7.83 55.58 8.18
C ALA J 183 -7.88 57.07 7.87
N GLY J 184 -8.98 57.49 7.25
CA GLY J 184 -9.11 58.87 6.81
C GLY J 184 -8.92 59.89 7.91
N ARG J 185 -9.30 59.55 9.14
CA ARG J 185 -9.10 60.49 10.23
C ARG J 185 -7.62 60.71 10.51
N ASP J 186 -6.80 59.71 10.26
CA ASP J 186 -5.37 59.84 10.52
C ASP J 186 -4.72 60.56 9.40
N LEU J 187 -5.22 60.34 8.20
CA LEU J 187 -4.68 61.05 7.07
C LEU J 187 -4.94 62.52 7.27
N THR J 188 -6.12 62.83 7.79
CA THR J 188 -6.48 64.20 8.09
C THR J 188 -5.55 64.78 9.13
N ASP J 189 -5.30 64.02 10.20
CA ASP J 189 -4.40 64.52 11.24
C ASP J 189 -3.00 64.74 10.68
N TYR J 190 -2.56 63.82 9.82
CA TYR J 190 -1.27 63.97 9.20
C TYR J 190 -1.22 65.21 8.34
N LEU J 191 -2.28 65.45 7.57
CA LEU J 191 -2.33 66.64 6.75
C LEU J 191 -2.28 67.88 7.63
N MET J 192 -2.99 67.87 8.76
CA MET J 192 -2.91 69.04 9.62
C MET J 192 -1.46 69.30 9.98
N LYS J 193 -0.71 68.24 10.24
CA LYS J 193 0.69 68.45 10.63
C LYS J 193 1.53 68.87 9.43
N ILE J 194 1.35 68.24 8.26
CA ILE J 194 2.24 68.49 7.14
C ILE J 194 2.10 69.93 6.66
N LEU J 195 0.90 70.51 6.77
CA LEU J 195 0.67 71.88 6.31
C LEU J 195 1.46 72.90 7.11
N THR J 196 1.99 72.47 8.26
CA THR J 196 2.84 73.28 9.11
C THR J 196 4.04 73.76 8.34
N GLU J 197 4.56 72.92 7.47
CA GLU J 197 5.78 73.23 6.76
C GLU J 197 5.69 74.52 5.96
N ARG J 198 4.50 74.85 5.45
CA ARG J 198 4.29 76.02 4.62
C ARG J 198 3.75 77.17 5.45
N GLY J 199 3.71 76.98 6.75
CA GLY J 199 3.27 77.98 7.68
C GLY J 199 1.81 77.98 8.01
N TYR J 200 1.05 77.00 7.60
CA TYR J 200 -0.36 77.09 7.91
C TYR J 200 -0.58 76.31 9.19
N SER J 201 -1.47 76.80 10.06
CA SER J 201 -1.62 76.05 11.30
C SER J 201 -3.06 75.85 11.71
N PHE J 202 -3.48 74.62 11.60
CA PHE J 202 -4.83 74.20 11.93
C PHE J 202 -4.76 73.37 13.19
N VAL J 203 -5.41 73.84 14.23
CA VAL J 203 -5.33 73.25 15.55
C VAL J 203 -6.66 72.73 16.06
N THR J 204 -7.70 73.55 15.97
CA THR J 204 -8.95 73.24 16.65
C THR J 204 -9.73 72.22 15.86
N THR J 205 -10.75 71.69 16.49
CA THR J 205 -11.60 70.72 15.85
C THR J 205 -12.35 71.34 14.66
N ALA J 206 -12.71 72.62 14.75
CA ALA J 206 -13.35 73.23 13.59
C ALA J 206 -12.35 73.26 12.45
N GLU J 207 -11.11 73.56 12.80
CA GLU J 207 -10.04 73.59 11.82
C GLU J 207 -9.77 72.21 11.27
N ARG J 208 -9.90 71.18 12.12
CA ARG J 208 -9.77 69.82 11.61
C ARG J 208 -10.76 69.56 10.51
N GLU J 209 -12.00 70.02 10.68
CA GLU J 209 -13.00 69.81 9.62
C GLU J 209 -12.63 70.60 8.37
N ILE J 210 -12.05 71.78 8.54
CA ILE J 210 -11.60 72.54 7.37
C ILE J 210 -10.54 71.76 6.64
N VAL J 211 -9.58 71.22 7.37
CA VAL J 211 -8.50 70.49 6.75
C VAL J 211 -9.04 69.27 6.06
N ARG J 212 -10.02 68.62 6.68
CA ARG J 212 -10.65 67.50 6.00
C ARG J 212 -11.19 67.94 4.64
N ASP J 213 -11.92 69.06 4.60
CA ASP J 213 -12.44 69.53 3.32
C ASP J 213 -11.33 69.76 2.31
N ILE J 214 -10.21 70.27 2.78
CA ILE J 214 -9.10 70.48 1.87
C ILE J 214 -8.65 69.17 1.30
N LYS J 215 -8.42 68.18 2.17
CA LYS J 215 -7.97 66.85 1.76
C LYS J 215 -8.83 66.32 0.63
N GLU J 216 -10.14 66.45 0.82
CA GLU J 216 -11.13 65.89 -0.09
C GLU J 216 -11.07 66.54 -1.46
N LYS J 217 -10.67 67.81 -1.54
CA LYS J 217 -10.64 68.46 -2.83
C LYS J 217 -9.27 68.51 -3.49
N LEU J 218 -8.18 68.57 -2.72
CA LEU J 218 -6.89 68.74 -3.37
C LEU J 218 -6.02 67.49 -3.44
N CYS J 219 -6.20 66.52 -2.57
CA CYS J 219 -5.25 65.43 -2.56
C CYS J 219 -5.49 64.39 -3.65
N TYR J 220 -4.39 63.77 -4.06
CA TYR J 220 -4.42 62.73 -5.07
C TYR J 220 -3.31 61.75 -4.77
N VAL J 221 -3.39 60.59 -5.38
CA VAL J 221 -2.39 59.57 -5.17
C VAL J 221 -1.34 59.62 -6.27
N ALA J 222 -0.09 59.74 -5.86
CA ALA J 222 0.99 59.71 -6.82
C ALA J 222 1.09 58.31 -7.40
N LEU J 223 1.30 58.20 -8.71
CA LEU J 223 1.44 56.82 -9.19
C LEU J 223 2.92 56.45 -9.15
N ASP J 224 3.72 57.44 -8.82
CA ASP J 224 5.16 57.32 -8.66
C ASP J 224 5.52 58.41 -7.67
N PHE J 225 5.71 58.01 -6.42
CA PHE J 225 5.91 59.00 -5.37
C PHE J 225 7.17 59.80 -5.59
N GLU J 226 8.26 59.13 -5.93
CA GLU J 226 9.51 59.86 -6.08
C GLU J 226 9.44 60.82 -7.25
N ASN J 227 8.79 60.43 -8.34
CA ASN J 227 8.71 61.38 -9.43
C ASN J 227 7.85 62.58 -9.08
N GLU J 228 6.78 62.37 -8.30
CA GLU J 228 5.99 63.53 -7.95
C GLU J 228 6.78 64.43 -7.02
N MET J 229 7.59 63.86 -6.14
CA MET J 229 8.41 64.69 -5.26
C MET J 229 9.42 65.50 -6.07
N ALA J 230 10.06 64.84 -7.04
CA ALA J 230 11.04 65.52 -7.88
C ALA J 230 10.40 66.63 -8.68
N THR J 231 9.18 66.36 -9.13
CA THR J 231 8.43 67.35 -9.87
C THR J 231 8.08 68.52 -8.99
N ALA J 232 7.55 68.25 -7.80
CA ALA J 232 7.16 69.33 -6.91
C ALA J 232 8.34 70.20 -6.59
N ALA J 233 9.48 69.58 -6.37
CA ALA J 233 10.70 70.27 -6.00
C ALA J 233 11.20 71.19 -7.08
N SER J 234 10.72 70.98 -8.30
CA SER J 234 11.17 71.78 -9.43
C SER J 234 10.01 72.47 -10.15
N SER J 235 8.80 72.48 -9.58
CA SER J 235 7.70 73.06 -10.35
C SER J 235 6.51 73.58 -9.53
N SER J 236 5.93 74.66 -10.01
CA SER J 236 4.72 75.24 -9.47
C SER J 236 3.45 74.61 -10.05
N SER J 237 3.61 73.71 -11.01
CA SER J 237 2.46 73.15 -11.71
C SER J 237 1.61 72.25 -10.84
N LEU J 238 2.14 71.80 -9.72
CA LEU J 238 1.39 70.95 -8.83
C LEU J 238 0.74 71.74 -7.71
N GLU J 239 0.96 73.04 -7.67
CA GLU J 239 0.42 73.82 -6.57
C GLU J 239 -1.02 74.22 -6.84
N LYS J 240 -1.83 74.17 -5.80
CA LYS J 240 -3.22 74.58 -5.91
C LYS J 240 -3.62 75.49 -4.78
N SER J 241 -4.53 76.39 -5.06
CA SER J 241 -5.02 77.26 -4.02
C SER J 241 -6.35 76.75 -3.50
N TYR J 242 -6.65 77.16 -2.28
CA TYR J 242 -7.91 76.87 -1.65
C TYR J 242 -8.34 78.07 -0.83
N GLU J 243 -9.63 78.36 -0.84
CA GLU J 243 -10.12 79.48 -0.07
C GLU J 243 -10.68 78.99 1.25
N LEU J 244 -10.11 79.49 2.34
CA LEU J 244 -10.56 79.17 3.66
C LEU J 244 -11.84 79.94 3.93
N PRO J 245 -12.67 79.49 4.87
CA PRO J 245 -13.96 80.14 5.19
C PRO J 245 -13.91 81.64 5.44
N ASP J 246 -12.79 82.18 5.88
CA ASP J 246 -12.70 83.60 6.17
C ASP J 246 -12.15 84.40 5.01
N GLY J 247 -12.07 83.79 3.83
CA GLY J 247 -11.56 84.47 2.65
C GLY J 247 -10.06 84.38 2.51
N GLN J 248 -9.39 83.79 3.49
CA GLN J 248 -7.95 83.68 3.40
C GLN J 248 -7.56 82.58 2.44
N VAL J 249 -6.65 82.88 1.54
CA VAL J 249 -6.21 81.86 0.61
C VAL J 249 -4.97 81.16 1.14
N ILE J 250 -5.03 79.83 1.04
CA ILE J 250 -3.97 78.92 1.44
C ILE J 250 -3.45 78.24 0.18
N THR J 251 -2.13 78.18 0.00
CA THR J 251 -1.63 77.54 -1.21
C THR J 251 -0.88 76.29 -0.78
N ILE J 252 -1.24 75.17 -1.41
CA ILE J 252 -0.76 73.86 -1.01
C ILE J 252 0.03 73.23 -2.16
N GLY J 253 1.19 72.66 -1.82
CA GLY J 253 2.12 72.08 -2.77
C GLY J 253 2.12 70.57 -2.76
N ASN J 254 3.21 69.95 -2.32
CA ASN J 254 3.31 68.50 -2.42
C ASN J 254 2.57 67.77 -1.32
N GLU J 255 1.95 68.53 -0.42
CA GLU J 255 1.13 67.94 0.61
C GLU J 255 -0.04 67.24 -0.05
N ARG J 256 -0.34 67.65 -1.27
CA ARG J 256 -1.43 67.07 -2.04
C ARG J 256 -1.24 65.60 -2.26
N PHE J 257 0.01 65.13 -2.38
CA PHE J 257 0.16 63.71 -2.54
C PHE J 257 0.92 63.08 -1.39
N ARG J 258 1.54 63.89 -0.53
CA ARG J 258 2.27 63.28 0.57
C ARG J 258 1.28 62.82 1.62
N CYS J 259 0.10 63.43 1.66
CA CYS J 259 -0.89 62.98 2.63
C CYS J 259 -1.38 61.56 2.35
N PRO J 260 -2.03 61.26 1.22
CA PRO J 260 -2.52 59.91 0.93
C PRO J 260 -1.41 58.89 0.81
N GLU J 261 -0.18 59.32 0.52
CA GLU J 261 0.94 58.40 0.45
C GLU J 261 1.07 57.60 1.74
N THR J 262 0.59 58.16 2.85
CA THR J 262 0.66 57.49 4.14
C THR J 262 0.08 56.09 4.06
N LEU J 263 -0.96 55.91 3.24
CA LEU J 263 -1.60 54.62 3.09
C LEU J 263 -0.68 53.59 2.50
N PHE J 264 0.32 54.03 1.78
CA PHE J 264 1.28 53.12 1.20
C PHE J 264 2.52 53.06 2.05
N GLN J 265 2.77 54.13 2.79
CA GLN J 265 3.90 54.23 3.70
C GLN J 265 3.48 54.71 5.08
N PRO J 266 2.87 53.84 5.88
CA PRO J 266 2.35 54.19 7.23
C PRO J 266 3.42 54.69 8.17
N SER J 267 4.67 54.45 7.82
CA SER J 267 5.82 54.96 8.56
C SER J 267 5.80 56.46 8.65
N PHE J 268 5.09 57.11 7.75
CA PHE J 268 4.99 58.56 7.75
C PHE J 268 4.31 59.07 9.00
N ILE J 269 3.50 58.23 9.65
CA ILE J 269 2.84 58.64 10.87
C ILE J 269 3.29 57.81 12.03
N GLY J 270 4.41 57.11 11.88
CA GLY J 270 4.96 56.30 12.94
C GLY J 270 4.52 54.84 12.99
N MET J 271 3.75 54.34 12.04
CA MET J 271 3.37 52.94 12.12
C MET J 271 4.41 52.08 11.42
N GLU J 272 4.72 50.92 11.99
CA GLU J 272 5.65 50.02 11.32
C GLU J 272 4.92 49.09 10.37
N SER J 273 3.62 49.22 10.35
CA SER J 273 2.71 48.31 9.72
C SER J 273 2.85 48.41 8.21
N ALA J 274 2.41 47.35 7.56
CA ALA J 274 2.40 47.26 6.12
C ALA J 274 1.44 48.26 5.53
N GLY J 275 1.74 48.75 4.33
CA GLY J 275 0.83 49.65 3.67
C GLY J 275 -0.35 48.87 3.15
N ILE J 276 -1.30 49.57 2.53
CA ILE J 276 -2.52 48.89 2.13
C ILE J 276 -2.30 47.89 0.99
N HIS J 277 -1.31 48.10 0.14
CA HIS J 277 -1.11 47.15 -0.94
C HIS J 277 -0.44 45.88 -0.44
N GLU J 278 0.36 46.00 0.61
CA GLU J 278 0.97 44.82 1.15
C GLU J 278 0.01 44.12 2.05
N THR J 279 -0.84 44.88 2.72
CA THR J 279 -1.84 44.29 3.57
C THR J 279 -2.81 43.48 2.74
N THR J 280 -3.24 44.04 1.60
CA THR J 280 -4.12 43.31 0.71
C THR J 280 -3.44 42.05 0.22
N TYR J 281 -2.19 42.20 -0.20
CA TYR J 281 -1.44 41.07 -0.69
C TYR J 281 -1.33 39.97 0.35
N ASN J 282 -1.01 40.35 1.58
CA ASN J 282 -0.87 39.36 2.63
C ASN J 282 -2.17 38.65 2.88
N SER J 283 -3.28 39.37 2.81
CA SER J 283 -4.55 38.68 3.00
C SER J 283 -4.70 37.60 1.96
N ILE J 284 -4.34 37.90 0.72
CA ILE J 284 -4.40 36.87 -0.32
C ILE J 284 -3.46 35.73 0.03
N MET J 285 -2.26 36.03 0.51
CA MET J 285 -1.31 34.96 0.80
C MET J 285 -1.81 34.04 1.92
N LYS J 286 -2.63 34.55 2.84
CA LYS J 286 -3.14 33.72 3.93
C LYS J 286 -4.27 32.79 3.47
N CYS J 287 -4.70 32.92 2.24
CA CYS J 287 -5.76 32.12 1.69
C CYS J 287 -5.16 30.89 1.00
N ASP J 288 -5.94 29.82 0.88
CA ASP J 288 -5.48 28.65 0.14
C ASP J 288 -5.04 29.04 -1.25
N ILE J 289 -3.94 28.44 -1.69
CA ILE J 289 -3.39 28.76 -3.00
C ILE J 289 -4.42 28.68 -4.11
N ASP J 290 -5.35 27.75 -4.01
CA ASP J 290 -6.37 27.58 -5.03
C ASP J 290 -7.32 28.75 -5.19
N ILE J 291 -7.37 29.62 -4.21
CA ILE J 291 -8.32 30.73 -4.21
C ILE J 291 -7.67 32.02 -4.64
N ARG J 292 -6.36 32.01 -4.77
CA ARG J 292 -5.69 33.28 -4.98
C ARG J 292 -6.10 33.90 -6.31
N LYS J 293 -6.19 33.09 -7.35
CA LYS J 293 -6.50 33.64 -8.68
C LYS J 293 -7.79 34.44 -8.70
N ASP J 294 -8.78 33.98 -7.96
CA ASP J 294 -10.06 34.65 -7.99
C ASP J 294 -10.04 35.88 -7.12
N LEU J 295 -9.24 35.85 -6.07
CA LEU J 295 -9.20 37.05 -5.27
C LEU J 295 -8.46 38.15 -6.02
N TYR J 296 -7.43 37.80 -6.77
CA TYR J 296 -6.69 38.81 -7.50
C TYR J 296 -7.56 39.46 -8.55
N ALA J 297 -8.43 38.66 -9.15
CA ALA J 297 -9.33 39.14 -10.19
C ALA J 297 -10.53 39.89 -9.65
N ASN J 298 -10.71 39.93 -8.33
CA ASN J 298 -11.84 40.61 -7.74
C ASN J 298 -11.42 41.41 -6.52
N ASN J 299 -10.57 42.40 -6.74
CA ASN J 299 -10.14 43.30 -5.68
C ASN J 299 -11.15 44.43 -5.65
N VAL J 300 -11.95 44.48 -4.60
CA VAL J 300 -13.09 45.39 -4.54
C VAL J 300 -12.79 46.52 -3.56
N MET J 301 -12.86 47.76 -4.04
CA MET J 301 -12.61 48.87 -3.14
C MET J 301 -13.92 49.50 -2.74
N SER J 302 -13.99 49.87 -1.47
CA SER J 302 -15.15 50.59 -0.95
C SER J 302 -14.67 51.48 0.19
N GLY J 303 -15.52 52.41 0.57
CA GLY J 303 -15.20 53.31 1.66
C GLY J 303 -14.72 54.65 1.13
N GLY J 304 -14.95 55.68 1.93
CA GLY J 304 -14.64 57.05 1.53
C GLY J 304 -13.18 57.34 1.17
N THR J 305 -12.22 56.64 1.76
CA THR J 305 -10.86 57.06 1.43
C THR J 305 -10.41 56.48 0.11
N THR J 306 -11.24 55.65 -0.50
CA THR J 306 -10.90 55.06 -1.78
C THR J 306 -11.30 56.00 -2.86
N MET J 307 -11.70 57.19 -2.48
CA MET J 307 -12.08 58.21 -3.41
C MET J 307 -10.90 59.06 -3.87
N TYR J 308 -9.71 58.90 -3.31
CA TYR J 308 -8.64 59.75 -3.83
C TYR J 308 -8.43 59.44 -5.29
N PRO J 309 -8.30 60.45 -6.13
CA PRO J 309 -7.96 60.22 -7.52
C PRO J 309 -6.66 59.46 -7.57
N GLY J 310 -6.59 58.47 -8.44
CA GLY J 310 -5.37 57.70 -8.59
C GLY J 310 -5.20 56.56 -7.60
N ILE J 311 -6.11 56.36 -6.66
CA ILE J 311 -5.87 55.31 -5.68
C ILE J 311 -5.99 53.93 -6.31
N ALA J 312 -6.96 53.74 -7.20
CA ALA J 312 -7.12 52.42 -7.79
C ALA J 312 -5.93 52.11 -8.68
N ASP J 313 -5.42 53.12 -9.35
CA ASP J 313 -4.32 52.90 -10.26
C ASP J 313 -3.07 52.59 -9.49
N ARG J 314 -2.88 53.28 -8.37
CA ARG J 314 -1.71 52.99 -7.57
C ARG J 314 -1.80 51.59 -7.02
N MET J 315 -2.99 51.18 -6.58
CA MET J 315 -3.12 49.84 -6.03
C MET J 315 -2.79 48.82 -7.09
N GLN J 316 -3.28 48.99 -8.32
CA GLN J 316 -2.94 47.97 -9.30
C GLN J 316 -1.45 47.89 -9.47
N LYS J 317 -0.81 49.05 -9.60
CA LYS J 317 0.63 49.04 -9.81
C LYS J 317 1.37 48.36 -8.67
N GLU J 318 0.93 48.61 -7.45
CA GLU J 318 1.61 48.02 -6.31
C GLU J 318 1.35 46.52 -6.23
N ILE J 319 0.11 46.07 -6.43
CA ILE J 319 -0.14 44.65 -6.25
C ILE J 319 0.60 43.86 -7.29
N THR J 320 0.65 44.36 -8.52
CA THR J 320 1.34 43.67 -9.59
C THR J 320 2.85 43.62 -9.37
N ALA J 321 3.36 44.40 -8.43
CA ALA J 321 4.77 44.33 -8.10
C ALA J 321 5.10 43.34 -7.00
N LEU J 322 4.07 42.81 -6.35
CA LEU J 322 4.24 41.86 -5.26
C LEU J 322 3.87 40.47 -5.71
N ALA J 323 2.78 40.44 -6.47
CA ALA J 323 2.21 39.25 -7.00
C ALA J 323 3.07 38.70 -8.12
N PRO J 324 2.98 37.41 -8.37
CA PRO J 324 3.68 36.81 -9.49
C PRO J 324 3.09 37.32 -10.77
N SER J 325 3.91 37.32 -11.81
CA SER J 325 3.53 37.75 -13.13
C SER J 325 2.63 36.72 -13.76
N THR J 326 2.12 37.04 -14.95
CA THR J 326 1.25 36.11 -15.65
C THR J 326 0.01 35.80 -14.86
N MET J 327 -0.62 36.86 -14.38
CA MET J 327 -1.85 36.74 -13.64
C MET J 327 -2.64 38.03 -13.78
N LYS J 328 -3.94 37.90 -13.86
CA LYS J 328 -4.80 39.06 -13.99
C LYS J 328 -5.10 39.66 -12.64
N ILE J 329 -4.70 40.91 -12.46
CA ILE J 329 -4.93 41.60 -11.21
C ILE J 329 -5.87 42.76 -11.53
N LYS J 330 -7.06 42.70 -10.96
CA LYS J 330 -8.13 43.59 -11.34
C LYS J 330 -8.74 44.31 -10.17
N ILE J 331 -8.87 45.63 -10.32
CA ILE J 331 -9.49 46.44 -9.30
C ILE J 331 -10.80 47.00 -9.75
N ILE J 332 -11.77 46.78 -8.90
CA ILE J 332 -13.14 47.16 -9.08
C ILE J 332 -13.38 48.36 -8.19
N ALA J 333 -13.71 49.49 -8.78
CA ALA J 333 -13.87 50.72 -8.01
C ALA J 333 -14.97 51.58 -8.61
N PRO J 334 -16.23 51.19 -8.41
CA PRO J 334 -17.40 51.91 -8.89
C PRO J 334 -17.42 53.25 -8.21
N PRO J 335 -18.03 54.28 -8.79
CA PRO J 335 -18.07 55.61 -8.17
C PRO J 335 -18.80 55.68 -6.82
N GLU J 336 -19.72 54.77 -6.52
CA GLU J 336 -20.45 54.81 -5.26
C GLU J 336 -19.70 54.15 -4.11
N ARG J 337 -18.39 54.35 -4.06
CA ARG J 337 -17.60 53.73 -3.01
C ARG J 337 -18.01 54.23 -1.65
N LYS J 338 -18.52 55.45 -1.59
CA LYS J 338 -19.01 55.99 -0.33
C LYS J 338 -20.29 55.33 0.11
N TYR J 339 -21.05 54.74 -0.79
CA TYR J 339 -22.36 54.24 -0.45
C TYR J 339 -22.53 52.74 -0.58
N SER J 340 -21.53 52.04 -1.07
CA SER J 340 -21.72 50.61 -1.32
C SER J 340 -22.10 49.86 -0.06
N VAL J 341 -21.64 50.31 1.10
CA VAL J 341 -22.01 49.58 2.31
C VAL J 341 -23.47 49.75 2.60
N TRP J 342 -23.95 50.98 2.51
CA TRP J 342 -25.35 51.21 2.78
C TRP J 342 -26.17 50.41 1.81
N ILE J 343 -25.74 50.40 0.56
CA ILE J 343 -26.44 49.68 -0.48
C ILE J 343 -26.48 48.22 -0.18
N GLY J 344 -25.36 47.64 0.22
CA GLY J 344 -25.39 46.25 0.58
C GLY J 344 -26.41 46.02 1.66
N GLY J 345 -26.49 46.92 2.63
CA GLY J 345 -27.49 46.77 3.67
C GLY J 345 -28.89 46.78 3.08
N SER J 346 -29.10 47.67 2.12
CA SER J 346 -30.39 47.83 1.48
C SER J 346 -30.81 46.55 0.78
N ILE J 347 -29.84 45.85 0.19
CA ILE J 347 -30.07 44.57 -0.50
C ILE J 347 -30.31 43.46 0.48
N LEU J 348 -29.41 43.30 1.43
CA LEU J 348 -29.45 42.16 2.33
C LEU J 348 -30.76 42.12 3.09
N ALA J 349 -31.15 43.27 3.62
CA ALA J 349 -32.35 43.35 4.44
C ALA J 349 -33.60 43.06 3.64
N SER J 350 -33.51 43.12 2.32
CA SER J 350 -34.64 42.88 1.47
C SER J 350 -34.72 41.47 0.93
N LEU J 351 -33.74 40.61 1.20
CA LEU J 351 -33.78 39.27 0.64
C LEU J 351 -34.64 38.39 1.52
N SER J 352 -35.48 37.54 0.91
CA SER J 352 -36.30 36.63 1.70
C SER J 352 -35.45 35.67 2.51
N THR J 353 -34.30 35.32 1.96
CA THR J 353 -33.34 34.41 2.55
C THR J 353 -32.79 34.95 3.85
N PHE J 354 -32.87 36.25 4.04
CA PHE J 354 -32.33 36.91 5.20
C PHE J 354 -33.36 37.11 6.28
N GLN J 355 -34.60 36.74 6.06
CA GLN J 355 -35.56 37.15 7.05
C GLN J 355 -35.57 36.23 8.26
N GLN J 356 -34.78 35.19 8.21
CA GLN J 356 -34.61 34.32 9.36
C GLN J 356 -33.37 34.66 10.13
N MET J 357 -32.64 35.67 9.69
CA MET J 357 -31.38 36.02 10.33
C MET J 357 -31.59 37.05 11.41
N TRP J 358 -32.76 37.67 11.44
CA TRP J 358 -33.04 38.72 12.40
C TRP J 358 -33.12 38.17 13.78
N ILE J 359 -32.57 38.90 14.73
CA ILE J 359 -32.79 38.57 16.13
C ILE J 359 -34.10 39.19 16.47
N THR J 360 -35.06 38.39 16.86
CA THR J 360 -36.33 38.95 17.27
C THR J 360 -36.13 39.41 18.69
N LYS J 361 -36.73 40.54 19.05
CA LYS J 361 -36.57 40.98 20.44
C LYS J 361 -36.90 39.87 21.40
N GLN J 362 -37.96 39.12 21.10
CA GLN J 362 -38.32 37.99 21.94
C GLN J 362 -37.17 37.03 22.15
N GLU J 363 -36.35 36.79 21.12
CA GLU J 363 -35.25 35.85 21.27
C GLU J 363 -34.19 36.46 22.15
N TYR J 364 -33.88 37.74 21.91
CA TYR J 364 -32.87 38.42 22.68
C TYR J 364 -33.19 38.35 24.15
N ASP J 365 -34.46 38.61 24.47
CA ASP J 365 -34.91 38.66 25.84
C ASP J 365 -34.82 37.30 26.55
N GLU J 366 -34.66 36.19 25.81
CA GLU J 366 -34.52 34.88 26.45
C GLU J 366 -33.08 34.37 26.39
N ALA J 367 -32.41 34.66 25.28
CA ALA J 367 -31.05 34.17 25.02
C ALA J 367 -29.99 35.04 25.68
N GLY J 368 -30.25 36.34 25.79
CA GLY J 368 -29.26 37.25 26.26
C GLY J 368 -28.33 37.58 25.12
N PRO J 369 -27.31 38.38 25.42
CA PRO J 369 -26.36 38.92 24.43
C PRO J 369 -25.63 37.89 23.60
N SER J 370 -25.47 36.65 24.04
CA SER J 370 -24.71 35.72 23.20
C SER J 370 -25.31 35.55 21.81
N ILE J 371 -26.60 35.86 21.67
CA ILE J 371 -27.28 35.70 20.41
C ILE J 371 -26.76 36.65 19.34
N VAL J 372 -26.11 37.76 19.75
CA VAL J 372 -25.71 38.75 18.78
C VAL J 372 -24.50 38.27 18.02
N HIS J 373 -23.88 37.21 18.51
CA HIS J 373 -22.68 36.71 17.89
C HIS J 373 -22.96 35.57 16.94
N ARG J 374 -24.24 35.35 16.61
CA ARG J 374 -24.48 34.35 15.59
C ARG J 374 -23.85 34.95 14.36
N LYS J 375 -22.97 34.20 13.70
CA LYS J 375 -22.22 34.73 12.57
C LYS J 375 -21.34 35.90 13.02
N CYS J 376 -20.82 35.84 14.25
CA CYS J 376 -19.94 36.90 14.76
C CYS J 376 -18.88 37.28 13.77
N PHE J 377 -18.17 36.26 13.30
CA PHE J 377 -17.11 36.46 12.36
C PHE J 377 -16.09 37.38 12.99
N ALA K 2 -4.36 -50.60 -10.15
CA ALA K 2 -5.21 -50.54 -11.35
C ALA K 2 -5.76 -51.92 -11.55
N TRP K 3 -5.10 -52.94 -10.92
CA TRP K 3 -5.53 -54.32 -11.02
C TRP K 3 -6.76 -54.46 -10.21
N ALA K 5 -6.40 -56.29 -6.70
CA ALA K 5 -5.95 -56.74 -5.41
C ALA K 5 -4.51 -57.06 -5.61
N CYS K 7 -2.28 -54.37 -7.93
CA CYS K 7 -1.70 -53.18 -8.51
C CYS K 7 -2.62 -52.05 -8.16
N ALA L 2 12.23 -22.81 -4.14
CA ALA L 2 13.33 -23.12 -3.22
C ALA L 2 14.00 -24.33 -3.77
N TRP L 3 13.30 -25.10 -4.67
CA TRP L 3 13.84 -26.29 -5.27
C TRP L 3 14.85 -25.85 -6.28
N ALA L 5 13.78 -26.06 -10.09
CA ALA L 5 13.06 -26.00 -11.35
C ALA L 5 11.74 -26.62 -11.05
N CYS L 7 9.94 -25.60 -7.40
CA CYS L 7 9.45 -24.89 -6.25
C CYS L 7 10.16 -23.57 -6.21
N ALA M 2 -7.33 1.70 6.16
CA ALA M 2 -8.59 1.62 5.42
C ALA M 2 -9.02 0.18 5.48
N TRP M 3 -8.06 -0.75 5.79
CA TRP M 3 -8.34 -2.15 5.87
C TRP M 3 -9.10 -2.37 7.13
N ALA M 5 -7.11 -3.99 10.17
CA ALA M 5 -6.11 -4.33 11.14
C ALA M 5 -4.87 -4.53 10.36
N CYS M 7 -4.10 -1.74 7.31
CA CYS M 7 -3.96 -0.55 6.53
C CYS M 7 -4.76 0.51 7.23
N ALA N 2 7.44 31.32 4.34
CA ALA N 2 8.84 31.18 4.71
C ALA N 2 9.36 30.00 3.93
N TRP N 3 8.42 29.12 3.43
CA TRP N 3 8.79 27.96 2.67
C TRP N 3 9.23 28.43 1.33
N ALA N 5 6.69 27.91 -1.69
CA ALA N 5 5.51 27.84 -2.51
C ALA N 5 4.52 27.11 -1.68
N CYS N 7 4.31 28.16 2.38
CA CYS N 7 4.27 28.87 3.62
C CYS N 7 4.78 30.26 3.34
N ALA O 2 -8.44 54.39 21.65
CA ALA O 2 -9.88 54.16 21.54
C ALA O 2 -10.08 52.69 21.79
N TRP O 3 -8.99 51.87 21.65
CA TRP O 3 -9.07 50.45 21.86
C TRP O 3 -9.18 50.24 23.33
N ALA O 5 -5.94 48.97 25.24
CA ALA O 5 -4.59 48.76 25.70
C ALA O 5 -3.79 48.64 24.46
N CYS O 7 -4.69 51.32 21.34
CA CYS O 7 -5.01 52.48 20.58
C CYS O 7 -5.54 53.50 21.54
#